data_1WCN
#
_entry.id   1WCN
#
_cell.length_a   1.000
_cell.length_b   1.000
_cell.length_c   1.000
_cell.angle_alpha   90.00
_cell.angle_beta   90.00
_cell.angle_gamma   90.00
#
_symmetry.space_group_name_H-M   'P 1'
#
_entity_poly.entity_id   1
_entity_poly.type   'polypeptide(L)'
_entity_poly.pdbx_seq_one_letter_code
;GDNKPADDLLNLEGVDRDLAFKLAARGVCTLEDLAEQGIDDLADIEGLTDEKAGALIMAARNICWFGDEA
;
_entity_poly.pdbx_strand_id   A
#
# COMPACT_ATOMS: atom_id res chain seq x y z
N GLY A 1 8.54 -2.51 11.24
CA GLY A 1 7.64 -1.40 10.82
C GLY A 1 7.05 -0.72 12.07
N ASP A 2 7.83 0.06 12.75
CA ASP A 2 7.31 0.74 13.97
C ASP A 2 6.09 1.59 13.60
N ASN A 3 6.13 2.24 12.47
CA ASN A 3 4.99 3.10 12.05
C ASN A 3 3.70 2.25 12.07
N LYS A 4 3.80 1.00 11.73
CA LYS A 4 2.59 0.12 11.73
C LYS A 4 1.62 0.59 10.65
N PRO A 5 1.22 -0.34 9.77
CA PRO A 5 0.29 -0.04 8.67
C PRO A 5 -1.16 0.06 9.16
N ALA A 6 -1.97 0.84 8.48
CA ALA A 6 -3.38 0.98 8.91
C ALA A 6 -4.15 -0.27 8.50
N ASP A 7 -5.23 -0.57 9.18
CA ASP A 7 -6.03 -1.78 8.85
C ASP A 7 -6.36 -1.77 7.35
N ASP A 8 -6.59 -0.62 6.78
CA ASP A 8 -6.91 -0.57 5.32
C ASP A 8 -5.77 -1.20 4.53
N LEU A 9 -4.56 -0.94 4.93
CA LEU A 9 -3.39 -1.51 4.21
C LEU A 9 -3.30 -3.01 4.52
N LEU A 10 -3.48 -3.36 5.75
CA LEU A 10 -3.40 -4.81 6.13
C LEU A 10 -4.57 -5.58 5.55
N ASN A 11 -5.74 -5.00 5.53
CA ASN A 11 -6.92 -5.71 4.98
C ASN A 11 -7.03 -5.48 3.48
N LEU A 12 -6.15 -4.70 2.91
CA LEU A 12 -6.22 -4.46 1.44
C LEU A 12 -5.75 -5.71 0.68
N GLU A 13 -6.55 -6.21 -0.22
CA GLU A 13 -6.14 -7.42 -0.98
C GLU A 13 -4.86 -7.11 -1.76
N GLY A 14 -3.91 -8.02 -1.74
CA GLY A 14 -2.64 -7.77 -2.48
C GLY A 14 -1.52 -7.46 -1.50
N VAL A 15 -1.87 -6.99 -0.32
CA VAL A 15 -0.81 -6.66 0.69
C VAL A 15 -0.89 -7.65 1.85
N ASP A 16 0.12 -8.47 2.01
CA ASP A 16 0.11 -9.45 3.12
C ASP A 16 0.46 -8.74 4.42
N ARG A 17 0.29 -9.39 5.54
CA ARG A 17 0.63 -8.74 6.83
C ARG A 17 2.07 -8.25 6.78
N ASP A 18 2.93 -9.01 6.16
CA ASP A 18 4.37 -8.60 6.07
C ASP A 18 4.49 -7.32 5.23
N LEU A 19 4.00 -7.33 4.02
CA LEU A 19 4.10 -6.10 3.18
C LEU A 19 3.54 -4.92 3.97
N ALA A 20 2.58 -5.19 4.82
CA ALA A 20 1.99 -4.10 5.64
C ALA A 20 3.11 -3.45 6.46
N PHE A 21 3.97 -4.25 7.02
CA PHE A 21 5.09 -3.71 7.81
C PHE A 21 6.13 -3.13 6.85
N LYS A 22 6.32 -3.77 5.73
CA LYS A 22 7.29 -3.27 4.73
C LYS A 22 6.81 -1.92 4.19
N LEU A 23 5.51 -1.72 4.18
CA LEU A 23 4.96 -0.43 3.68
C LEU A 23 4.89 0.57 4.84
N ALA A 24 4.43 0.14 5.98
CA ALA A 24 4.34 1.07 7.14
C ALA A 24 5.75 1.51 7.54
N ALA A 25 6.71 0.64 7.41
CA ALA A 25 8.11 1.02 7.77
C ALA A 25 8.67 1.98 6.73
N ARG A 26 7.90 2.25 5.70
CA ARG A 26 8.39 3.17 4.63
C ARG A 26 7.64 4.50 4.71
N GLY A 27 6.93 4.73 5.77
CA GLY A 27 6.18 6.02 5.91
C GLY A 27 4.71 5.82 5.57
N VAL A 28 4.39 4.80 4.81
CA VAL A 28 2.97 4.57 4.45
C VAL A 28 2.28 3.83 5.60
N CYS A 29 1.75 4.56 6.55
CA CYS A 29 1.07 3.91 7.70
C CYS A 29 -0.42 3.78 7.42
N THR A 30 -0.88 4.28 6.31
CA THR A 30 -2.33 4.17 5.99
C THR A 30 -2.51 3.81 4.51
N LEU A 31 -3.64 3.26 4.17
CA LEU A 31 -3.88 2.89 2.75
C LEU A 31 -3.79 4.13 1.88
N GLU A 32 -4.26 5.25 2.37
CA GLU A 32 -4.19 6.50 1.57
C GLU A 32 -2.72 6.83 1.30
N ASP A 33 -1.87 6.63 2.27
CA ASP A 33 -0.43 6.92 2.09
C ASP A 33 0.10 6.07 0.94
N LEU A 34 -0.43 4.89 0.76
CA LEU A 34 0.04 4.02 -0.35
C LEU A 34 -0.45 4.57 -1.68
N ALA A 35 -1.63 5.13 -1.69
CA ALA A 35 -2.16 5.70 -2.97
C ALA A 35 -1.23 6.81 -3.44
N GLU A 36 -0.41 7.32 -2.57
CA GLU A 36 0.52 8.41 -2.98
C GLU A 36 1.85 7.80 -3.47
N GLN A 37 2.06 6.53 -3.21
CA GLN A 37 3.33 5.90 -3.66
C GLN A 37 3.24 5.57 -5.15
N GLY A 38 4.36 5.38 -5.78
CA GLY A 38 4.34 5.06 -7.24
C GLY A 38 4.97 3.69 -7.48
N ILE A 39 4.61 3.03 -8.54
CA ILE A 39 5.19 1.69 -8.83
C ILE A 39 6.71 1.75 -8.72
N ASP A 40 7.30 2.80 -9.20
CA ASP A 40 8.79 2.92 -9.13
C ASP A 40 9.22 3.10 -7.67
N ASP A 41 8.44 3.79 -6.90
CA ASP A 41 8.81 3.99 -5.47
C ASP A 41 8.67 2.66 -4.72
N LEU A 42 7.65 1.91 -5.01
CA LEU A 42 7.47 0.61 -4.31
C LEU A 42 8.30 -0.47 -5.02
N ALA A 43 8.79 -0.17 -6.18
CA ALA A 43 9.61 -1.17 -6.92
C ALA A 43 10.78 -1.62 -6.04
N ASP A 44 11.28 -0.74 -5.22
CA ASP A 44 12.41 -1.11 -4.33
C ASP A 44 11.95 -2.14 -3.30
N ILE A 45 10.67 -2.18 -3.03
CA ILE A 45 10.15 -3.16 -2.04
C ILE A 45 10.51 -4.58 -2.49
N GLU A 46 10.49 -5.52 -1.59
CA GLU A 46 10.83 -6.92 -1.97
C GLU A 46 9.54 -7.74 -2.07
N GLY A 47 9.40 -8.52 -3.11
CA GLY A 47 8.17 -9.34 -3.27
C GLY A 47 7.12 -8.55 -4.05
N LEU A 48 7.43 -7.34 -4.41
CA LEU A 48 6.45 -6.52 -5.18
C LEU A 48 6.89 -6.44 -6.64
N THR A 49 5.97 -6.64 -7.56
CA THR A 49 6.35 -6.58 -8.99
C THR A 49 5.90 -5.25 -9.58
N ASP A 50 6.36 -4.92 -10.76
CA ASP A 50 5.96 -3.63 -11.39
C ASP A 50 4.45 -3.64 -11.64
N GLU A 51 3.93 -4.72 -12.13
CA GLU A 51 2.47 -4.81 -12.40
C GLU A 51 1.72 -4.91 -11.07
N LYS A 52 2.22 -5.70 -10.16
CA LYS A 52 1.54 -5.84 -8.84
C LYS A 52 1.53 -4.47 -8.14
N ALA A 53 2.62 -3.77 -8.20
CA ALA A 53 2.67 -2.43 -7.54
C ALA A 53 1.62 -1.51 -8.17
N GLY A 54 1.43 -1.62 -9.45
CA GLY A 54 0.40 -0.77 -10.13
C GLY A 54 -0.98 -1.12 -9.60
N ALA A 55 -1.21 -2.37 -9.31
CA ALA A 55 -2.54 -2.78 -8.78
C ALA A 55 -2.59 -2.48 -7.28
N LEU A 56 -1.61 -2.92 -6.55
CA LEU A 56 -1.60 -2.67 -5.09
C LEU A 56 -1.82 -1.18 -4.83
N ILE A 57 -1.00 -0.34 -5.43
CA ILE A 57 -1.17 1.13 -5.22
C ILE A 57 -2.53 1.57 -5.77
N MET A 58 -2.95 0.98 -6.85
CA MET A 58 -4.27 1.36 -7.43
C MET A 58 -5.38 0.82 -6.53
N ALA A 59 -5.13 -0.27 -5.86
CA ALA A 59 -6.17 -0.85 -4.96
C ALA A 59 -6.40 0.13 -3.81
N ALA A 60 -5.35 0.71 -3.30
CA ALA A 60 -5.50 1.69 -2.20
C ALA A 60 -6.04 2.99 -2.76
N ARG A 61 -5.61 3.37 -3.93
CA ARG A 61 -6.12 4.62 -4.54
C ARG A 61 -7.61 4.46 -4.85
N ASN A 62 -7.98 3.34 -5.39
CA ASN A 62 -9.42 3.11 -5.73
C ASN A 62 -10.26 3.21 -4.44
N ILE A 63 -9.79 2.65 -3.37
CA ILE A 63 -10.56 2.72 -2.10
C ILE A 63 -10.34 4.06 -1.41
N CYS A 64 -9.16 4.60 -1.52
CA CYS A 64 -8.88 5.90 -0.87
C CYS A 64 -9.40 7.05 -1.74
N TRP A 65 -9.31 6.91 -3.02
CA TRP A 65 -9.79 7.98 -3.94
C TRP A 65 -11.23 7.68 -4.37
N PHE A 66 -11.40 6.90 -5.39
CA PHE A 66 -12.78 6.56 -5.85
C PHE A 66 -13.63 6.15 -4.65
N GLY A 67 -13.07 5.39 -3.75
CA GLY A 67 -13.83 4.95 -2.56
C GLY A 67 -14.74 3.78 -2.94
N ASP A 68 -15.68 3.46 -2.10
CA ASP A 68 -16.60 2.32 -2.41
C ASP A 68 -17.45 2.69 -3.63
N GLU A 69 -17.71 3.95 -3.84
CA GLU A 69 -18.53 4.36 -5.01
C GLU A 69 -18.01 3.66 -6.27
N ALA A 70 -16.72 3.45 -6.35
CA ALA A 70 -16.15 2.78 -7.55
C ALA A 70 -15.16 1.70 -7.10
N GLY A 1 9.91 6.09 14.66
CA GLY A 1 8.42 6.05 14.52
C GLY A 1 7.94 4.60 14.47
N ASP A 2 6.80 4.31 15.04
CA ASP A 2 6.29 2.91 15.01
C ASP A 2 6.19 2.43 13.56
N ASN A 3 5.78 3.28 12.67
CA ASN A 3 5.66 2.87 11.24
C ASN A 3 4.72 1.66 11.13
N LYS A 4 3.62 1.69 11.83
CA LYS A 4 2.66 0.55 11.77
C LYS A 4 1.65 0.80 10.65
N PRO A 5 1.29 -0.26 9.90
CA PRO A 5 0.33 -0.16 8.80
C PRO A 5 -1.10 0.04 9.32
N ALA A 6 -1.86 0.87 8.66
CA ALA A 6 -3.26 1.12 9.11
C ALA A 6 -4.15 -0.06 8.68
N ASP A 7 -5.26 -0.23 9.32
CA ASP A 7 -6.17 -1.36 8.97
C ASP A 7 -6.45 -1.36 7.46
N ASP A 8 -6.56 -0.20 6.86
CA ASP A 8 -6.84 -0.15 5.39
C ASP A 8 -5.70 -0.85 4.66
N LEU A 9 -4.48 -0.64 5.09
CA LEU A 9 -3.33 -1.29 4.42
C LEU A 9 -3.26 -2.75 4.84
N LEU A 10 -3.48 -3.01 6.10
CA LEU A 10 -3.42 -4.41 6.61
C LEU A 10 -4.57 -5.22 6.05
N ASN A 11 -5.72 -4.62 5.88
CA ASN A 11 -6.89 -5.36 5.35
C ASN A 11 -6.87 -5.34 3.82
N LEU A 12 -5.92 -4.68 3.22
CA LEU A 12 -5.89 -4.63 1.73
C LEU A 12 -5.60 -6.03 1.18
N GLU A 13 -6.43 -6.48 0.27
CA GLU A 13 -6.24 -7.85 -0.31
C GLU A 13 -4.88 -7.94 -1.01
N GLY A 14 -4.39 -6.86 -1.54
CA GLY A 14 -3.08 -6.89 -2.23
C GLY A 14 -1.97 -6.75 -1.20
N VAL A 15 -2.31 -6.61 0.05
CA VAL A 15 -1.28 -6.45 1.11
C VAL A 15 -1.47 -7.51 2.19
N ASP A 16 -0.47 -8.32 2.43
CA ASP A 16 -0.59 -9.35 3.49
C ASP A 16 -0.26 -8.70 4.83
N ARG A 17 -0.45 -9.41 5.91
CA ARG A 17 -0.13 -8.83 7.24
C ARG A 17 1.33 -8.37 7.24
N ASP A 18 2.20 -9.18 6.71
CA ASP A 18 3.65 -8.82 6.68
C ASP A 18 3.89 -7.67 5.71
N LEU A 19 3.27 -7.70 4.55
CA LEU A 19 3.48 -6.60 3.57
C LEU A 19 3.07 -5.27 4.20
N ALA A 20 2.12 -5.29 5.10
CA ALA A 20 1.69 -4.03 5.75
C ALA A 20 2.86 -3.45 6.56
N PHE A 21 3.73 -4.30 7.04
CA PHE A 21 4.89 -3.80 7.83
C PHE A 21 5.95 -3.25 6.87
N LYS A 22 6.30 -4.01 5.86
CA LYS A 22 7.32 -3.54 4.89
C LYS A 22 6.83 -2.23 4.27
N LEU A 23 5.54 -2.08 4.10
CA LEU A 23 5.00 -0.83 3.52
C LEU A 23 4.90 0.22 4.62
N ALA A 24 4.44 -0.17 5.78
CA ALA A 24 4.32 0.81 6.90
C ALA A 24 5.73 1.27 7.31
N ALA A 25 6.70 0.40 7.22
CA ALA A 25 8.08 0.78 7.58
C ALA A 25 8.62 1.76 6.54
N ARG A 26 7.94 1.88 5.43
CA ARG A 26 8.41 2.81 4.36
C ARG A 26 7.70 4.16 4.51
N GLY A 27 7.11 4.42 5.64
CA GLY A 27 6.40 5.71 5.83
C GLY A 27 4.91 5.55 5.48
N VAL A 28 4.59 4.52 4.75
CA VAL A 28 3.16 4.30 4.37
C VAL A 28 2.44 3.58 5.52
N CYS A 29 2.09 4.29 6.55
CA CYS A 29 1.38 3.64 7.69
C CYS A 29 -0.12 3.61 7.42
N THR A 30 -0.55 4.17 6.32
CA THR A 30 -2.00 4.16 6.02
C THR A 30 -2.23 3.87 4.53
N LEU A 31 -3.34 3.30 4.19
CA LEU A 31 -3.62 2.99 2.77
C LEU A 31 -3.51 4.29 1.95
N GLU A 32 -4.00 5.37 2.49
CA GLU A 32 -3.92 6.66 1.75
C GLU A 32 -2.46 6.96 1.44
N ASP A 33 -1.58 6.64 2.35
CA ASP A 33 -0.12 6.89 2.12
C ASP A 33 0.33 6.06 0.91
N LEU A 34 -0.23 4.89 0.75
CA LEU A 34 0.16 4.03 -0.41
C LEU A 34 -0.40 4.64 -1.70
N ALA A 35 -1.58 5.19 -1.64
CA ALA A 35 -2.18 5.81 -2.86
C ALA A 35 -1.27 6.94 -3.34
N GLU A 36 -0.47 7.49 -2.47
CA GLU A 36 0.43 8.61 -2.87
C GLU A 36 1.77 8.06 -3.33
N GLN A 37 2.02 6.80 -3.11
CA GLN A 37 3.33 6.22 -3.53
C GLN A 37 3.37 6.11 -5.06
N GLY A 38 4.19 5.24 -5.58
CA GLY A 38 4.28 5.08 -7.06
C GLY A 38 5.02 3.78 -7.39
N ILE A 39 4.68 3.16 -8.48
CA ILE A 39 5.36 1.89 -8.86
C ILE A 39 6.87 2.06 -8.68
N ASP A 40 7.39 3.19 -9.06
CA ASP A 40 8.86 3.42 -8.91
C ASP A 40 9.22 3.54 -7.44
N ASP A 41 8.35 4.12 -6.65
CA ASP A 41 8.64 4.27 -5.21
C ASP A 41 8.53 2.91 -4.52
N LEU A 42 7.53 2.14 -4.85
CA LEU A 42 7.37 0.80 -4.22
C LEU A 42 8.36 -0.17 -4.86
N ALA A 43 8.82 0.12 -6.05
CA ALA A 43 9.79 -0.79 -6.72
C ALA A 43 10.90 -1.15 -5.74
N ASP A 44 11.25 -0.25 -4.86
CA ASP A 44 12.33 -0.54 -3.87
C ASP A 44 11.92 -1.74 -3.02
N ILE A 45 10.65 -1.92 -2.81
CA ILE A 45 10.18 -3.07 -1.98
C ILE A 45 10.59 -4.38 -2.65
N GLU A 46 10.67 -5.44 -1.89
CA GLU A 46 11.06 -6.75 -2.47
C GLU A 46 9.81 -7.59 -2.75
N GLY A 47 9.75 -8.26 -3.86
CA GLY A 47 8.56 -9.08 -4.18
C GLY A 47 7.51 -8.23 -4.88
N LEU A 48 7.88 -7.03 -5.27
CA LEU A 48 6.89 -6.14 -5.96
C LEU A 48 7.33 -5.94 -7.41
N THR A 49 6.48 -6.25 -8.35
CA THR A 49 6.85 -6.07 -9.78
C THR A 49 6.11 -4.86 -10.36
N ASP A 50 6.33 -4.57 -11.61
CA ASP A 50 5.65 -3.40 -12.24
C ASP A 50 4.14 -3.65 -12.25
N GLU A 51 3.72 -4.85 -12.55
CA GLU A 51 2.26 -5.15 -12.57
C GLU A 51 1.71 -5.10 -11.14
N LYS A 52 2.31 -5.83 -10.25
CA LYS A 52 1.84 -5.83 -8.83
C LYS A 52 1.94 -4.40 -8.27
N ALA A 53 2.97 -3.70 -8.61
CA ALA A 53 3.13 -2.31 -8.09
C ALA A 53 1.87 -1.52 -8.42
N GLY A 54 1.28 -1.77 -9.56
CA GLY A 54 0.04 -1.04 -9.94
C GLY A 54 -1.13 -1.60 -9.13
N ALA A 55 -1.59 -2.77 -9.47
CA ALA A 55 -2.73 -3.38 -8.73
C ALA A 55 -2.59 -3.09 -7.22
N LEU A 56 -1.39 -3.18 -6.70
CA LEU A 56 -1.19 -2.90 -5.25
C LEU A 56 -1.60 -1.46 -4.94
N ILE A 57 -0.86 -0.51 -5.47
CA ILE A 57 -1.19 0.92 -5.21
C ILE A 57 -2.56 1.24 -5.81
N MET A 58 -2.89 0.59 -6.89
CA MET A 58 -4.21 0.85 -7.54
C MET A 58 -5.33 0.40 -6.61
N ALA A 59 -5.12 -0.65 -5.87
CA ALA A 59 -6.17 -1.15 -4.94
C ALA A 59 -6.36 -0.12 -3.81
N ALA A 60 -5.30 0.49 -3.38
CA ALA A 60 -5.41 1.51 -2.30
C ALA A 60 -5.99 2.79 -2.88
N ARG A 61 -5.49 3.21 -4.01
CA ARG A 61 -6.01 4.45 -4.64
C ARG A 61 -7.48 4.24 -5.03
N ASN A 62 -7.78 3.11 -5.61
CA ASN A 62 -9.19 2.83 -6.01
C ASN A 62 -10.09 2.88 -4.78
N ILE A 63 -9.62 2.38 -3.67
CA ILE A 63 -10.46 2.37 -2.43
C ILE A 63 -10.41 3.74 -1.76
N CYS A 64 -9.27 4.38 -1.77
CA CYS A 64 -9.18 5.72 -1.11
C CYS A 64 -9.65 6.81 -2.08
N TRP A 65 -9.51 6.59 -3.36
CA TRP A 65 -9.95 7.62 -4.34
C TRP A 65 -11.28 7.20 -4.97
N PHE A 66 -11.24 6.41 -5.99
CA PHE A 66 -12.50 5.97 -6.66
C PHE A 66 -13.51 5.53 -5.58
N GLY A 67 -13.03 4.85 -4.58
CA GLY A 67 -13.95 4.39 -3.51
C GLY A 67 -14.67 5.58 -2.89
N ASP A 68 -15.90 5.81 -3.29
CA ASP A 68 -16.65 6.96 -2.74
C ASP A 68 -16.86 6.77 -1.24
N GLU A 69 -16.98 5.54 -0.80
CA GLU A 69 -17.17 5.28 0.65
C GLU A 69 -15.96 5.78 1.42
N ALA A 70 -14.80 5.73 0.81
CA ALA A 70 -13.57 6.20 1.52
C ALA A 70 -13.86 7.52 2.23
N GLY A 1 8.43 -0.92 16.61
CA GLY A 1 8.63 0.52 16.34
C GLY A 1 7.30 1.26 16.50
N ASP A 2 7.31 2.56 16.40
CA ASP A 2 6.04 3.33 16.55
C ASP A 2 5.35 3.46 15.20
N ASN A 3 5.87 2.82 14.18
CA ASN A 3 5.24 2.90 12.83
C ASN A 3 4.52 1.57 12.53
N LYS A 4 3.23 1.61 12.32
CA LYS A 4 2.50 0.36 12.02
C LYS A 4 1.53 0.61 10.86
N PRO A 5 1.14 -0.47 10.15
CA PRO A 5 0.22 -0.39 9.02
C PRO A 5 -1.21 -0.10 9.46
N ALA A 6 -1.93 0.70 8.71
CA ALA A 6 -3.33 1.02 9.09
C ALA A 6 -4.22 -0.19 8.79
N ASP A 7 -5.28 -0.35 9.53
CA ASP A 7 -6.19 -1.51 9.29
C ASP A 7 -6.56 -1.55 7.80
N ASP A 8 -6.68 -0.42 7.18
CA ASP A 8 -7.05 -0.41 5.74
C ASP A 8 -5.97 -1.15 4.94
N LEU A 9 -4.73 -0.91 5.24
CA LEU A 9 -3.63 -1.59 4.52
C LEU A 9 -3.51 -3.03 5.04
N LEU A 10 -3.46 -3.18 6.34
CA LEU A 10 -3.36 -4.54 6.92
C LEU A 10 -4.46 -5.43 6.36
N ASN A 11 -5.67 -4.95 6.39
CA ASN A 11 -6.81 -5.75 5.85
C ASN A 11 -6.84 -5.66 4.34
N LEU A 12 -5.91 -4.96 3.75
CA LEU A 12 -5.90 -4.84 2.26
C LEU A 12 -5.53 -6.20 1.64
N GLU A 13 -6.40 -6.72 0.82
CA GLU A 13 -6.12 -8.04 0.18
C GLU A 13 -4.82 -7.98 -0.62
N GLY A 14 -4.41 -6.80 -1.03
CA GLY A 14 -3.14 -6.70 -1.81
C GLY A 14 -1.94 -6.67 -0.86
N VAL A 15 -2.15 -6.32 0.38
CA VAL A 15 -1.02 -6.28 1.34
C VAL A 15 -1.29 -7.24 2.49
N ASP A 16 -0.45 -8.23 2.65
CA ASP A 16 -0.66 -9.22 3.76
C ASP A 16 -0.20 -8.56 5.07
N ARG A 17 -0.41 -9.22 6.17
CA ARG A 17 0.01 -8.64 7.47
C ARG A 17 1.51 -8.34 7.39
N ASP A 18 2.27 -9.25 6.87
CA ASP A 18 3.73 -9.05 6.75
C ASP A 18 4.02 -7.87 5.81
N LEU A 19 3.46 -7.88 4.64
CA LEU A 19 3.71 -6.75 3.69
C LEU A 19 3.35 -5.44 4.39
N ALA A 20 2.33 -5.45 5.19
CA ALA A 20 1.93 -4.20 5.91
C ALA A 20 3.14 -3.66 6.68
N PHE A 21 4.00 -4.53 7.14
CA PHE A 21 5.19 -4.07 7.89
C PHE A 21 6.21 -3.50 6.91
N LYS A 22 6.52 -4.22 5.86
CA LYS A 22 7.50 -3.72 4.86
C LYS A 22 6.94 -2.44 4.24
N LEU A 23 5.64 -2.33 4.16
CA LEU A 23 5.03 -1.10 3.57
C LEU A 23 4.86 -0.05 4.66
N ALA A 24 4.45 -0.46 5.83
CA ALA A 24 4.28 0.53 6.94
C ALA A 24 5.64 1.05 7.37
N ALA A 25 6.66 0.25 7.28
CA ALA A 25 8.02 0.71 7.67
C ALA A 25 8.54 1.69 6.61
N ARG A 26 7.78 1.94 5.58
CA ARG A 26 8.23 2.87 4.52
C ARG A 26 7.51 4.21 4.67
N GLY A 27 6.87 4.44 5.78
CA GLY A 27 6.16 5.74 5.98
C GLY A 27 4.71 5.62 5.50
N VAL A 28 4.40 4.59 4.76
CA VAL A 28 3.01 4.43 4.26
C VAL A 28 2.20 3.62 5.28
N CYS A 29 2.11 4.11 6.49
CA CYS A 29 1.36 3.38 7.54
C CYS A 29 -0.14 3.38 7.25
N THR A 30 -0.58 4.20 6.33
CA THR A 30 -2.05 4.22 6.03
C THR A 30 -2.29 3.91 4.56
N LEU A 31 -3.41 3.31 4.25
CA LEU A 31 -3.73 2.98 2.83
C LEU A 31 -3.64 4.26 2.00
N GLU A 32 -4.12 5.36 2.52
CA GLU A 32 -4.05 6.63 1.77
C GLU A 32 -2.60 6.94 1.44
N ASP A 33 -1.73 6.69 2.38
CA ASP A 33 -0.28 6.95 2.14
C ASP A 33 0.17 6.14 0.92
N LEU A 34 -0.34 4.96 0.76
CA LEU A 34 0.04 4.12 -0.40
C LEU A 34 -0.56 4.71 -1.68
N ALA A 35 -1.77 5.19 -1.61
CA ALA A 35 -2.42 5.79 -2.81
C ALA A 35 -1.56 6.93 -3.33
N GLU A 36 -0.80 7.55 -2.46
CA GLU A 36 0.06 8.69 -2.90
C GLU A 36 1.38 8.16 -3.46
N GLN A 37 1.67 6.91 -3.23
CA GLN A 37 2.95 6.34 -3.74
C GLN A 37 2.82 6.07 -5.23
N GLY A 38 3.92 5.93 -5.92
CA GLY A 38 3.86 5.67 -7.39
C GLY A 38 4.66 4.41 -7.71
N ILE A 39 4.35 3.75 -8.80
CA ILE A 39 5.09 2.52 -9.17
C ILE A 39 6.59 2.82 -9.20
N ASP A 40 6.97 3.96 -9.69
CA ASP A 40 8.41 4.32 -9.76
C ASP A 40 8.95 4.49 -8.34
N ASP A 41 8.16 5.02 -7.45
CA ASP A 41 8.62 5.21 -6.05
C ASP A 41 8.84 3.85 -5.40
N LEU A 42 7.93 2.94 -5.61
CA LEU A 42 8.07 1.59 -5.01
C LEU A 42 8.42 0.58 -6.11
N ALA A 43 9.50 -0.12 -5.94
CA ALA A 43 9.90 -1.11 -6.99
C ALA A 43 10.94 -2.08 -6.41
N ASP A 44 11.79 -1.61 -5.55
CA ASP A 44 12.83 -2.50 -4.96
C ASP A 44 12.25 -3.23 -3.76
N ILE A 45 10.97 -3.13 -3.54
CA ILE A 45 10.35 -3.83 -2.38
C ILE A 45 10.50 -5.34 -2.57
N GLU A 46 10.33 -6.10 -1.52
CA GLU A 46 10.46 -7.58 -1.63
C GLU A 46 9.11 -8.18 -2.03
N GLY A 47 9.10 -8.97 -3.08
CA GLY A 47 7.80 -9.60 -3.52
C GLY A 47 6.95 -8.56 -4.24
N LEU A 48 7.55 -7.46 -4.64
CA LEU A 48 6.77 -6.41 -5.35
C LEU A 48 7.28 -6.29 -6.79
N THR A 49 6.39 -6.37 -7.75
CA THR A 49 6.83 -6.25 -9.17
C THR A 49 6.32 -4.92 -9.76
N ASP A 50 6.73 -4.60 -10.95
CA ASP A 50 6.27 -3.34 -11.58
C ASP A 50 4.76 -3.40 -11.82
N GLU A 51 4.28 -4.51 -12.31
CA GLU A 51 2.82 -4.65 -12.56
C GLU A 51 2.08 -4.73 -11.23
N LYS A 52 2.65 -5.42 -10.28
CA LYS A 52 1.99 -5.54 -8.95
C LYS A 52 1.94 -4.17 -8.28
N ALA A 53 2.99 -3.41 -8.42
CA ALA A 53 3.01 -2.05 -7.79
C ALA A 53 1.93 -1.19 -8.44
N GLY A 54 1.76 -1.30 -9.72
CA GLY A 54 0.72 -0.47 -10.42
C GLY A 54 -0.65 -0.90 -9.92
N ALA A 55 -0.86 -2.17 -9.72
CA ALA A 55 -2.17 -2.65 -9.23
C ALA A 55 -2.27 -2.46 -7.71
N LEU A 56 -1.34 -3.01 -6.99
CA LEU A 56 -1.37 -2.86 -5.50
C LEU A 56 -1.57 -1.38 -5.16
N ILE A 57 -0.75 -0.51 -5.68
CA ILE A 57 -0.88 0.93 -5.38
C ILE A 57 -2.23 1.43 -5.92
N MET A 58 -2.66 0.90 -7.04
CA MET A 58 -3.96 1.33 -7.61
C MET A 58 -5.10 0.74 -6.77
N ALA A 59 -4.88 -0.38 -6.16
CA ALA A 59 -5.95 -1.00 -5.33
C ALA A 59 -6.27 -0.07 -4.17
N ALA A 60 -5.27 0.50 -3.56
CA ALA A 60 -5.51 1.44 -2.44
C ALA A 60 -6.01 2.77 -2.99
N ARG A 61 -5.52 3.16 -4.13
CA ARG A 61 -5.97 4.45 -4.74
C ARG A 61 -7.44 4.33 -5.11
N ASN A 62 -7.80 3.23 -5.73
CA ASN A 62 -9.22 3.03 -6.12
C ASN A 62 -10.11 3.02 -4.88
N ILE A 63 -9.64 2.43 -3.82
CA ILE A 63 -10.46 2.38 -2.57
C ILE A 63 -10.50 3.76 -1.91
N CYS A 64 -9.42 4.49 -2.00
CA CYS A 64 -9.40 5.84 -1.36
C CYS A 64 -9.84 6.90 -2.37
N TRP A 65 -9.74 6.61 -3.64
CA TRP A 65 -10.15 7.61 -4.67
C TRP A 65 -11.53 7.25 -5.22
N PHE A 66 -11.58 6.42 -6.22
CA PHE A 66 -12.88 6.04 -6.81
C PHE A 66 -13.81 5.51 -5.71
N GLY A 67 -13.28 4.74 -4.80
CA GLY A 67 -14.13 4.19 -3.71
C GLY A 67 -15.06 3.12 -4.28
N ASP A 68 -16.35 3.26 -4.07
CA ASP A 68 -17.30 2.25 -4.60
C ASP A 68 -17.16 2.16 -6.13
N GLU A 69 -16.88 3.26 -6.77
CA GLU A 69 -16.74 3.24 -8.25
C GLU A 69 -15.54 2.36 -8.62
N ALA A 70 -14.53 2.34 -7.81
CA ALA A 70 -13.34 1.50 -8.13
C ALA A 70 -12.58 2.10 -9.31
N GLY A 1 8.62 -2.43 11.90
CA GLY A 1 9.39 -1.29 12.49
C GLY A 1 8.50 -0.53 13.49
N ASP A 2 9.00 0.53 14.05
CA ASP A 2 8.18 1.31 15.02
C ASP A 2 6.86 1.72 14.38
N ASN A 3 6.89 2.07 13.12
CA ASN A 3 5.62 2.47 12.43
C ASN A 3 4.77 1.23 12.15
N LYS A 4 3.47 1.36 12.18
CA LYS A 4 2.60 0.19 11.92
C LYS A 4 1.60 0.53 10.82
N PRO A 5 1.22 -0.49 10.01
CA PRO A 5 0.26 -0.31 8.91
C PRO A 5 -1.16 -0.07 9.41
N ALA A 6 -1.89 0.77 8.74
CA ALA A 6 -3.30 1.07 9.16
C ALA A 6 -4.22 -0.05 8.70
N ASP A 7 -5.38 -0.17 9.31
CA ASP A 7 -6.33 -1.24 8.91
C ASP A 7 -6.55 -1.21 7.40
N ASP A 8 -6.61 -0.05 6.82
CA ASP A 8 -6.84 0.03 5.34
C ASP A 8 -5.68 -0.69 4.63
N LEU A 9 -4.50 -0.63 5.17
CA LEU A 9 -3.35 -1.31 4.54
C LEU A 9 -3.36 -2.79 4.92
N LEU A 10 -3.79 -3.09 6.11
CA LEU A 10 -3.83 -4.52 6.56
C LEU A 10 -4.98 -5.24 5.86
N ASN A 11 -6.10 -4.59 5.70
CA ASN A 11 -7.27 -5.25 5.05
C ASN A 11 -7.22 -5.04 3.53
N LEU A 12 -6.29 -4.25 3.06
CA LEU A 12 -6.20 -4.02 1.59
C LEU A 12 -5.83 -5.32 0.88
N GLU A 13 -6.61 -5.74 -0.07
CA GLU A 13 -6.30 -7.01 -0.79
C GLU A 13 -4.99 -6.85 -1.56
N GLY A 14 -4.11 -7.82 -1.47
CA GLY A 14 -2.81 -7.71 -2.19
C GLY A 14 -1.69 -7.46 -1.18
N VAL A 15 -2.02 -6.94 -0.04
CA VAL A 15 -0.96 -6.66 0.98
C VAL A 15 -1.25 -7.46 2.26
N ASP A 16 -0.45 -8.44 2.55
CA ASP A 16 -0.69 -9.26 3.78
C ASP A 16 -0.20 -8.49 5.00
N ARG A 17 -0.41 -9.03 6.17
CA ARG A 17 0.05 -8.34 7.40
C ARG A 17 1.56 -8.13 7.32
N ASP A 18 2.26 -9.08 6.78
CA ASP A 18 3.74 -8.96 6.67
C ASP A 18 4.10 -7.80 5.75
N LEU A 19 3.63 -7.83 4.53
CA LEU A 19 3.95 -6.71 3.58
C LEU A 19 3.54 -5.39 4.23
N ALA A 20 2.58 -5.42 5.10
CA ALA A 20 2.13 -4.17 5.76
C ALA A 20 3.27 -3.63 6.61
N PHE A 21 4.10 -4.48 7.14
CA PHE A 21 5.24 -4.01 7.97
C PHE A 21 6.30 -3.40 7.06
N LYS A 22 6.70 -4.11 6.03
CA LYS A 22 7.72 -3.55 5.10
C LYS A 22 7.16 -2.29 4.45
N LEU A 23 5.87 -2.24 4.24
CA LEU A 23 5.25 -1.05 3.61
C LEU A 23 5.03 0.02 4.68
N ALA A 24 4.55 -0.37 5.83
CA ALA A 24 4.32 0.62 6.92
C ALA A 24 5.67 1.12 7.45
N ALA A 25 6.67 0.29 7.42
CA ALA A 25 8.01 0.71 7.92
C ALA A 25 8.60 1.75 6.96
N ARG A 26 7.96 1.96 5.84
CA ARG A 26 8.49 2.96 4.86
C ARG A 26 7.73 4.28 5.01
N GLY A 27 7.03 4.46 6.10
CA GLY A 27 6.27 5.73 6.28
C GLY A 27 4.83 5.55 5.80
N VAL A 28 4.61 4.61 4.93
CA VAL A 28 3.23 4.37 4.42
C VAL A 28 2.44 3.56 5.46
N CYS A 29 2.14 4.16 6.58
CA CYS A 29 1.41 3.43 7.65
C CYS A 29 -0.09 3.40 7.34
N THR A 30 -0.52 4.05 6.30
CA THR A 30 -1.99 4.03 5.99
C THR A 30 -2.20 3.80 4.50
N LEU A 31 -3.37 3.31 4.14
CA LEU A 31 -3.65 3.07 2.70
C LEU A 31 -3.51 4.39 1.94
N GLU A 32 -3.98 5.46 2.51
CA GLU A 32 -3.86 6.78 1.83
C GLU A 32 -2.39 7.04 1.55
N ASP A 33 -1.53 6.68 2.46
CA ASP A 33 -0.08 6.89 2.25
C ASP A 33 0.38 5.98 1.11
N LEU A 34 -0.19 4.81 1.01
CA LEU A 34 0.19 3.88 -0.09
C LEU A 34 -0.34 4.42 -1.41
N ALA A 35 -1.52 4.96 -1.41
CA ALA A 35 -2.10 5.53 -2.66
C ALA A 35 -1.17 6.63 -3.17
N GLU A 36 -0.46 7.28 -2.28
CA GLU A 36 0.46 8.36 -2.71
C GLU A 36 1.76 7.76 -3.25
N GLN A 37 1.94 6.48 -3.08
CA GLN A 37 3.19 5.83 -3.59
C GLN A 37 3.06 5.60 -5.09
N GLY A 38 4.16 5.37 -5.75
CA GLY A 38 4.10 5.11 -7.22
C GLY A 38 4.82 3.80 -7.54
N ILE A 39 4.50 3.20 -8.65
CA ILE A 39 5.16 1.92 -9.02
C ILE A 39 6.68 2.07 -8.93
N ASP A 40 7.19 3.21 -9.32
CA ASP A 40 8.67 3.42 -9.27
C ASP A 40 9.12 3.49 -7.80
N ASP A 41 8.33 4.10 -6.96
CA ASP A 41 8.72 4.20 -5.53
C ASP A 41 8.62 2.82 -4.88
N LEU A 42 7.54 2.12 -5.12
CA LEU A 42 7.39 0.76 -4.53
C LEU A 42 8.48 -0.15 -5.07
N ALA A 43 8.90 0.08 -6.29
CA ALA A 43 9.96 -0.78 -6.89
C ALA A 43 11.07 -1.00 -5.87
N ASP A 44 11.32 -0.03 -5.03
CA ASP A 44 12.38 -0.20 -4.00
C ASP A 44 12.03 -1.35 -3.08
N ILE A 45 10.76 -1.60 -2.90
CA ILE A 45 10.33 -2.73 -2.01
C ILE A 45 10.73 -4.06 -2.65
N GLU A 46 10.77 -5.11 -1.88
CA GLU A 46 11.15 -6.43 -2.45
C GLU A 46 9.91 -7.33 -2.52
N GLY A 47 9.80 -8.12 -3.55
CA GLY A 47 8.61 -9.02 -3.68
C GLY A 47 7.51 -8.29 -4.45
N LEU A 48 7.79 -7.14 -4.98
CA LEU A 48 6.76 -6.38 -5.74
C LEU A 48 7.16 -6.31 -7.21
N THR A 49 6.23 -6.53 -8.09
CA THR A 49 6.55 -6.47 -9.55
C THR A 49 5.99 -5.18 -10.15
N ASP A 50 6.35 -4.88 -11.37
CA ASP A 50 5.84 -3.64 -12.02
C ASP A 50 4.32 -3.72 -12.16
N GLU A 51 3.82 -4.83 -12.60
CA GLU A 51 2.34 -4.98 -12.76
C GLU A 51 1.69 -5.09 -11.38
N LYS A 52 2.27 -5.86 -10.50
CA LYS A 52 1.70 -6.01 -9.13
C LYS A 52 1.64 -4.64 -8.46
N ALA A 53 2.68 -3.86 -8.62
CA ALA A 53 2.70 -2.50 -8.00
C ALA A 53 1.56 -1.67 -8.58
N GLY A 54 1.26 -1.84 -9.83
CA GLY A 54 0.16 -1.05 -10.46
C GLY A 54 -1.17 -1.43 -9.81
N ALA A 55 -1.32 -2.68 -9.45
CA ALA A 55 -2.59 -3.12 -8.81
C ALA A 55 -2.58 -2.73 -7.33
N LEU A 56 -1.54 -3.08 -6.63
CA LEU A 56 -1.46 -2.72 -5.18
C LEU A 56 -1.73 -1.23 -5.01
N ILE A 57 -0.94 -0.40 -5.62
CA ILE A 57 -1.14 1.07 -5.51
C ILE A 57 -2.51 1.44 -6.06
N MET A 58 -2.96 0.74 -7.06
CA MET A 58 -4.29 1.06 -7.65
C MET A 58 -5.40 0.56 -6.72
N ALA A 59 -5.17 -0.52 -6.03
CA ALA A 59 -6.21 -1.04 -5.10
C ALA A 59 -6.40 -0.06 -3.94
N ALA A 60 -5.32 0.50 -3.46
CA ALA A 60 -5.44 1.48 -2.35
C ALA A 60 -6.06 2.77 -2.89
N ARG A 61 -5.59 3.22 -4.02
CA ARG A 61 -6.15 4.46 -4.62
C ARG A 61 -7.61 4.23 -5.00
N ASN A 62 -7.91 3.12 -5.61
CA ASN A 62 -9.31 2.84 -6.02
C ASN A 62 -10.20 2.77 -4.78
N ILE A 63 -9.65 2.39 -3.66
CA ILE A 63 -10.47 2.29 -2.42
C ILE A 63 -10.44 3.62 -1.66
N CYS A 64 -9.40 4.39 -1.84
CA CYS A 64 -9.32 5.70 -1.12
C CYS A 64 -9.73 6.83 -2.07
N TRP A 65 -9.69 6.58 -3.35
CA TRP A 65 -10.07 7.64 -4.32
C TRP A 65 -11.42 7.30 -4.96
N PHE A 66 -11.40 6.64 -6.10
CA PHE A 66 -12.66 6.27 -6.77
C PHE A 66 -13.63 5.64 -5.77
N GLY A 67 -13.13 4.75 -4.95
CA GLY A 67 -14.02 4.10 -3.94
C GLY A 67 -14.71 5.16 -3.10
N ASP A 68 -16.01 5.13 -3.03
CA ASP A 68 -16.73 6.14 -2.21
C ASP A 68 -16.33 5.99 -0.73
N GLU A 69 -16.13 4.77 -0.29
CA GLU A 69 -15.73 4.55 1.13
C GLU A 69 -14.44 5.32 1.41
N ALA A 70 -13.58 5.43 0.44
CA ALA A 70 -12.30 6.15 0.65
C ALA A 70 -11.43 5.37 1.63
N GLY A 1 9.76 6.91 15.32
CA GLY A 1 9.36 5.63 14.68
C GLY A 1 7.96 5.24 15.13
N ASP A 2 7.81 4.06 15.68
CA ASP A 2 6.46 3.62 16.14
C ASP A 2 5.47 3.71 14.99
N ASN A 3 5.87 3.29 13.81
CA ASN A 3 4.95 3.35 12.65
C ASN A 3 4.33 1.97 12.41
N LYS A 4 3.04 1.91 12.24
CA LYS A 4 2.38 0.58 11.99
C LYS A 4 1.44 0.70 10.79
N PRO A 5 1.18 -0.42 10.11
CA PRO A 5 0.30 -0.46 8.94
C PRO A 5 -1.16 -0.22 9.31
N ALA A 6 -1.87 0.54 8.52
CA ALA A 6 -3.30 0.80 8.83
C ALA A 6 -4.15 -0.40 8.42
N ASP A 7 -5.23 -0.64 9.11
CA ASP A 7 -6.09 -1.80 8.76
C ASP A 7 -6.49 -1.74 7.29
N ASP A 8 -6.61 -0.56 6.74
CA ASP A 8 -7.00 -0.46 5.31
C ASP A 8 -5.96 -1.19 4.46
N LEU A 9 -4.71 -0.99 4.76
CA LEU A 9 -3.64 -1.67 3.97
C LEU A 9 -3.61 -3.16 4.35
N LEU A 10 -3.54 -3.43 5.62
CA LEU A 10 -3.50 -4.85 6.09
C LEU A 10 -4.69 -5.62 5.51
N ASN A 11 -5.84 -5.01 5.48
CA ASN A 11 -7.04 -5.71 4.95
C ASN A 11 -7.15 -5.48 3.43
N LEU A 12 -6.24 -4.73 2.87
CA LEU A 12 -6.30 -4.48 1.40
C LEU A 12 -5.73 -5.68 0.65
N GLU A 13 -6.51 -6.27 -0.22
CA GLU A 13 -6.01 -7.45 -0.98
C GLU A 13 -4.71 -7.07 -1.70
N GLY A 14 -3.73 -7.94 -1.67
CA GLY A 14 -2.45 -7.63 -2.35
C GLY A 14 -1.37 -7.32 -1.32
N VAL A 15 -1.77 -6.94 -0.13
CA VAL A 15 -0.75 -6.62 0.93
C VAL A 15 -1.02 -7.49 2.16
N ASP A 16 -0.12 -8.39 2.46
CA ASP A 16 -0.32 -9.27 3.65
C ASP A 16 0.04 -8.49 4.91
N ARG A 17 -0.31 -9.01 6.06
CA ARG A 17 0.03 -8.29 7.32
C ARG A 17 1.53 -8.01 7.36
N ASP A 18 2.32 -8.92 6.85
CA ASP A 18 3.79 -8.73 6.86
C ASP A 18 4.16 -7.58 5.91
N LEU A 19 3.64 -7.59 4.72
CA LEU A 19 3.99 -6.49 3.75
C LEU A 19 3.55 -5.16 4.34
N ALA A 20 2.54 -5.16 5.16
CA ALA A 20 2.08 -3.88 5.77
C ALA A 20 3.18 -3.32 6.65
N PHE A 21 4.02 -4.17 7.19
CA PHE A 21 5.14 -3.68 8.05
C PHE A 21 6.21 -3.05 7.15
N LYS A 22 6.68 -3.77 6.17
CA LYS A 22 7.70 -3.19 5.27
C LYS A 22 7.14 -1.93 4.62
N LEU A 23 5.87 -1.93 4.32
CA LEU A 23 5.24 -0.74 3.71
C LEU A 23 4.96 0.30 4.79
N ALA A 24 4.52 -0.13 5.93
CA ALA A 24 4.24 0.82 7.05
C ALA A 24 5.56 1.37 7.59
N ALA A 25 6.60 0.58 7.53
CA ALA A 25 7.93 1.05 8.04
C ALA A 25 8.49 2.10 7.09
N ARG A 26 7.86 2.31 5.97
CA ARG A 26 8.36 3.33 5.01
C ARG A 26 7.59 4.63 5.16
N GLY A 27 6.88 4.79 6.25
CA GLY A 27 6.10 6.04 6.45
C GLY A 27 4.68 5.85 5.91
N VAL A 28 4.48 4.85 5.09
CA VAL A 28 3.14 4.60 4.52
C VAL A 28 2.32 3.78 5.54
N CYS A 29 2.05 4.34 6.68
CA CYS A 29 1.29 3.60 7.71
C CYS A 29 -0.21 3.56 7.37
N THR A 30 -0.62 4.23 6.33
CA THR A 30 -2.07 4.22 5.99
C THR A 30 -2.27 3.87 4.52
N LEU A 31 -3.41 3.34 4.18
CA LEU A 31 -3.68 2.98 2.76
C LEU A 31 -3.54 4.23 1.90
N GLU A 32 -3.99 5.36 2.40
CA GLU A 32 -3.87 6.62 1.62
C GLU A 32 -2.39 6.88 1.34
N ASP A 33 -1.55 6.60 2.29
CA ASP A 33 -0.10 6.81 2.08
C ASP A 33 0.39 5.87 0.98
N LEU A 34 -0.21 4.71 0.88
CA LEU A 34 0.19 3.74 -0.18
C LEU A 34 -0.33 4.23 -1.53
N ALA A 35 -1.50 4.81 -1.53
CA ALA A 35 -2.06 5.32 -2.82
C ALA A 35 -1.16 6.42 -3.36
N GLU A 36 -0.42 7.07 -2.51
CA GLU A 36 0.48 8.16 -2.98
C GLU A 36 1.79 7.54 -3.48
N GLN A 37 1.97 6.26 -3.29
CA GLN A 37 3.22 5.61 -3.76
C GLN A 37 3.12 5.36 -5.27
N GLY A 38 4.23 5.18 -5.92
CA GLY A 38 4.21 4.94 -7.38
C GLY A 38 4.82 3.56 -7.67
N ILE A 39 4.37 2.90 -8.71
CA ILE A 39 4.93 1.56 -9.04
C ILE A 39 6.46 1.61 -9.01
N ASP A 40 7.03 2.68 -9.50
CA ASP A 40 8.51 2.80 -9.52
C ASP A 40 9.02 2.96 -8.09
N ASP A 41 8.31 3.69 -7.27
CA ASP A 41 8.75 3.88 -5.87
C ASP A 41 8.64 2.55 -5.12
N LEU A 42 7.54 1.87 -5.27
CA LEU A 42 7.37 0.57 -4.57
C LEU A 42 8.41 -0.42 -5.10
N ALA A 43 8.78 -0.30 -6.35
CA ALA A 43 9.79 -1.23 -6.92
C ALA A 43 10.94 -1.42 -5.93
N ASP A 44 11.25 -0.40 -5.18
CA ASP A 44 12.35 -0.51 -4.18
C ASP A 44 12.01 -1.61 -3.17
N ILE A 45 10.75 -1.81 -2.91
CA ILE A 45 10.34 -2.86 -1.95
C ILE A 45 10.65 -4.24 -2.53
N GLU A 46 10.61 -5.27 -1.71
CA GLU A 46 10.91 -6.63 -2.23
C GLU A 46 9.61 -7.43 -2.30
N GLY A 47 9.45 -8.21 -3.35
CA GLY A 47 8.20 -9.01 -3.49
C GLY A 47 7.16 -8.21 -4.26
N LEU A 48 7.54 -7.08 -4.78
CA LEU A 48 6.56 -6.24 -5.54
C LEU A 48 7.02 -6.13 -7.00
N THR A 49 6.09 -6.19 -7.91
CA THR A 49 6.46 -6.09 -9.36
C THR A 49 5.91 -4.80 -9.95
N ASP A 50 6.37 -4.42 -11.11
CA ASP A 50 5.87 -3.16 -11.73
C ASP A 50 4.36 -3.26 -11.94
N GLU A 51 3.90 -4.32 -12.56
CA GLU A 51 2.44 -4.47 -12.79
C GLU A 51 1.74 -4.76 -11.46
N LYS A 52 2.31 -5.62 -10.65
CA LYS A 52 1.67 -5.93 -9.34
C LYS A 52 1.56 -4.65 -8.50
N ALA A 53 2.59 -3.84 -8.52
CA ALA A 53 2.53 -2.58 -7.74
C ALA A 53 1.44 -1.68 -8.32
N GLY A 54 1.30 -1.67 -9.61
CA GLY A 54 0.25 -0.82 -10.24
C GLY A 54 -1.11 -1.21 -9.69
N ALA A 55 -1.31 -2.48 -9.45
CA ALA A 55 -2.63 -2.95 -8.89
C ALA A 55 -2.69 -2.60 -7.41
N LEU A 56 -1.80 -3.14 -6.62
CA LEU A 56 -1.82 -2.84 -5.16
C LEU A 56 -1.94 -1.32 -4.98
N ILE A 57 -1.09 -0.58 -5.62
CA ILE A 57 -1.16 0.90 -5.49
C ILE A 57 -2.51 1.39 -5.99
N MET A 58 -3.04 0.75 -7.00
CA MET A 58 -4.36 1.17 -7.54
C MET A 58 -5.46 0.68 -6.60
N ALA A 59 -5.23 -0.41 -5.91
CA ALA A 59 -6.25 -0.93 -4.96
C ALA A 59 -6.41 0.06 -3.82
N ALA A 60 -5.32 0.57 -3.32
CA ALA A 60 -5.40 1.55 -2.20
C ALA A 60 -5.89 2.88 -2.76
N ARG A 61 -5.49 3.21 -3.96
CA ARG A 61 -5.93 4.49 -4.57
C ARG A 61 -7.43 4.41 -4.87
N ASN A 62 -7.87 3.31 -5.40
CA ASN A 62 -9.32 3.15 -5.71
C ASN A 62 -10.14 3.30 -4.42
N ILE A 63 -9.67 2.75 -3.34
CA ILE A 63 -10.43 2.86 -2.06
C ILE A 63 -10.18 4.24 -1.44
N CYS A 64 -8.98 4.72 -1.50
CA CYS A 64 -8.68 6.05 -0.91
C CYS A 64 -9.21 7.16 -1.82
N TRP A 65 -9.17 6.95 -3.11
CA TRP A 65 -9.67 7.98 -4.05
C TRP A 65 -11.12 7.67 -4.44
N PHE A 66 -11.31 6.82 -5.40
CA PHE A 66 -12.70 6.46 -5.83
C PHE A 66 -13.53 6.18 -4.58
N GLY A 67 -12.97 5.55 -3.60
CA GLY A 67 -13.72 5.25 -2.36
C GLY A 67 -13.63 6.44 -1.40
N ASP A 68 -14.73 7.07 -1.12
CA ASP A 68 -14.70 8.24 -0.20
C ASP A 68 -14.16 7.81 1.15
N GLU A 69 -14.55 6.65 1.62
CA GLU A 69 -14.06 6.17 2.94
C GLU A 69 -12.54 6.08 2.92
N ALA A 70 -11.89 6.39 4.01
CA ALA A 70 -10.40 6.33 4.06
C ALA A 70 -9.92 6.49 5.49
N GLY A 1 6.42 -0.76 17.68
CA GLY A 1 6.85 -0.29 16.33
C GLY A 1 6.43 1.17 16.15
N ASP A 2 7.36 2.03 15.86
CA ASP A 2 7.02 3.47 15.66
C ASP A 2 6.07 3.62 14.48
N ASN A 3 6.21 2.79 13.48
CA ASN A 3 5.31 2.88 12.30
C ASN A 3 4.44 1.61 12.23
N LYS A 4 3.17 1.77 11.97
CA LYS A 4 2.27 0.59 11.89
C LYS A 4 1.27 0.80 10.76
N PRO A 5 0.96 -0.28 10.01
CA PRO A 5 0.01 -0.23 8.90
C PRO A 5 -1.44 -0.04 9.39
N ALA A 6 -2.18 0.81 8.75
CA ALA A 6 -3.60 1.03 9.17
C ALA A 6 -4.47 -0.13 8.70
N ASP A 7 -5.62 -0.29 9.28
CA ASP A 7 -6.51 -1.42 8.86
C ASP A 7 -6.73 -1.38 7.35
N ASP A 8 -6.84 -0.22 6.77
CA ASP A 8 -7.05 -0.14 5.30
C ASP A 8 -5.87 -0.82 4.60
N LEU A 9 -4.68 -0.58 5.07
CA LEU A 9 -3.48 -1.21 4.44
C LEU A 9 -3.44 -2.68 4.82
N LEU A 10 -3.69 -2.98 6.06
CA LEU A 10 -3.66 -4.40 6.53
C LEU A 10 -4.77 -5.20 5.85
N ASN A 11 -5.92 -4.60 5.69
CA ASN A 11 -7.05 -5.34 5.06
C ASN A 11 -7.00 -5.14 3.53
N LEU A 12 -6.09 -4.35 3.05
CA LEU A 12 -6.01 -4.14 1.58
C LEU A 12 -5.70 -5.47 0.88
N GLU A 13 -6.32 -5.71 -0.24
CA GLU A 13 -6.07 -6.98 -0.97
C GLU A 13 -4.75 -6.89 -1.74
N GLY A 14 -3.90 -7.87 -1.61
CA GLY A 14 -2.60 -7.82 -2.33
C GLY A 14 -1.47 -7.53 -1.33
N VAL A 15 -1.82 -7.03 -0.17
CA VAL A 15 -0.77 -6.72 0.85
C VAL A 15 -0.96 -7.63 2.06
N ASP A 16 -0.03 -8.51 2.30
CA ASP A 16 -0.17 -9.43 3.46
C ASP A 16 0.21 -8.68 4.74
N ARG A 17 -0.03 -9.28 5.88
CA ARG A 17 0.31 -8.59 7.16
C ARG A 17 1.80 -8.23 7.14
N ASP A 18 2.61 -9.08 6.60
CA ASP A 18 4.07 -8.79 6.55
C ASP A 18 4.33 -7.59 5.66
N LEU A 19 3.79 -7.58 4.47
CA LEU A 19 4.02 -6.43 3.54
C LEU A 19 3.53 -5.15 4.22
N ALA A 20 2.55 -5.26 5.09
CA ALA A 20 2.04 -4.06 5.78
C ALA A 20 3.16 -3.47 6.65
N PHE A 21 4.03 -4.30 7.15
CA PHE A 21 5.16 -3.79 7.98
C PHE A 21 6.18 -3.13 7.07
N LYS A 22 6.62 -3.81 6.05
CA LYS A 22 7.61 -3.21 5.11
C LYS A 22 6.99 -1.96 4.48
N LEU A 23 5.70 -1.99 4.25
CA LEU A 23 5.02 -0.82 3.65
C LEU A 23 4.80 0.24 4.73
N ALA A 24 4.37 -0.17 5.89
CA ALA A 24 4.14 0.79 6.99
C ALA A 24 5.49 1.32 7.50
N ALA A 25 6.51 0.51 7.45
CA ALA A 25 7.85 0.96 7.94
C ALA A 25 8.41 2.01 6.98
N ARG A 26 7.80 2.19 5.84
CA ARG A 26 8.30 3.21 4.88
C ARG A 26 7.51 4.51 5.04
N GLY A 27 6.83 4.67 6.14
CA GLY A 27 6.05 5.91 6.36
C GLY A 27 4.62 5.72 5.83
N VAL A 28 4.39 4.68 5.08
CA VAL A 28 3.04 4.43 4.53
C VAL A 28 2.22 3.64 5.55
N CYS A 29 1.95 4.21 6.69
CA CYS A 29 1.17 3.49 7.73
C CYS A 29 -0.32 3.50 7.39
N THR A 30 -0.72 4.23 6.38
CA THR A 30 -2.16 4.26 6.02
C THR A 30 -2.35 3.91 4.55
N LEU A 31 -3.42 3.26 4.22
CA LEU A 31 -3.67 2.90 2.80
C LEU A 31 -3.54 4.15 1.93
N GLU A 32 -4.04 5.26 2.39
CA GLU A 32 -3.93 6.51 1.61
C GLU A 32 -2.46 6.80 1.35
N ASP A 33 -1.63 6.57 2.32
CA ASP A 33 -0.17 6.80 2.13
C ASP A 33 0.31 5.95 0.96
N LEU A 34 -0.26 4.79 0.79
CA LEU A 34 0.16 3.91 -0.33
C LEU A 34 -0.39 4.50 -1.64
N ALA A 35 -1.54 5.11 -1.59
CA ALA A 35 -2.12 5.71 -2.82
C ALA A 35 -1.16 6.79 -3.34
N GLU A 36 -0.41 7.40 -2.46
CA GLU A 36 0.54 8.45 -2.89
C GLU A 36 1.83 7.82 -3.41
N GLN A 37 1.98 6.53 -3.24
CA GLN A 37 3.22 5.87 -3.72
C GLN A 37 3.10 5.60 -5.22
N GLY A 38 4.20 5.34 -5.87
CA GLY A 38 4.16 5.07 -7.33
C GLY A 38 4.82 3.72 -7.62
N ILE A 39 4.52 3.12 -8.72
CA ILE A 39 5.13 1.79 -9.05
C ILE A 39 6.64 1.86 -8.84
N ASP A 40 7.25 2.94 -9.22
CA ASP A 40 8.72 3.07 -9.04
C ASP A 40 9.07 3.15 -7.55
N ASP A 41 8.25 3.83 -6.79
CA ASP A 41 8.52 3.95 -5.33
C ASP A 41 8.46 2.58 -4.67
N LEU A 42 7.43 1.83 -4.95
CA LEU A 42 7.31 0.47 -4.34
C LEU A 42 8.32 -0.47 -5.00
N ALA A 43 8.76 -0.16 -6.19
CA ALA A 43 9.74 -1.04 -6.87
C ALA A 43 10.90 -1.34 -5.92
N ASP A 44 11.25 -0.41 -5.08
CA ASP A 44 12.37 -0.64 -4.13
C ASP A 44 12.02 -1.81 -3.20
N ILE A 45 10.75 -2.02 -2.94
CA ILE A 45 10.35 -3.13 -2.04
C ILE A 45 10.68 -4.46 -2.70
N GLU A 46 10.80 -5.50 -1.93
CA GLU A 46 11.13 -6.83 -2.50
C GLU A 46 9.84 -7.64 -2.68
N GLY A 47 9.73 -8.37 -3.76
CA GLY A 47 8.50 -9.17 -3.99
C GLY A 47 7.45 -8.33 -4.72
N LEU A 48 7.82 -7.14 -5.14
CA LEU A 48 6.84 -6.27 -5.85
C LEU A 48 7.23 -6.18 -7.33
N THR A 49 6.28 -6.30 -8.21
CA THR A 49 6.59 -6.23 -9.66
C THR A 49 5.99 -4.96 -10.26
N ASP A 50 6.31 -4.65 -11.49
CA ASP A 50 5.76 -3.43 -12.13
C ASP A 50 4.24 -3.54 -12.21
N GLU A 51 3.75 -4.71 -12.55
CA GLU A 51 2.27 -4.88 -12.64
C GLU A 51 1.67 -4.93 -11.24
N LYS A 52 2.25 -5.72 -10.37
CA LYS A 52 1.72 -5.80 -8.98
C LYS A 52 1.75 -4.41 -8.34
N ALA A 53 2.81 -3.67 -8.58
CA ALA A 53 2.89 -2.30 -8.01
C ALA A 53 1.63 -1.53 -8.37
N GLY A 54 1.16 -1.68 -9.57
CA GLY A 54 -0.07 -0.95 -9.99
C GLY A 54 -1.26 -1.53 -9.23
N ALA A 55 -1.70 -2.71 -9.60
CA ALA A 55 -2.86 -3.33 -8.89
C ALA A 55 -2.75 -3.07 -7.39
N LEU A 56 -1.60 -3.32 -6.82
CA LEU A 56 -1.44 -3.09 -5.35
C LEU A 56 -1.74 -1.63 -5.01
N ILE A 57 -0.91 -0.73 -5.44
CA ILE A 57 -1.14 0.71 -5.14
C ILE A 57 -2.48 1.15 -5.73
N MET A 58 -2.88 0.53 -6.81
CA MET A 58 -4.18 0.90 -7.43
C MET A 58 -5.33 0.50 -6.50
N ALA A 59 -5.16 -0.55 -5.75
CA ALA A 59 -6.24 -0.99 -4.83
C ALA A 59 -6.39 0.04 -3.71
N ALA A 60 -5.29 0.58 -3.24
CA ALA A 60 -5.36 1.59 -2.16
C ALA A 60 -5.87 2.90 -2.75
N ARG A 61 -5.43 3.24 -3.93
CA ARG A 61 -5.89 4.50 -4.57
C ARG A 61 -7.37 4.36 -4.94
N ASN A 62 -7.74 3.24 -5.49
CA ASN A 62 -9.16 3.03 -5.88
C ASN A 62 -10.05 3.13 -4.63
N ILE A 63 -9.57 2.64 -3.52
CA ILE A 63 -10.39 2.70 -2.28
C ILE A 63 -10.24 4.07 -1.62
N CYS A 64 -9.05 4.60 -1.60
CA CYS A 64 -8.83 5.93 -0.98
C CYS A 64 -9.37 7.03 -1.90
N TRP A 65 -9.36 6.78 -3.18
CA TRP A 65 -9.86 7.82 -4.14
C TRP A 65 -11.27 7.44 -4.60
N PHE A 66 -11.37 6.58 -5.57
CA PHE A 66 -12.72 6.17 -6.07
C PHE A 66 -13.58 5.70 -4.90
N GLY A 67 -12.99 5.01 -3.97
CA GLY A 67 -13.76 4.51 -2.80
C GLY A 67 -13.85 5.61 -1.74
N ASP A 68 -14.34 5.29 -0.58
CA ASP A 68 -14.45 6.30 0.50
C ASP A 68 -13.97 5.71 1.82
N GLU A 69 -13.93 6.50 2.87
CA GLU A 69 -13.47 5.97 4.17
C GLU A 69 -14.68 5.70 5.07
N ALA A 70 -14.57 4.75 5.96
CA ALA A 70 -15.71 4.44 6.86
C ALA A 70 -15.19 4.07 8.25
N GLY A 1 8.09 -3.64 11.11
CA GLY A 1 7.48 -2.34 10.72
C GLY A 1 6.99 -1.61 11.97
N ASP A 2 7.88 -0.94 12.66
CA ASP A 2 7.45 -0.20 13.89
C ASP A 2 6.34 0.80 13.54
N ASN A 3 6.47 1.45 12.42
CA ASN A 3 5.42 2.44 12.03
C ASN A 3 4.05 1.76 12.07
N LYS A 4 3.97 0.53 11.64
CA LYS A 4 2.67 -0.19 11.66
C LYS A 4 1.76 0.36 10.56
N PRO A 5 1.16 -0.54 9.77
CA PRO A 5 0.27 -0.17 8.68
C PRO A 5 -1.18 -0.02 9.16
N ALA A 6 -1.97 0.75 8.45
CA ALA A 6 -3.38 0.95 8.85
C ALA A 6 -4.18 -0.31 8.55
N ASP A 7 -5.22 -0.57 9.29
CA ASP A 7 -6.03 -1.79 9.06
C ASP A 7 -6.45 -1.84 7.58
N ASP A 8 -6.65 -0.71 6.97
CA ASP A 8 -7.06 -0.71 5.54
C ASP A 8 -6.00 -1.42 4.71
N LEU A 9 -4.75 -1.16 5.00
CA LEU A 9 -3.65 -1.83 4.24
C LEU A 9 -3.53 -3.27 4.73
N LEU A 10 -3.42 -3.46 6.01
CA LEU A 10 -3.29 -4.82 6.57
C LEU A 10 -4.40 -5.70 6.00
N ASN A 11 -5.62 -5.24 6.07
CA ASN A 11 -6.76 -6.04 5.56
C ASN A 11 -6.85 -5.89 4.04
N LEU A 12 -5.97 -5.14 3.45
CA LEU A 12 -6.01 -4.96 1.97
C LEU A 12 -5.58 -6.26 1.29
N GLU A 13 -6.38 -6.76 0.39
CA GLU A 13 -6.04 -8.02 -0.32
C GLU A 13 -4.71 -7.87 -1.06
N GLY A 14 -4.33 -6.67 -1.38
CA GLY A 14 -3.04 -6.48 -2.12
C GLY A 14 -1.89 -6.41 -1.12
N VAL A 15 -2.17 -6.12 0.12
CA VAL A 15 -1.09 -6.04 1.13
C VAL A 15 -1.30 -7.10 2.23
N ASP A 16 -0.43 -8.06 2.29
CA ASP A 16 -0.59 -9.12 3.33
C ASP A 16 -0.14 -8.56 4.68
N ARG A 17 -0.27 -9.31 5.73
CA ARG A 17 0.16 -8.81 7.06
C ARG A 17 1.63 -8.42 6.97
N ASP A 18 2.43 -9.27 6.39
CA ASP A 18 3.88 -8.98 6.26
C ASP A 18 4.09 -7.77 5.35
N LEU A 19 3.50 -7.77 4.19
CA LEU A 19 3.68 -6.61 3.27
C LEU A 19 3.25 -5.33 3.99
N ALA A 20 2.28 -5.44 4.86
CA ALA A 20 1.83 -4.25 5.61
C ALA A 20 2.99 -3.68 6.42
N PHE A 21 3.82 -4.54 6.95
CA PHE A 21 4.99 -4.06 7.74
C PHE A 21 6.02 -3.44 6.79
N LYS A 22 6.28 -4.09 5.69
CA LYS A 22 7.26 -3.52 4.72
C LYS A 22 6.77 -2.16 4.26
N LEU A 23 5.48 -2.02 4.07
CA LEU A 23 4.92 -0.72 3.62
C LEU A 23 4.91 0.25 4.81
N ALA A 24 4.40 -0.18 5.93
CA ALA A 24 4.36 0.71 7.13
C ALA A 24 5.79 1.14 7.46
N ALA A 25 6.72 0.24 7.34
CA ALA A 25 8.14 0.60 7.64
C ALA A 25 8.69 1.44 6.50
N ARG A 26 7.91 1.64 5.47
CA ARG A 26 8.38 2.45 4.31
C ARG A 26 7.81 3.86 4.39
N GLY A 27 7.22 4.21 5.51
CA GLY A 27 6.64 5.57 5.65
C GLY A 27 5.14 5.54 5.32
N VAL A 28 4.69 4.48 4.71
CA VAL A 28 3.23 4.38 4.37
C VAL A 28 2.51 3.62 5.48
N CYS A 29 1.91 4.32 6.41
CA CYS A 29 1.20 3.63 7.52
C CYS A 29 -0.30 3.61 7.24
N THR A 30 -0.74 4.30 6.22
CA THR A 30 -2.20 4.30 5.91
C THR A 30 -2.42 4.04 4.42
N LEU A 31 -3.57 3.54 4.07
CA LEU A 31 -3.84 3.27 2.62
C LEU A 31 -3.65 4.56 1.83
N GLU A 32 -4.06 5.67 2.37
CA GLU A 32 -3.90 6.96 1.65
C GLU A 32 -2.41 7.18 1.38
N ASP A 33 -1.57 6.91 2.33
CA ASP A 33 -0.12 7.10 2.13
C ASP A 33 0.34 6.23 0.96
N LEU A 34 -0.26 5.07 0.81
CA LEU A 34 0.13 4.17 -0.31
C LEU A 34 -0.42 4.74 -1.63
N ALA A 35 -1.59 5.31 -1.59
CA ALA A 35 -2.17 5.89 -2.83
C ALA A 35 -1.22 6.95 -3.38
N GLU A 36 -0.42 7.54 -2.53
CA GLU A 36 0.53 8.58 -2.99
C GLU A 36 1.80 7.91 -3.52
N GLN A 37 1.96 6.63 -3.30
CA GLN A 37 3.17 5.94 -3.79
C GLN A 37 3.02 5.62 -5.27
N GLY A 38 4.10 5.35 -5.95
CA GLY A 38 4.02 5.02 -7.40
C GLY A 38 4.72 3.69 -7.65
N ILE A 39 4.39 3.03 -8.73
CA ILE A 39 5.04 1.73 -9.03
C ILE A 39 6.56 1.86 -8.93
N ASP A 40 7.09 2.97 -9.36
CA ASP A 40 8.56 3.16 -9.30
C ASP A 40 9.01 3.31 -7.84
N ASP A 41 8.22 3.97 -7.04
CA ASP A 41 8.60 4.16 -5.61
C ASP A 41 8.53 2.80 -4.89
N LEU A 42 7.46 2.08 -5.07
CA LEU A 42 7.34 0.75 -4.41
C LEU A 42 8.41 -0.19 -4.95
N ALA A 43 8.82 0.00 -6.18
CA ALA A 43 9.86 -0.88 -6.77
C ALA A 43 10.99 -1.08 -5.74
N ASP A 44 11.27 -0.08 -4.96
CA ASP A 44 12.34 -0.21 -3.94
C ASP A 44 12.00 -1.33 -2.97
N ILE A 45 10.73 -1.57 -2.77
CA ILE A 45 10.32 -2.66 -1.83
C ILE A 45 10.77 -4.01 -2.38
N GLU A 46 10.78 -5.02 -1.55
CA GLU A 46 11.22 -6.36 -2.03
C GLU A 46 10.01 -7.29 -2.12
N GLY A 47 9.91 -8.05 -3.18
CA GLY A 47 8.75 -8.97 -3.33
C GLY A 47 7.64 -8.26 -4.10
N LEU A 48 7.85 -7.02 -4.46
CA LEU A 48 6.81 -6.27 -5.22
C LEU A 48 7.24 -6.13 -6.68
N THR A 49 6.35 -6.38 -7.60
CA THR A 49 6.71 -6.26 -9.05
C THR A 49 6.06 -5.01 -9.63
N ASP A 50 6.46 -4.61 -10.80
CA ASP A 50 5.86 -3.39 -11.42
C ASP A 50 4.37 -3.62 -11.62
N GLU A 51 3.99 -4.76 -12.14
CA GLU A 51 2.55 -5.05 -12.35
C GLU A 51 1.84 -5.18 -11.00
N LYS A 52 2.46 -5.85 -10.06
CA LYS A 52 1.81 -6.00 -8.72
C LYS A 52 1.62 -4.63 -8.10
N ALA A 53 2.62 -3.79 -8.17
CA ALA A 53 2.50 -2.43 -7.58
C ALA A 53 1.39 -1.67 -8.31
N GLY A 54 1.27 -1.84 -9.59
CA GLY A 54 0.22 -1.11 -10.36
C GLY A 54 -1.16 -1.47 -9.79
N ALA A 55 -1.38 -2.71 -9.46
CA ALA A 55 -2.69 -3.12 -8.90
C ALA A 55 -2.75 -2.76 -7.41
N LEU A 56 -1.74 -3.13 -6.67
CA LEU A 56 -1.74 -2.82 -5.21
C LEU A 56 -1.91 -1.30 -5.02
N ILE A 57 -1.09 -0.52 -5.67
CA ILE A 57 -1.21 0.95 -5.54
C ILE A 57 -2.54 1.41 -6.13
N MET A 58 -3.00 0.73 -7.15
CA MET A 58 -4.28 1.11 -7.78
C MET A 58 -5.44 0.67 -6.89
N ALA A 59 -5.29 -0.43 -6.20
CA ALA A 59 -6.38 -0.91 -5.32
C ALA A 59 -6.55 0.06 -4.15
N ALA A 60 -5.46 0.54 -3.63
CA ALA A 60 -5.54 1.51 -2.49
C ALA A 60 -6.02 2.86 -3.03
N ARG A 61 -5.46 3.30 -4.11
CA ARG A 61 -5.87 4.60 -4.69
C ARG A 61 -7.36 4.51 -5.08
N ASN A 62 -7.75 3.42 -5.65
CA ASN A 62 -9.18 3.25 -6.05
C ASN A 62 -10.06 3.26 -4.80
N ILE A 63 -9.55 2.81 -3.70
CA ILE A 63 -10.35 2.79 -2.44
C ILE A 63 -10.16 4.09 -1.66
N CYS A 64 -9.00 4.66 -1.75
CA CYS A 64 -8.74 5.92 -1.00
C CYS A 64 -9.23 7.12 -1.82
N TRP A 65 -9.23 7.01 -3.12
CA TRP A 65 -9.69 8.13 -3.97
C TRP A 65 -11.13 7.89 -4.42
N PHE A 66 -11.30 7.16 -5.50
CA PHE A 66 -12.67 6.89 -6.00
C PHE A 66 -13.49 6.19 -4.91
N GLY A 67 -12.90 5.25 -4.24
CA GLY A 67 -13.64 4.53 -3.16
C GLY A 67 -13.49 5.28 -1.83
N ASP A 68 -14.09 4.77 -0.79
CA ASP A 68 -13.99 5.46 0.53
C ASP A 68 -12.90 4.79 1.37
N GLU A 69 -12.46 5.44 2.41
CA GLU A 69 -11.41 4.83 3.27
C GLU A 69 -11.92 3.52 3.85
N ALA A 70 -13.19 3.43 4.14
CA ALA A 70 -13.76 2.18 4.71
C ALA A 70 -14.36 1.34 3.59
N GLY A 1 8.65 -1.41 16.30
CA GLY A 1 7.76 -1.08 15.15
C GLY A 1 7.27 0.37 15.29
N ASP A 2 8.17 1.32 15.17
CA ASP A 2 7.75 2.74 15.31
C ASP A 2 6.64 3.04 14.30
N ASN A 3 6.72 2.49 13.12
CA ASN A 3 5.67 2.74 12.11
C ASN A 3 4.78 1.50 11.97
N LYS A 4 3.49 1.67 12.09
CA LYS A 4 2.57 0.50 11.98
C LYS A 4 1.56 0.76 10.85
N PRO A 5 1.33 -0.27 10.01
CA PRO A 5 0.38 -0.17 8.88
C PRO A 5 -1.06 -0.12 9.36
N ALA A 6 -1.90 0.63 8.67
CA ALA A 6 -3.33 0.72 9.08
C ALA A 6 -4.06 -0.55 8.65
N ASP A 7 -5.15 -0.86 9.30
CA ASP A 7 -5.92 -2.09 8.95
C ASP A 7 -6.25 -2.07 7.45
N ASP A 8 -6.48 -0.93 6.89
CA ASP A 8 -6.82 -0.87 5.44
C ASP A 8 -5.68 -1.50 4.63
N LEU A 9 -4.47 -1.26 5.04
CA LEU A 9 -3.31 -1.85 4.32
C LEU A 9 -3.15 -3.31 4.71
N LEU A 10 -3.13 -3.57 5.99
CA LEU A 10 -2.98 -4.97 6.47
C LEU A 10 -4.08 -5.85 5.87
N ASN A 11 -5.28 -5.34 5.80
CA ASN A 11 -6.40 -6.14 5.24
C ASN A 11 -6.42 -6.02 3.71
N LEU A 12 -5.52 -5.26 3.15
CA LEU A 12 -5.50 -5.11 1.67
C LEU A 12 -5.18 -6.47 1.03
N GLU A 13 -5.93 -6.85 0.03
CA GLU A 13 -5.68 -8.16 -0.63
C GLU A 13 -4.29 -8.16 -1.27
N GLY A 14 -3.79 -7.01 -1.62
CA GLY A 14 -2.43 -6.95 -2.24
C GLY A 14 -1.39 -6.72 -1.15
N VAL A 15 -1.81 -6.51 0.07
CA VAL A 15 -0.84 -6.28 1.16
C VAL A 15 -1.06 -7.28 2.29
N ASP A 16 -0.06 -8.05 2.61
CA ASP A 16 -0.20 -9.05 3.71
C ASP A 16 0.24 -8.40 5.02
N ARG A 17 0.07 -9.07 6.13
CA ARG A 17 0.50 -8.48 7.42
C ARG A 17 1.97 -8.12 7.33
N ASP A 18 2.75 -8.99 6.74
CA ASP A 18 4.21 -8.72 6.61
C ASP A 18 4.44 -7.52 5.68
N LEU A 19 3.85 -7.53 4.51
CA LEU A 19 4.04 -6.40 3.57
C LEU A 19 3.56 -5.11 4.23
N ALA A 20 2.69 -5.22 5.19
CA ALA A 20 2.20 -4.00 5.89
C ALA A 20 3.33 -3.39 6.71
N PHE A 21 4.25 -4.20 7.14
CA PHE A 21 5.40 -3.67 7.94
C PHE A 21 6.40 -2.99 7.01
N LYS A 22 6.75 -3.64 5.93
CA LYS A 22 7.72 -3.02 4.98
C LYS A 22 7.12 -1.72 4.42
N LEU A 23 5.85 -1.70 4.20
CA LEU A 23 5.20 -0.47 3.65
C LEU A 23 4.96 0.52 4.79
N ALA A 24 4.59 0.03 5.94
CA ALA A 24 4.34 0.95 7.10
C ALA A 24 5.68 1.51 7.60
N ALA A 25 6.72 0.73 7.57
CA ALA A 25 8.03 1.22 8.05
C ALA A 25 8.60 2.23 7.03
N ARG A 26 7.96 2.36 5.91
CA ARG A 26 8.46 3.31 4.88
C ARG A 26 7.64 4.59 4.91
N GLY A 27 6.89 4.81 5.96
CA GLY A 27 6.07 6.05 6.05
C GLY A 27 4.64 5.77 5.57
N VAL A 28 4.47 4.72 4.81
CA VAL A 28 3.10 4.39 4.32
C VAL A 28 2.38 3.54 5.37
N CYS A 29 2.03 4.14 6.47
CA CYS A 29 1.33 3.37 7.55
C CYS A 29 -0.17 3.36 7.26
N THR A 30 -0.60 4.01 6.22
CA THR A 30 -2.06 4.03 5.92
C THR A 30 -2.28 3.72 4.44
N LEU A 31 -3.41 3.16 4.10
CA LEU A 31 -3.69 2.84 2.68
C LEU A 31 -3.56 4.12 1.85
N GLU A 32 -4.01 5.23 2.37
CA GLU A 32 -3.90 6.51 1.62
C GLU A 32 -2.43 6.79 1.34
N ASP A 33 -1.59 6.59 2.32
CA ASP A 33 -0.14 6.83 2.10
C ASP A 33 0.33 6.00 0.92
N LEU A 34 -0.19 4.81 0.78
CA LEU A 34 0.21 3.93 -0.36
C LEU A 34 -0.34 4.52 -1.66
N ALA A 35 -1.55 5.00 -1.64
CA ALA A 35 -2.14 5.59 -2.88
C ALA A 35 -1.24 6.71 -3.38
N GLU A 36 -0.44 7.26 -2.51
CA GLU A 36 0.46 8.38 -2.93
C GLU A 36 1.79 7.80 -3.42
N GLN A 37 2.02 6.53 -3.21
CA GLN A 37 3.29 5.92 -3.68
C GLN A 37 3.19 5.59 -5.16
N GLY A 38 4.31 5.42 -5.81
CA GLY A 38 4.28 5.10 -7.28
C GLY A 38 4.92 3.73 -7.51
N ILE A 39 4.57 3.08 -8.58
CA ILE A 39 5.16 1.73 -8.86
C ILE A 39 6.67 1.79 -8.71
N ASP A 40 7.29 2.83 -9.18
CA ASP A 40 8.78 2.95 -9.06
C ASP A 40 9.17 3.11 -7.60
N ASP A 41 8.38 3.82 -6.84
CA ASP A 41 8.73 4.02 -5.40
C ASP A 41 8.55 2.70 -4.65
N LEU A 42 7.52 1.97 -4.95
CA LEU A 42 7.29 0.68 -4.25
C LEU A 42 8.16 -0.41 -4.89
N ALA A 43 8.64 -0.17 -6.08
CA ALA A 43 9.50 -1.19 -6.76
C ALA A 43 10.56 -1.68 -5.78
N ASP A 44 11.06 -0.81 -4.94
CA ASP A 44 12.09 -1.23 -3.96
C ASP A 44 11.48 -2.21 -2.97
N ILE A 45 10.20 -2.17 -2.79
CA ILE A 45 9.55 -3.10 -1.84
C ILE A 45 9.80 -4.54 -2.29
N GLU A 46 9.67 -5.49 -1.39
CA GLU A 46 9.91 -6.90 -1.77
C GLU A 46 8.55 -7.63 -1.90
N GLY A 47 8.41 -8.46 -2.89
CA GLY A 47 7.13 -9.20 -3.06
C GLY A 47 6.20 -8.38 -3.95
N LEU A 48 6.65 -7.26 -4.44
CA LEU A 48 5.78 -6.43 -5.32
C LEU A 48 6.42 -6.31 -6.71
N THR A 49 5.63 -6.45 -7.74
CA THR A 49 6.20 -6.35 -9.12
C THR A 49 5.80 -5.00 -9.73
N ASP A 50 6.36 -4.68 -10.88
CA ASP A 50 6.02 -3.39 -11.53
C ASP A 50 4.53 -3.39 -11.92
N GLU A 51 4.04 -4.49 -12.40
CA GLU A 51 2.60 -4.55 -12.78
C GLU A 51 1.74 -4.67 -11.52
N LYS A 52 2.13 -5.52 -10.61
CA LYS A 52 1.34 -5.67 -9.36
C LYS A 52 1.33 -4.34 -8.60
N ALA A 53 2.43 -3.64 -8.61
CA ALA A 53 2.49 -2.34 -7.90
C ALA A 53 1.50 -1.37 -8.53
N GLY A 54 1.40 -1.37 -9.83
CA GLY A 54 0.44 -0.44 -10.51
C GLY A 54 -0.98 -0.82 -10.08
N ALA A 55 -1.23 -2.09 -9.88
CA ALA A 55 -2.58 -2.52 -9.45
C ALA A 55 -2.73 -2.28 -7.95
N LEU A 56 -1.84 -2.84 -7.17
CA LEU A 56 -1.90 -2.65 -5.69
C LEU A 56 -2.06 -1.15 -5.40
N ILE A 57 -1.12 -0.36 -5.85
CA ILE A 57 -1.21 1.10 -5.62
C ILE A 57 -2.53 1.63 -6.15
N MET A 58 -2.98 1.10 -7.26
CA MET A 58 -4.28 1.55 -7.83
C MET A 58 -5.42 0.97 -7.00
N ALA A 59 -5.20 -0.15 -6.38
CA ALA A 59 -6.28 -0.76 -5.55
C ALA A 59 -6.52 0.15 -4.35
N ALA A 60 -5.47 0.63 -3.75
CA ALA A 60 -5.63 1.55 -2.58
C ALA A 60 -6.13 2.90 -3.09
N ARG A 61 -5.60 3.34 -4.20
CA ARG A 61 -6.05 4.64 -4.77
C ARG A 61 -7.53 4.53 -5.14
N ASN A 62 -7.90 3.42 -5.69
CA ASN A 62 -9.34 3.22 -6.07
C ASN A 62 -10.21 3.26 -4.81
N ILE A 63 -9.69 2.78 -3.71
CA ILE A 63 -10.48 2.78 -2.45
C ILE A 63 -10.35 4.13 -1.77
N CYS A 64 -9.17 4.68 -1.73
CA CYS A 64 -8.98 6.00 -1.06
C CYS A 64 -9.39 7.13 -2.02
N TRP A 65 -9.20 6.94 -3.29
CA TRP A 65 -9.58 8.00 -4.26
C TRP A 65 -10.75 7.51 -5.12
N PHE A 66 -10.48 6.72 -6.13
CA PHE A 66 -11.56 6.22 -7.01
C PHE A 66 -11.94 7.30 -8.02
N GLY A 67 -12.27 8.47 -7.55
CA GLY A 67 -12.66 9.57 -8.47
C GLY A 67 -12.97 10.83 -7.65
N ASP A 68 -13.38 11.88 -8.30
CA ASP A 68 -13.70 13.13 -7.56
C ASP A 68 -14.73 12.83 -6.48
N GLU A 69 -15.66 11.95 -6.76
CA GLU A 69 -16.69 11.60 -5.75
C GLU A 69 -16.08 10.73 -4.65
N ALA A 70 -16.51 10.90 -3.43
CA ALA A 70 -15.95 10.08 -2.32
C ALA A 70 -16.62 8.70 -2.31
N GLY A 1 11.18 -0.02 13.79
CA GLY A 1 9.84 -0.27 13.19
C GLY A 1 8.77 0.46 14.01
N ASP A 2 8.87 1.76 14.11
CA ASP A 2 7.85 2.53 14.89
C ASP A 2 6.66 2.86 13.99
N ASN A 3 6.64 2.35 12.79
CA ASN A 3 5.51 2.64 11.87
C ASN A 3 4.63 1.39 11.73
N LYS A 4 3.33 1.54 11.83
CA LYS A 4 2.45 0.35 11.71
C LYS A 4 1.47 0.56 10.54
N PRO A 5 1.12 -0.52 9.85
CA PRO A 5 0.18 -0.47 8.71
C PRO A 5 -1.26 -0.26 9.16
N ALA A 6 -2.00 0.55 8.46
CA ALA A 6 -3.41 0.80 8.84
C ALA A 6 -4.26 -0.41 8.48
N ASP A 7 -5.40 -0.57 9.10
CA ASP A 7 -6.27 -1.74 8.77
C ASP A 7 -6.48 -1.81 7.26
N ASP A 8 -6.61 -0.69 6.61
CA ASP A 8 -6.81 -0.71 5.13
C ASP A 8 -5.57 -1.30 4.46
N LEU A 9 -4.42 -1.01 4.98
CA LEU A 9 -3.16 -1.55 4.38
C LEU A 9 -2.96 -2.98 4.87
N LEU A 10 -3.32 -3.25 6.09
CA LEU A 10 -3.15 -4.62 6.65
C LEU A 10 -4.16 -5.57 6.02
N ASN A 11 -5.39 -5.14 5.90
CA ASN A 11 -6.44 -6.01 5.30
C ASN A 11 -6.38 -5.90 3.78
N LEU A 12 -5.47 -5.12 3.26
CA LEU A 12 -5.37 -4.98 1.78
C LEU A 12 -4.95 -6.31 1.16
N GLU A 13 -5.69 -6.80 0.21
CA GLU A 13 -5.34 -8.10 -0.43
C GLU A 13 -3.98 -8.01 -1.11
N GLY A 14 -3.56 -6.82 -1.48
CA GLY A 14 -2.24 -6.67 -2.14
C GLY A 14 -1.14 -6.58 -1.08
N VAL A 15 -1.49 -6.21 0.12
CA VAL A 15 -0.47 -6.10 1.20
C VAL A 15 -0.77 -7.14 2.27
N ASP A 16 0.10 -8.10 2.43
CA ASP A 16 -0.14 -9.14 3.47
C ASP A 16 0.17 -8.55 4.84
N ARG A 17 -0.13 -9.27 5.89
CA ARG A 17 0.16 -8.73 7.24
C ARG A 17 1.63 -8.33 7.30
N ASP A 18 2.49 -9.19 6.83
CA ASP A 18 3.94 -8.88 6.84
C ASP A 18 4.24 -7.73 5.88
N LEU A 19 3.73 -7.79 4.68
CA LEU A 19 3.99 -6.70 3.71
C LEU A 19 3.47 -5.38 4.29
N ALA A 20 2.46 -5.45 5.09
CA ALA A 20 1.91 -4.20 5.71
C ALA A 20 2.99 -3.55 6.56
N PHE A 21 3.86 -4.34 7.15
CA PHE A 21 4.94 -3.75 7.98
C PHE A 21 6.00 -3.15 7.06
N LYS A 22 6.52 -3.93 6.15
CA LYS A 22 7.54 -3.39 5.22
C LYS A 22 6.94 -2.17 4.50
N LEU A 23 5.69 -2.23 4.17
CA LEU A 23 5.02 -1.09 3.50
C LEU A 23 4.79 0.03 4.52
N ALA A 24 4.35 -0.33 5.70
CA ALA A 24 4.11 0.69 6.76
C ALA A 24 5.46 1.25 7.22
N ALA A 25 6.48 0.44 7.21
CA ALA A 25 7.82 0.91 7.65
C ALA A 25 8.40 1.87 6.61
N ARG A 26 7.72 2.03 5.51
CA ARG A 26 8.24 2.96 4.45
C ARG A 26 7.52 4.30 4.55
N GLY A 27 6.86 4.55 5.65
CA GLY A 27 6.14 5.85 5.79
C GLY A 27 4.67 5.67 5.38
N VAL A 28 4.37 4.61 4.67
CA VAL A 28 2.98 4.37 4.25
C VAL A 28 2.25 3.56 5.33
N CYS A 29 1.89 4.18 6.42
CA CYS A 29 1.20 3.45 7.51
C CYS A 29 -0.30 3.36 7.22
N THR A 30 -0.77 4.05 6.22
CA THR A 30 -2.22 3.99 5.90
C THR A 30 -2.43 3.77 4.41
N LEU A 31 -3.53 3.21 4.03
CA LEU A 31 -3.80 2.98 2.58
C LEU A 31 -3.68 4.30 1.83
N GLU A 32 -4.20 5.36 2.40
CA GLU A 32 -4.13 6.68 1.74
C GLU A 32 -2.65 7.02 1.48
N ASP A 33 -1.80 6.72 2.42
CA ASP A 33 -0.36 7.00 2.23
C ASP A 33 0.16 6.16 1.05
N LEU A 34 -0.38 5.00 0.87
CA LEU A 34 0.07 4.13 -0.26
C LEU A 34 -0.44 4.73 -1.57
N ALA A 35 -1.60 5.30 -1.56
CA ALA A 35 -2.14 5.91 -2.80
C ALA A 35 -1.20 7.00 -3.29
N GLU A 36 -0.46 7.59 -2.39
CA GLU A 36 0.48 8.67 -2.79
C GLU A 36 1.80 8.05 -3.28
N GLN A 37 1.97 6.77 -3.09
CA GLN A 37 3.23 6.12 -3.54
C GLN A 37 3.13 5.81 -5.04
N GLY A 38 4.25 5.57 -5.67
CA GLY A 38 4.23 5.27 -7.12
C GLY A 38 4.87 3.89 -7.35
N ILE A 39 4.53 3.24 -8.43
CA ILE A 39 5.12 1.90 -8.69
C ILE A 39 6.63 1.95 -8.52
N ASP A 40 7.25 2.99 -9.00
CA ASP A 40 8.73 3.10 -8.87
C ASP A 40 9.13 3.13 -7.40
N ASP A 41 8.36 3.80 -6.58
CA ASP A 41 8.69 3.87 -5.13
C ASP A 41 8.53 2.49 -4.49
N LEU A 42 7.40 1.86 -4.71
CA LEU A 42 7.19 0.51 -4.12
C LEU A 42 8.06 -0.51 -4.84
N ALA A 43 8.39 -0.27 -6.08
CA ALA A 43 9.24 -1.23 -6.83
C ALA A 43 10.50 -1.54 -6.03
N ASP A 44 10.97 -0.59 -5.27
CA ASP A 44 12.20 -0.82 -4.46
C ASP A 44 11.93 -1.94 -3.44
N ILE A 45 10.70 -2.11 -3.05
CA ILE A 45 10.37 -3.17 -2.05
C ILE A 45 10.67 -4.54 -2.67
N GLU A 46 10.83 -5.54 -1.84
CA GLU A 46 11.13 -6.91 -2.38
C GLU A 46 9.81 -7.68 -2.53
N GLY A 47 9.70 -8.47 -3.56
CA GLY A 47 8.45 -9.25 -3.76
C GLY A 47 7.41 -8.38 -4.47
N LEU A 48 7.75 -7.16 -4.79
CA LEU A 48 6.78 -6.26 -5.48
C LEU A 48 7.12 -6.21 -6.98
N THR A 49 6.14 -6.43 -7.82
CA THR A 49 6.40 -6.41 -9.28
C THR A 49 5.77 -5.15 -9.88
N ASP A 50 6.10 -4.84 -11.11
CA ASP A 50 5.51 -3.63 -11.76
C ASP A 50 3.99 -3.78 -11.85
N GLU A 51 3.53 -4.98 -12.11
CA GLU A 51 2.06 -5.19 -12.21
C GLU A 51 1.46 -5.13 -10.80
N LYS A 52 2.04 -5.82 -9.87
CA LYS A 52 1.51 -5.80 -8.47
C LYS A 52 1.56 -4.36 -7.95
N ALA A 53 2.60 -3.64 -8.26
CA ALA A 53 2.70 -2.24 -7.79
C ALA A 53 1.49 -1.45 -8.29
N GLY A 54 1.16 -1.60 -9.54
CA GLY A 54 -0.02 -0.87 -10.09
C GLY A 54 -1.27 -1.33 -9.35
N ALA A 55 -1.78 -2.48 -9.70
CA ALA A 55 -3.00 -3.00 -9.03
C ALA A 55 -2.92 -2.73 -7.53
N LEU A 56 -1.79 -2.94 -6.93
CA LEU A 56 -1.64 -2.70 -5.47
C LEU A 56 -1.87 -1.20 -5.19
N ILE A 57 -0.96 -0.37 -5.63
CA ILE A 57 -1.13 1.10 -5.40
C ILE A 57 -2.45 1.55 -6.00
N MET A 58 -2.88 0.90 -7.04
CA MET A 58 -4.17 1.29 -7.69
C MET A 58 -5.33 0.87 -6.80
N ALA A 59 -5.16 -0.18 -6.04
CA ALA A 59 -6.26 -0.65 -5.15
C ALA A 59 -6.44 0.36 -4.01
N ALA A 60 -5.36 0.95 -3.57
CA ALA A 60 -5.48 1.95 -2.47
C ALA A 60 -6.02 3.25 -3.05
N ARG A 61 -5.56 3.63 -4.21
CA ARG A 61 -6.06 4.88 -4.84
C ARG A 61 -7.51 4.68 -5.25
N ASN A 62 -7.82 3.54 -5.80
CA ASN A 62 -9.22 3.27 -6.23
C ASN A 62 -10.15 3.33 -5.02
N ILE A 63 -9.68 2.89 -3.88
CA ILE A 63 -10.54 2.91 -2.66
C ILE A 63 -10.42 4.27 -1.96
N CYS A 64 -9.26 4.85 -1.97
CA CYS A 64 -9.08 6.16 -1.29
C CYS A 64 -9.55 7.29 -2.21
N TRP A 65 -9.39 7.13 -3.49
CA TRP A 65 -9.83 8.19 -4.45
C TRP A 65 -11.23 7.85 -4.96
N PHE A 66 -11.32 7.04 -5.99
CA PHE A 66 -12.65 6.68 -6.54
C PHE A 66 -13.61 6.38 -5.39
N GLY A 67 -13.13 5.75 -4.36
CA GLY A 67 -14.00 5.41 -3.20
C GLY A 67 -14.66 6.69 -2.68
N ASP A 68 -14.00 7.81 -2.78
CA ASP A 68 -14.58 9.09 -2.29
C ASP A 68 -15.90 9.36 -3.01
N GLU A 69 -15.98 9.00 -4.27
CA GLU A 69 -17.25 9.25 -5.03
C GLU A 69 -18.41 8.52 -4.33
N ALA A 70 -18.15 7.39 -3.74
CA ALA A 70 -19.24 6.64 -3.06
C ALA A 70 -19.17 6.91 -1.55
N GLY A 1 11.30 4.47 13.05
CA GLY A 1 10.73 3.40 12.17
C GLY A 1 9.78 2.52 13.00
N ASP A 2 9.65 1.27 12.64
CA ASP A 2 8.75 0.37 13.39
C ASP A 2 7.33 0.93 13.39
N ASN A 3 6.91 1.48 12.27
CA ASN A 3 5.53 2.05 12.20
C ASN A 3 4.55 0.95 11.81
N LYS A 4 3.36 0.97 12.37
CA LYS A 4 2.36 -0.08 12.02
C LYS A 4 1.40 0.47 10.97
N PRO A 5 1.04 -0.37 9.99
CA PRO A 5 0.13 0.02 8.91
C PRO A 5 -1.33 0.10 9.39
N ALA A 6 -2.14 0.85 8.70
CA ALA A 6 -3.57 0.98 9.11
C ALA A 6 -4.33 -0.28 8.70
N ASP A 7 -5.37 -0.62 9.41
CA ASP A 7 -6.15 -1.83 9.06
C ASP A 7 -6.48 -1.82 7.57
N ASP A 8 -6.72 -0.66 7.01
CA ASP A 8 -7.04 -0.59 5.56
C ASP A 8 -5.87 -1.17 4.77
N LEU A 9 -4.68 -0.84 5.15
CA LEU A 9 -3.49 -1.38 4.43
C LEU A 9 -3.26 -2.82 4.85
N LEU A 10 -3.34 -3.07 6.14
CA LEU A 10 -3.13 -4.45 6.65
C LEU A 10 -4.14 -5.40 6.00
N ASN A 11 -5.38 -5.02 5.97
CA ASN A 11 -6.43 -5.89 5.37
C ASN A 11 -6.42 -5.71 3.85
N LEU A 12 -5.55 -4.89 3.33
CA LEU A 12 -5.51 -4.69 1.86
C LEU A 12 -5.17 -6.01 1.17
N GLU A 13 -6.01 -6.47 0.28
CA GLU A 13 -5.75 -7.75 -0.42
C GLU A 13 -4.40 -7.69 -1.15
N GLY A 14 -3.97 -6.52 -1.53
CA GLY A 14 -2.67 -6.40 -2.25
C GLY A 14 -1.52 -6.32 -1.24
N VAL A 15 -1.82 -6.10 0.00
CA VAL A 15 -0.73 -6.01 1.02
C VAL A 15 -0.91 -7.11 2.07
N ASP A 16 0.07 -7.98 2.18
CA ASP A 16 -0.02 -9.08 3.18
C ASP A 16 0.42 -8.54 4.54
N ARG A 17 0.51 -9.39 5.52
CA ARG A 17 0.94 -8.92 6.87
C ARG A 17 2.36 -8.37 6.76
N ASP A 18 3.22 -9.06 6.10
CA ASP A 18 4.63 -8.58 5.96
C ASP A 18 4.66 -7.25 5.19
N LEU A 19 4.14 -7.23 4.00
CA LEU A 19 4.16 -5.95 3.22
C LEU A 19 3.57 -4.84 4.08
N ALA A 20 2.63 -5.17 4.92
CA ALA A 20 2.02 -4.14 5.80
C ALA A 20 3.13 -3.49 6.62
N PHE A 21 4.07 -4.27 7.08
CA PHE A 21 5.19 -3.69 7.88
C PHE A 21 6.18 -3.05 6.91
N LYS A 22 6.37 -3.66 5.77
CA LYS A 22 7.31 -3.09 4.77
C LYS A 22 6.77 -1.74 4.29
N LEU A 23 5.48 -1.64 4.15
CA LEU A 23 4.88 -0.35 3.69
C LEU A 23 4.77 0.60 4.89
N ALA A 24 4.42 0.10 6.03
CA ALA A 24 4.30 0.98 7.22
C ALA A 24 5.69 1.47 7.64
N ALA A 25 6.68 0.64 7.48
CA ALA A 25 8.06 1.06 7.86
C ALA A 25 8.55 2.14 6.91
N ARG A 26 7.93 2.28 5.77
CA ARG A 26 8.37 3.32 4.80
C ARG A 26 7.55 4.60 5.02
N GLY A 27 6.90 4.72 6.15
CA GLY A 27 6.09 5.93 6.43
C GLY A 27 4.72 5.78 5.76
N VAL A 28 4.54 4.77 4.95
CA VAL A 28 3.23 4.58 4.28
C VAL A 28 2.39 3.60 5.10
N CYS A 29 2.03 3.96 6.29
CA CYS A 29 1.22 3.05 7.15
C CYS A 29 -0.27 3.23 6.85
N THR A 30 -0.63 4.21 6.05
CA THR A 30 -2.07 4.42 5.76
C THR A 30 -2.35 4.09 4.29
N LEU A 31 -3.47 3.49 4.01
CA LEU A 31 -3.79 3.15 2.60
C LEU A 31 -3.60 4.39 1.73
N GLU A 32 -3.99 5.54 2.23
CA GLU A 32 -3.82 6.78 1.44
C GLU A 32 -2.33 6.99 1.17
N ASP A 33 -1.50 6.74 2.14
CA ASP A 33 -0.04 6.91 1.95
C ASP A 33 0.42 5.99 0.81
N LEU A 34 -0.13 4.81 0.73
CA LEU A 34 0.26 3.87 -0.35
C LEU A 34 -0.32 4.36 -1.68
N ALA A 35 -1.53 4.83 -1.67
CA ALA A 35 -2.14 5.33 -2.94
C ALA A 35 -1.29 6.47 -3.49
N GLU A 36 -0.56 7.15 -2.65
CA GLU A 36 0.28 8.27 -3.13
C GLU A 36 1.64 7.74 -3.62
N GLN A 37 1.90 6.48 -3.41
CA GLN A 37 3.22 5.92 -3.85
C GLN A 37 3.15 5.57 -5.33
N GLY A 38 4.28 5.44 -5.96
CA GLY A 38 4.30 5.08 -7.40
C GLY A 38 4.94 3.70 -7.59
N ILE A 39 4.79 3.11 -8.73
CA ILE A 39 5.38 1.76 -8.96
C ILE A 39 6.88 1.79 -8.63
N ASP A 40 7.54 2.86 -8.95
CA ASP A 40 9.01 2.95 -8.65
C ASP A 40 9.23 3.10 -7.15
N ASP A 41 8.35 3.80 -6.48
CA ASP A 41 8.52 3.98 -5.01
C ASP A 41 8.37 2.63 -4.30
N LEU A 42 7.39 1.86 -4.68
CA LEU A 42 7.21 0.53 -4.02
C LEU A 42 8.18 -0.47 -4.63
N ALA A 43 8.80 -0.14 -5.73
CA ALA A 43 9.77 -1.09 -6.35
C ALA A 43 10.81 -1.52 -5.32
N ASP A 44 10.95 -0.78 -4.25
CA ASP A 44 11.93 -1.16 -3.21
C ASP A 44 11.33 -2.22 -2.29
N ILE A 45 10.15 -2.69 -2.60
CA ILE A 45 9.52 -3.73 -1.74
C ILE A 45 9.85 -5.12 -2.30
N GLU A 46 9.74 -6.12 -1.47
CA GLU A 46 10.05 -7.51 -1.94
C GLU A 46 8.74 -8.22 -2.30
N GLY A 47 8.73 -8.95 -3.39
CA GLY A 47 7.50 -9.67 -3.80
C GLY A 47 6.57 -8.70 -4.56
N LEU A 48 7.06 -7.53 -4.89
CA LEU A 48 6.20 -6.56 -5.63
C LEU A 48 6.75 -6.39 -7.05
N THR A 49 5.91 -6.58 -8.04
CA THR A 49 6.38 -6.43 -9.45
C THR A 49 5.95 -5.06 -9.99
N ASP A 50 6.44 -4.69 -11.14
CA ASP A 50 6.06 -3.38 -11.72
C ASP A 50 4.56 -3.38 -12.03
N GLU A 51 4.05 -4.46 -12.53
CA GLU A 51 2.59 -4.53 -12.85
C GLU A 51 1.82 -4.67 -11.53
N LYS A 52 2.26 -5.55 -10.67
CA LYS A 52 1.55 -5.73 -9.37
C LYS A 52 1.56 -4.41 -8.61
N ALA A 53 2.66 -3.70 -8.64
CA ALA A 53 2.73 -2.40 -7.93
C ALA A 53 1.64 -1.48 -8.48
N GLY A 54 1.45 -1.46 -9.77
CA GLY A 54 0.40 -0.58 -10.36
C GLY A 54 -0.97 -1.00 -9.84
N ALA A 55 -1.15 -2.26 -9.58
CA ALA A 55 -2.47 -2.75 -9.06
C ALA A 55 -2.57 -2.41 -7.57
N LEU A 56 -1.58 -2.77 -6.79
CA LEU A 56 -1.64 -2.47 -5.34
C LEU A 56 -1.85 -0.97 -5.15
N ILE A 57 -1.04 -0.15 -5.78
CA ILE A 57 -1.21 1.32 -5.65
C ILE A 57 -2.59 1.71 -6.17
N MET A 58 -3.04 1.05 -7.21
CA MET A 58 -4.37 1.36 -7.77
C MET A 58 -5.46 0.79 -6.87
N ALA A 59 -5.19 -0.31 -6.22
CA ALA A 59 -6.20 -0.93 -5.32
C ALA A 59 -6.44 0.03 -4.14
N ALA A 60 -5.39 0.55 -3.58
CA ALA A 60 -5.55 1.49 -2.45
C ALA A 60 -6.10 2.81 -2.98
N ARG A 61 -5.66 3.22 -4.14
CA ARG A 61 -6.16 4.48 -4.72
C ARG A 61 -7.65 4.32 -5.01
N ASN A 62 -8.02 3.21 -5.57
CA ASN A 62 -9.45 2.96 -5.88
C ASN A 62 -10.26 2.92 -4.59
N ILE A 63 -9.68 2.44 -3.52
CA ILE A 63 -10.41 2.37 -2.23
C ILE A 63 -10.29 3.70 -1.50
N CYS A 64 -9.14 4.33 -1.58
CA CYS A 64 -8.96 5.63 -0.88
C CYS A 64 -9.57 6.75 -1.72
N TRP A 65 -9.60 6.58 -3.01
CA TRP A 65 -10.18 7.63 -3.90
C TRP A 65 -11.62 7.26 -4.26
N PHE A 66 -11.80 6.46 -5.26
CA PHE A 66 -13.17 6.05 -5.67
C PHE A 66 -13.89 5.46 -4.45
N GLY A 67 -13.19 4.71 -3.66
CA GLY A 67 -13.82 4.10 -2.46
C GLY A 67 -14.72 2.94 -2.87
N ASP A 68 -14.43 2.32 -3.98
CA ASP A 68 -15.27 1.18 -4.45
C ASP A 68 -15.01 -0.04 -3.57
N GLU A 69 -16.03 -0.72 -3.15
CA GLU A 69 -15.84 -1.92 -2.29
C GLU A 69 -15.11 -3.00 -3.10
N ALA A 70 -15.38 -3.10 -4.37
CA ALA A 70 -14.72 -4.13 -5.20
C ALA A 70 -13.76 -3.45 -6.19
N GLY A 1 9.87 5.98 14.26
CA GLY A 1 8.59 5.45 14.80
C GLY A 1 8.29 4.09 14.16
N ASP A 2 7.63 3.22 14.87
CA ASP A 2 7.31 1.88 14.29
C ASP A 2 6.54 2.06 12.97
N ASN A 3 5.67 3.03 12.91
CA ASN A 3 4.90 3.26 11.65
C ASN A 3 4.12 1.99 11.30
N LYS A 4 3.35 1.49 12.22
CA LYS A 4 2.57 0.25 11.93
C LYS A 4 1.58 0.51 10.79
N PRO A 5 1.25 -0.54 10.02
CA PRO A 5 0.32 -0.43 8.90
C PRO A 5 -1.13 -0.25 9.35
N ALA A 6 -1.89 0.54 8.65
CA ALA A 6 -3.31 0.75 9.05
C ALA A 6 -4.14 -0.47 8.65
N ASP A 7 -5.25 -0.67 9.31
CA ASP A 7 -6.12 -1.85 8.97
C ASP A 7 -6.36 -1.89 7.47
N ASP A 8 -6.51 -0.76 6.83
CA ASP A 8 -6.74 -0.76 5.36
C ASP A 8 -5.54 -1.38 4.66
N LEU A 9 -4.36 -1.08 5.12
CA LEU A 9 -3.14 -1.66 4.48
C LEU A 9 -2.96 -3.09 4.97
N LEU A 10 -3.25 -3.34 6.21
CA LEU A 10 -3.09 -4.71 6.76
C LEU A 10 -4.15 -5.64 6.15
N ASN A 11 -5.34 -5.15 6.00
CA ASN A 11 -6.43 -5.99 5.41
C ASN A 11 -6.41 -5.86 3.90
N LEU A 12 -5.49 -5.09 3.37
CA LEU A 12 -5.42 -4.93 1.89
C LEU A 12 -5.08 -6.27 1.24
N GLU A 13 -5.88 -6.72 0.31
CA GLU A 13 -5.60 -8.03 -0.34
C GLU A 13 -4.24 -7.99 -1.04
N GLY A 14 -3.76 -6.82 -1.38
CA GLY A 14 -2.44 -6.74 -2.06
C GLY A 14 -1.31 -6.61 -1.02
N VAL A 15 -1.65 -6.25 0.19
CA VAL A 15 -0.61 -6.11 1.24
C VAL A 15 -0.88 -7.12 2.35
N ASP A 16 -0.03 -8.09 2.51
CA ASP A 16 -0.24 -9.09 3.58
C ASP A 16 0.15 -8.47 4.92
N ARG A 17 -0.08 -9.16 6.00
CA ARG A 17 0.27 -8.59 7.33
C ARG A 17 1.75 -8.24 7.32
N ASP A 18 2.57 -9.12 6.80
CA ASP A 18 4.03 -8.85 6.76
C ASP A 18 4.33 -7.70 5.80
N LEU A 19 3.79 -7.74 4.60
CA LEU A 19 4.05 -6.64 3.64
C LEU A 19 3.57 -5.32 4.23
N ALA A 20 2.60 -5.38 5.09
CA ALA A 20 2.08 -4.13 5.72
C ALA A 20 3.18 -3.51 6.58
N PHE A 21 4.03 -4.33 7.13
CA PHE A 21 5.13 -3.79 7.99
C PHE A 21 6.18 -3.15 7.08
N LYS A 22 6.59 -3.83 6.05
CA LYS A 22 7.61 -3.25 5.12
C LYS A 22 7.03 -1.99 4.46
N LEU A 23 5.74 -1.94 4.30
CA LEU A 23 5.11 -0.75 3.67
C LEU A 23 4.88 0.31 4.75
N ALA A 24 4.43 -0.10 5.90
CA ALA A 24 4.18 0.89 7.00
C ALA A 24 5.52 1.41 7.52
N ALA A 25 6.53 0.59 7.53
CA ALA A 25 7.86 1.03 8.03
C ALA A 25 8.44 2.06 7.06
N ARG A 26 7.85 2.21 5.91
CA ARG A 26 8.38 3.19 4.92
C ARG A 26 7.56 4.48 4.96
N GLY A 27 6.78 4.67 6.00
CA GLY A 27 5.97 5.91 6.08
C GLY A 27 4.53 5.62 5.65
N VAL A 28 4.33 4.63 4.82
CA VAL A 28 2.96 4.29 4.38
C VAL A 28 2.25 3.52 5.48
N CYS A 29 1.88 4.20 6.53
CA CYS A 29 1.20 3.52 7.67
C CYS A 29 -0.29 3.38 7.37
N THR A 30 -0.77 3.93 6.29
CA THR A 30 -2.21 3.81 5.97
C THR A 30 -2.41 3.58 4.47
N LEU A 31 -3.55 3.08 4.09
CA LEU A 31 -3.81 2.84 2.65
C LEU A 31 -3.68 4.16 1.88
N GLU A 32 -4.15 5.22 2.46
CA GLU A 32 -4.06 6.55 1.78
C GLU A 32 -2.60 6.84 1.47
N ASP A 33 -1.71 6.49 2.37
CA ASP A 33 -0.27 6.73 2.12
C ASP A 33 0.19 5.87 0.94
N LEU A 34 -0.39 4.70 0.79
CA LEU A 34 -0.01 3.82 -0.33
C LEU A 34 -0.54 4.41 -1.64
N ALA A 35 -1.70 5.00 -1.61
CA ALA A 35 -2.27 5.59 -2.85
C ALA A 35 -1.34 6.71 -3.34
N GLU A 36 -0.57 7.28 -2.45
CA GLU A 36 0.35 8.37 -2.85
C GLU A 36 1.66 7.78 -3.37
N GLN A 37 1.86 6.49 -3.18
CA GLN A 37 3.11 5.86 -3.68
C GLN A 37 3.01 5.59 -5.17
N GLY A 38 4.11 5.39 -5.82
CA GLY A 38 4.09 5.12 -7.28
C GLY A 38 4.80 3.79 -7.56
N ILE A 39 4.51 3.19 -8.68
CA ILE A 39 5.16 1.88 -9.00
C ILE A 39 6.66 1.96 -8.73
N ASP A 40 7.26 3.09 -8.98
CA ASP A 40 8.72 3.24 -8.74
C ASP A 40 9.01 3.25 -7.24
N ASP A 41 8.16 3.88 -6.46
CA ASP A 41 8.39 3.92 -5.00
C ASP A 41 8.25 2.51 -4.42
N LEU A 42 7.25 1.79 -4.84
CA LEU A 42 7.04 0.41 -4.31
C LEU A 42 8.07 -0.53 -4.95
N ALA A 43 8.54 -0.19 -6.12
CA ALA A 43 9.54 -1.07 -6.80
C ALA A 43 10.70 -1.37 -5.84
N ASP A 44 11.02 -0.45 -4.98
CA ASP A 44 12.13 -0.68 -4.02
C ASP A 44 11.75 -1.82 -3.07
N ILE A 45 10.48 -2.03 -2.85
CA ILE A 45 10.06 -3.12 -1.93
C ILE A 45 10.41 -4.47 -2.54
N GLU A 46 10.54 -5.48 -1.72
CA GLU A 46 10.88 -6.82 -2.25
C GLU A 46 9.59 -7.63 -2.43
N GLY A 47 9.47 -8.34 -3.53
CA GLY A 47 8.24 -9.13 -3.75
C GLY A 47 7.21 -8.29 -4.50
N LEU A 48 7.55 -7.08 -4.83
CA LEU A 48 6.59 -6.19 -5.56
C LEU A 48 7.02 -6.09 -7.03
N THR A 49 6.12 -6.36 -7.93
CA THR A 49 6.47 -6.29 -9.38
C THR A 49 5.82 -5.05 -9.99
N ASP A 50 6.18 -4.72 -11.21
CA ASP A 50 5.59 -3.51 -11.85
C ASP A 50 4.08 -3.72 -12.00
N GLU A 51 3.68 -4.88 -12.47
CA GLU A 51 2.22 -5.14 -12.65
C GLU A 51 1.54 -5.18 -11.27
N LYS A 52 2.15 -5.82 -10.32
CA LYS A 52 1.54 -5.88 -8.96
C LYS A 52 1.41 -4.47 -8.40
N ALA A 53 2.44 -3.68 -8.52
CA ALA A 53 2.37 -2.28 -8.01
C ALA A 53 1.24 -1.53 -8.70
N GLY A 54 1.07 -1.75 -9.98
CA GLY A 54 -0.02 -1.05 -10.71
C GLY A 54 -1.37 -1.38 -10.06
N ALA A 55 -1.59 -2.60 -9.69
CA ALA A 55 -2.88 -2.96 -9.05
C ALA A 55 -2.85 -2.60 -7.57
N LEU A 56 -1.85 -3.04 -6.86
CA LEU A 56 -1.76 -2.70 -5.41
C LEU A 56 -1.91 -1.19 -5.23
N ILE A 57 -1.09 -0.43 -5.89
CA ILE A 57 -1.17 1.05 -5.77
C ILE A 57 -2.49 1.55 -6.36
N MET A 58 -3.01 0.86 -7.34
CA MET A 58 -4.29 1.30 -7.96
C MET A 58 -5.46 0.85 -7.09
N ALA A 59 -5.31 -0.24 -6.38
CA ALA A 59 -6.42 -0.72 -5.51
C ALA A 59 -6.59 0.25 -4.35
N ALA A 60 -5.50 0.68 -3.77
CA ALA A 60 -5.60 1.64 -2.63
C ALA A 60 -6.02 3.01 -3.17
N ARG A 61 -5.48 3.39 -4.29
CA ARG A 61 -5.85 4.70 -4.89
C ARG A 61 -7.33 4.67 -5.28
N ASN A 62 -7.76 3.58 -5.85
CA ASN A 62 -9.19 3.46 -6.25
C ASN A 62 -10.08 3.61 -5.02
N ILE A 63 -9.62 3.13 -3.90
CA ILE A 63 -10.44 3.23 -2.66
C ILE A 63 -10.18 4.57 -1.96
N CYS A 64 -8.95 5.01 -1.95
CA CYS A 64 -8.64 6.30 -1.28
C CYS A 64 -8.99 7.47 -2.21
N TRP A 65 -8.78 7.31 -3.49
CA TRP A 65 -9.10 8.40 -4.44
C TRP A 65 -10.52 8.23 -4.97
N PHE A 66 -10.69 7.44 -5.98
CA PHE A 66 -12.05 7.22 -6.55
C PHE A 66 -13.02 6.89 -5.41
N GLY A 67 -12.58 6.11 -4.46
CA GLY A 67 -13.45 5.75 -3.32
C GLY A 67 -13.58 6.94 -2.36
N ASP A 68 -14.74 7.14 -1.79
CA ASP A 68 -14.92 8.28 -0.86
C ASP A 68 -14.11 8.02 0.42
N GLU A 69 -13.47 9.04 0.93
CA GLU A 69 -12.66 8.85 2.16
C GLU A 69 -13.58 8.47 3.33
N ALA A 70 -14.79 8.98 3.32
CA ALA A 70 -15.74 8.64 4.42
C ALA A 70 -15.35 9.42 5.67
N GLY A 1 3.26 5.35 17.33
CA GLY A 1 3.65 4.33 16.31
C GLY A 1 3.02 4.69 14.96
N ASP A 2 3.19 5.91 14.52
CA ASP A 2 2.60 6.32 13.22
C ASP A 2 3.11 5.39 12.12
N ASN A 3 4.35 4.97 12.20
CA ASN A 3 4.89 4.06 11.16
C ASN A 3 3.99 2.83 11.02
N LYS A 4 3.45 2.35 12.11
CA LYS A 4 2.57 1.16 12.04
C LYS A 4 1.53 1.34 10.92
N PRO A 5 1.29 0.27 10.15
CA PRO A 5 0.34 0.30 9.03
C PRO A 5 -1.12 0.33 9.52
N ALA A 6 -1.96 1.07 8.85
CA ALA A 6 -3.38 1.16 9.27
C ALA A 6 -4.12 -0.14 8.91
N ASP A 7 -5.20 -0.43 9.57
CA ASP A 7 -5.95 -1.68 9.29
C ASP A 7 -6.34 -1.72 7.80
N ASP A 8 -6.57 -0.58 7.19
CA ASP A 8 -6.96 -0.59 5.75
C ASP A 8 -5.87 -1.30 4.94
N LEU A 9 -4.64 -1.13 5.33
CA LEU A 9 -3.52 -1.78 4.58
C LEU A 9 -3.41 -3.24 5.03
N LEU A 10 -3.40 -3.47 6.30
CA LEU A 10 -3.29 -4.86 6.83
C LEU A 10 -4.44 -5.70 6.29
N ASN A 11 -5.63 -5.16 6.27
CA ASN A 11 -6.80 -5.93 5.75
C ASN A 11 -6.87 -5.81 4.23
N LEU A 12 -5.96 -5.10 3.64
CA LEU A 12 -5.98 -4.96 2.15
C LEU A 12 -5.61 -6.31 1.51
N GLU A 13 -6.43 -6.79 0.63
CA GLU A 13 -6.12 -8.10 -0.01
C GLU A 13 -4.79 -8.03 -0.76
N GLY A 14 -4.37 -6.85 -1.14
CA GLY A 14 -3.07 -6.73 -1.86
C GLY A 14 -1.92 -6.65 -0.86
N VAL A 15 -2.20 -6.29 0.36
CA VAL A 15 -1.11 -6.19 1.37
C VAL A 15 -1.42 -7.12 2.54
N ASP A 16 -0.58 -8.10 2.77
CA ASP A 16 -0.82 -9.03 3.90
C ASP A 16 -0.41 -8.35 5.20
N ARG A 17 -0.65 -8.98 6.31
CA ARG A 17 -0.27 -8.35 7.61
C ARG A 17 1.23 -8.05 7.60
N ASP A 18 2.01 -8.98 7.11
CA ASP A 18 3.49 -8.76 7.08
C ASP A 18 3.83 -7.65 6.07
N LEU A 19 3.25 -7.69 4.90
CA LEU A 19 3.56 -6.62 3.91
C LEU A 19 3.22 -5.26 4.51
N ALA A 20 2.21 -5.20 5.31
CA ALA A 20 1.83 -3.90 5.94
C ALA A 20 3.03 -3.33 6.69
N PHE A 21 3.86 -4.20 7.22
CA PHE A 21 5.06 -3.71 7.97
C PHE A 21 6.10 -3.21 6.96
N LYS A 22 6.34 -3.97 5.93
CA LYS A 22 7.33 -3.54 4.91
C LYS A 22 6.90 -2.20 4.31
N LEU A 23 5.61 -1.98 4.23
CA LEU A 23 5.11 -0.70 3.67
C LEU A 23 5.08 0.36 4.78
N ALA A 24 4.65 -0.03 5.95
CA ALA A 24 4.60 0.94 7.09
C ALA A 24 6.02 1.36 7.46
N ALA A 25 6.95 0.46 7.36
CA ALA A 25 8.36 0.81 7.71
C ALA A 25 8.89 1.83 6.70
N ARG A 26 8.16 2.05 5.64
CA ARG A 26 8.63 3.03 4.62
C ARG A 26 7.86 4.36 4.78
N GLY A 27 7.21 4.54 5.90
CA GLY A 27 6.45 5.81 6.12
C GLY A 27 5.01 5.62 5.62
N VAL A 28 4.79 4.67 4.76
CA VAL A 28 3.41 4.43 4.24
C VAL A 28 2.72 3.39 5.12
N CYS A 29 1.85 3.83 5.99
CA CYS A 29 1.15 2.87 6.88
C CYS A 29 -0.35 2.91 6.60
N THR A 30 -0.87 4.04 6.23
CA THR A 30 -2.33 4.14 5.94
C THR A 30 -2.59 3.94 4.46
N LEU A 31 -3.67 3.32 4.12
CA LEU A 31 -3.99 3.10 2.68
C LEU A 31 -3.76 4.40 1.91
N GLU A 32 -4.15 5.50 2.49
CA GLU A 32 -3.95 6.82 1.81
C GLU A 32 -2.46 7.03 1.55
N ASP A 33 -1.63 6.73 2.52
CA ASP A 33 -0.16 6.90 2.33
C ASP A 33 0.27 6.12 1.09
N LEU A 34 -0.26 4.95 0.91
CA LEU A 34 0.13 4.13 -0.28
C LEU A 34 -0.45 4.76 -1.55
N ALA A 35 -1.65 5.26 -1.49
CA ALA A 35 -2.27 5.89 -2.69
C ALA A 35 -1.36 6.99 -3.21
N GLU A 36 -0.60 7.61 -2.35
CA GLU A 36 0.31 8.70 -2.79
C GLU A 36 1.63 8.10 -3.28
N GLN A 37 1.84 6.82 -3.09
CA GLN A 37 3.11 6.20 -3.55
C GLN A 37 3.02 5.87 -5.04
N GLY A 38 4.14 5.65 -5.68
CA GLY A 38 4.12 5.33 -7.13
C GLY A 38 4.76 3.96 -7.34
N ILE A 39 4.44 3.30 -8.43
CA ILE A 39 5.02 1.96 -8.70
C ILE A 39 6.55 2.02 -8.50
N ASP A 40 7.16 3.09 -8.91
CA ASP A 40 8.64 3.21 -8.76
C ASP A 40 9.01 3.26 -7.27
N ASP A 41 8.21 3.95 -6.49
CA ASP A 41 8.50 4.04 -5.03
C ASP A 41 8.41 2.65 -4.40
N LEU A 42 7.35 1.94 -4.66
CA LEU A 42 7.21 0.57 -4.07
C LEU A 42 8.07 -0.41 -4.85
N ALA A 43 8.39 -0.09 -6.09
CA ALA A 43 9.23 -1.01 -6.90
C ALA A 43 10.49 -1.39 -6.12
N ASP A 44 10.98 -0.52 -5.28
CA ASP A 44 12.20 -0.84 -4.49
C ASP A 44 11.91 -2.03 -3.57
N ILE A 45 10.68 -2.20 -3.19
CA ILE A 45 10.34 -3.34 -2.30
C ILE A 45 10.70 -4.66 -2.99
N GLU A 46 10.91 -5.70 -2.22
CA GLU A 46 11.27 -7.02 -2.81
C GLU A 46 9.99 -7.85 -2.97
N GLY A 47 9.86 -8.52 -4.08
CA GLY A 47 8.64 -9.36 -4.30
C GLY A 47 7.57 -8.52 -5.00
N LEU A 48 7.88 -7.29 -5.33
CA LEU A 48 6.88 -6.42 -6.01
C LEU A 48 7.32 -6.18 -7.45
N THR A 49 6.44 -6.41 -8.40
CA THR A 49 6.81 -6.19 -9.82
C THR A 49 6.20 -4.87 -10.31
N ASP A 50 6.57 -4.45 -11.49
CA ASP A 50 6.01 -3.18 -12.04
C ASP A 50 4.50 -3.33 -12.23
N GLU A 51 4.07 -4.46 -12.72
CA GLU A 51 2.60 -4.67 -12.92
C GLU A 51 1.92 -4.85 -11.56
N LYS A 52 2.51 -5.63 -10.69
CA LYS A 52 1.91 -5.83 -9.35
C LYS A 52 1.83 -4.49 -8.62
N ALA A 53 2.86 -3.70 -8.71
CA ALA A 53 2.85 -2.37 -8.04
C ALA A 53 1.72 -1.51 -8.63
N GLY A 54 1.49 -1.63 -9.90
CA GLY A 54 0.41 -0.82 -10.54
C GLY A 54 -0.94 -1.22 -9.95
N ALA A 55 -1.12 -2.47 -9.65
CA ALA A 55 -2.42 -2.92 -9.06
C ALA A 55 -2.44 -2.61 -7.57
N LEU A 56 -1.45 -3.06 -6.85
CA LEU A 56 -1.41 -2.79 -5.38
C LEU A 56 -1.63 -1.29 -5.14
N ILE A 57 -0.80 -0.47 -5.69
CA ILE A 57 -0.95 1.00 -5.49
C ILE A 57 -2.28 1.46 -6.08
N MET A 58 -2.71 0.85 -7.14
CA MET A 58 -4.00 1.26 -7.77
C MET A 58 -5.16 0.70 -6.95
N ALA A 59 -4.97 -0.41 -6.30
CA ALA A 59 -6.07 -0.99 -5.47
C ALA A 59 -6.37 -0.05 -4.31
N ALA A 60 -5.35 0.44 -3.67
CA ALA A 60 -5.57 1.38 -2.53
C ALA A 60 -6.04 2.73 -3.07
N ARG A 61 -5.41 3.19 -4.13
CA ARG A 61 -5.81 4.49 -4.72
C ARG A 61 -7.28 4.39 -5.15
N ASN A 62 -7.66 3.28 -5.72
CA ASN A 62 -9.06 3.09 -6.16
C ASN A 62 -9.98 3.07 -4.94
N ILE A 63 -9.47 2.61 -3.81
CA ILE A 63 -10.32 2.54 -2.60
C ILE A 63 -10.39 3.93 -1.94
N CYS A 64 -9.36 4.71 -2.07
CA CYS A 64 -9.36 6.07 -1.45
C CYS A 64 -9.77 7.10 -2.51
N TRP A 65 -9.64 6.78 -3.76
CA TRP A 65 -10.02 7.76 -4.82
C TRP A 65 -11.36 7.36 -5.44
N PHE A 66 -11.33 6.56 -6.46
CA PHE A 66 -12.61 6.13 -7.11
C PHE A 66 -13.57 5.62 -6.04
N GLY A 67 -13.08 4.84 -5.12
CA GLY A 67 -13.97 4.29 -4.06
C GLY A 67 -14.85 5.42 -3.51
N ASP A 68 -16.09 5.45 -3.90
CA ASP A 68 -17.00 6.52 -3.40
C ASP A 68 -17.72 6.03 -2.13
N GLU A 69 -17.45 6.63 -1.01
CA GLU A 69 -18.12 6.19 0.24
C GLU A 69 -19.18 7.22 0.66
N ALA A 70 -20.19 6.79 1.37
CA ALA A 70 -21.25 7.74 1.80
C ALA A 70 -21.08 8.04 3.29
N GLY A 1 2.10 2.69 18.00
CA GLY A 1 2.07 2.74 16.51
C GLY A 1 3.41 2.26 15.96
N ASP A 2 4.47 2.95 16.25
CA ASP A 2 5.80 2.53 15.74
C ASP A 2 5.75 2.43 14.21
N ASN A 3 5.18 3.40 13.56
CA ASN A 3 5.09 3.37 12.08
C ASN A 3 4.37 2.09 11.64
N LYS A 4 3.35 1.70 12.35
CA LYS A 4 2.61 0.45 11.97
C LYS A 4 1.61 0.79 10.87
N PRO A 5 1.32 -0.19 10.01
CA PRO A 5 0.37 -0.02 8.90
C PRO A 5 -1.07 0.09 9.40
N ALA A 6 -1.89 0.85 8.71
CA ALA A 6 -3.31 1.00 9.15
C ALA A 6 -4.10 -0.24 8.73
N ASP A 7 -5.17 -0.52 9.41
CA ASP A 7 -6.00 -1.71 9.06
C ASP A 7 -6.30 -1.71 7.57
N ASP A 8 -6.51 -0.56 6.99
CA ASP A 8 -6.81 -0.51 5.54
C ASP A 8 -5.64 -1.13 4.76
N LEU A 9 -4.44 -0.86 5.19
CA LEU A 9 -3.25 -1.43 4.49
C LEU A 9 -3.08 -2.89 4.90
N LEU A 10 -3.24 -3.17 6.16
CA LEU A 10 -3.09 -4.57 6.64
C LEU A 10 -4.18 -5.46 6.04
N ASN A 11 -5.38 -4.96 5.98
CA ASN A 11 -6.50 -5.78 5.41
C ASN A 11 -6.52 -5.66 3.89
N LEU A 12 -5.61 -4.90 3.32
CA LEU A 12 -5.59 -4.76 1.84
C LEU A 12 -5.29 -6.12 1.20
N GLU A 13 -6.09 -6.52 0.26
CA GLU A 13 -5.87 -7.85 -0.41
C GLU A 13 -4.49 -7.88 -1.05
N GLY A 14 -3.98 -6.76 -1.46
CA GLY A 14 -2.63 -6.74 -2.09
C GLY A 14 -1.57 -6.61 -1.01
N VAL A 15 -1.97 -6.58 0.23
CA VAL A 15 -0.97 -6.45 1.33
C VAL A 15 -1.33 -7.39 2.48
N ASP A 16 -0.45 -8.30 2.80
CA ASP A 16 -0.73 -9.25 3.92
C ASP A 16 -0.42 -8.53 5.24
N ARG A 17 -0.73 -9.15 6.34
CA ARG A 17 -0.43 -8.50 7.65
C ARG A 17 1.06 -8.18 7.71
N ASP A 18 1.88 -9.08 7.25
CA ASP A 18 3.35 -8.86 7.28
C ASP A 18 3.74 -7.81 6.23
N LEU A 19 3.23 -7.92 5.04
CA LEU A 19 3.59 -6.92 3.99
C LEU A 19 3.18 -5.52 4.46
N ALA A 20 2.21 -5.44 5.33
CA ALA A 20 1.78 -4.10 5.82
C ALA A 20 2.93 -3.47 6.62
N PHE A 21 3.79 -4.27 7.16
CA PHE A 21 4.94 -3.70 7.94
C PHE A 21 5.99 -3.21 6.95
N LYS A 22 6.34 -4.01 5.99
CA LYS A 22 7.35 -3.57 4.99
C LYS A 22 6.84 -2.29 4.32
N LEU A 23 5.55 -2.20 4.11
CA LEU A 23 4.98 -0.98 3.48
C LEU A 23 4.87 0.11 4.54
N ALA A 24 4.45 -0.25 5.73
CA ALA A 24 4.33 0.76 6.82
C ALA A 24 5.73 1.24 7.21
N ALA A 25 6.70 0.39 7.10
CA ALA A 25 8.09 0.81 7.46
C ALA A 25 8.64 1.75 6.38
N ARG A 26 7.93 1.85 5.28
CA ARG A 26 8.41 2.74 4.18
C ARG A 26 7.69 4.09 4.27
N GLY A 27 7.06 4.37 5.37
CA GLY A 27 6.34 5.67 5.51
C GLY A 27 4.89 5.47 5.07
N VAL A 28 4.61 4.42 4.36
CA VAL A 28 3.23 4.17 3.90
C VAL A 28 2.52 3.28 4.91
N CYS A 29 2.13 3.82 6.03
CA CYS A 29 1.44 3.01 7.06
C CYS A 29 -0.06 2.94 6.76
N THR A 30 -0.62 3.99 6.24
CA THR A 30 -2.08 3.96 5.95
C THR A 30 -2.31 3.64 4.47
N LEU A 31 -3.40 3.02 4.16
CA LEU A 31 -3.70 2.69 2.73
C LEU A 31 -3.61 3.97 1.90
N GLU A 32 -4.07 5.07 2.43
CA GLU A 32 -4.00 6.35 1.69
C GLU A 32 -2.54 6.65 1.36
N ASP A 33 -1.66 6.39 2.30
CA ASP A 33 -0.22 6.65 2.06
C ASP A 33 0.22 5.90 0.80
N LEU A 34 -0.31 4.72 0.59
CA LEU A 34 0.08 3.93 -0.62
C LEU A 34 -0.52 4.58 -1.86
N ALA A 35 -1.72 5.07 -1.78
CA ALA A 35 -2.35 5.72 -2.96
C ALA A 35 -1.45 6.84 -3.47
N GLU A 36 -0.58 7.34 -2.63
CA GLU A 36 0.32 8.44 -3.06
C GLU A 36 1.66 7.88 -3.55
N GLN A 37 1.90 6.61 -3.34
CA GLN A 37 3.18 6.00 -3.79
C GLN A 37 3.07 5.64 -5.27
N GLY A 38 4.19 5.48 -5.93
CA GLY A 38 4.16 5.12 -7.38
C GLY A 38 4.85 3.77 -7.58
N ILE A 39 4.54 3.10 -8.65
CA ILE A 39 5.18 1.78 -8.92
C ILE A 39 6.69 1.89 -8.80
N ASP A 40 7.24 3.00 -9.22
CA ASP A 40 8.72 3.18 -9.13
C ASP A 40 9.13 3.35 -7.67
N ASP A 41 8.32 4.03 -6.89
CA ASP A 41 8.67 4.23 -5.46
C ASP A 41 8.57 2.90 -4.72
N LEU A 42 7.52 2.15 -4.96
CA LEU A 42 7.38 0.83 -4.28
C LEU A 42 8.39 -0.16 -4.86
N ALA A 43 8.86 0.09 -6.06
CA ALA A 43 9.84 -0.83 -6.68
C ALA A 43 10.95 -1.16 -5.68
N ASP A 44 11.28 -0.22 -4.82
CA ASP A 44 12.35 -0.49 -3.82
C ASP A 44 11.94 -1.67 -2.94
N ILE A 45 10.67 -1.88 -2.76
CA ILE A 45 10.22 -3.02 -1.91
C ILE A 45 10.66 -4.34 -2.56
N GLU A 46 10.61 -5.41 -1.81
CA GLU A 46 11.03 -6.72 -2.38
C GLU A 46 9.80 -7.62 -2.51
N GLY A 47 9.70 -8.37 -3.59
CA GLY A 47 8.53 -9.26 -3.78
C GLY A 47 7.43 -8.50 -4.52
N LEU A 48 7.70 -7.28 -4.91
CA LEU A 48 6.68 -6.50 -5.65
C LEU A 48 7.14 -6.30 -7.10
N THR A 49 6.23 -6.35 -8.03
CA THR A 49 6.61 -6.16 -9.45
C THR A 49 6.05 -4.82 -9.97
N ASP A 50 6.52 -4.39 -11.11
CA ASP A 50 6.03 -3.10 -11.67
C ASP A 50 4.52 -3.19 -11.92
N GLU A 51 4.06 -4.29 -12.44
CA GLU A 51 2.60 -4.44 -12.69
C GLU A 51 1.88 -4.67 -11.37
N LYS A 52 2.40 -5.54 -10.54
CA LYS A 52 1.76 -5.80 -9.23
C LYS A 52 1.71 -4.52 -8.41
N ALA A 53 2.76 -3.75 -8.44
CA ALA A 53 2.78 -2.47 -7.67
C ALA A 53 1.72 -1.53 -8.24
N GLY A 54 1.54 -1.53 -9.53
CA GLY A 54 0.52 -0.64 -10.15
C GLY A 54 -0.86 -1.04 -9.65
N ALA A 55 -1.06 -2.30 -9.35
CA ALA A 55 -2.39 -2.75 -8.86
C ALA A 55 -2.52 -2.43 -7.38
N LEU A 56 -1.59 -2.87 -6.57
CA LEU A 56 -1.66 -2.58 -5.11
C LEU A 56 -1.90 -1.08 -4.90
N ILE A 57 -1.09 -0.25 -5.50
CA ILE A 57 -1.28 1.22 -5.34
C ILE A 57 -2.63 1.62 -5.94
N MET A 58 -3.01 1.01 -7.04
CA MET A 58 -4.31 1.36 -7.66
C MET A 58 -5.44 0.82 -6.78
N ALA A 59 -5.23 -0.29 -6.13
CA ALA A 59 -6.28 -0.85 -5.25
C ALA A 59 -6.52 0.12 -4.09
N ALA A 60 -5.47 0.70 -3.59
CA ALA A 60 -5.63 1.67 -2.47
C ALA A 60 -6.13 3.00 -3.04
N ARG A 61 -5.67 3.36 -4.21
CA ARG A 61 -6.12 4.62 -4.84
C ARG A 61 -7.61 4.50 -5.17
N ASN A 62 -8.01 3.37 -5.67
CA ASN A 62 -9.44 3.17 -6.02
C ASN A 62 -10.28 3.25 -4.75
N ILE A 63 -9.80 2.69 -3.67
CA ILE A 63 -10.57 2.74 -2.40
C ILE A 63 -10.39 4.10 -1.73
N CYS A 64 -9.20 4.63 -1.77
CA CYS A 64 -8.95 5.96 -1.14
C CYS A 64 -9.54 7.07 -2.01
N TRP A 65 -9.51 6.88 -3.31
CA TRP A 65 -10.05 7.93 -4.22
C TRP A 65 -11.49 7.57 -4.61
N PHE A 66 -11.66 6.72 -5.58
CA PHE A 66 -13.02 6.33 -6.00
C PHE A 66 -13.86 5.98 -4.77
N GLY A 67 -13.24 5.38 -3.79
CA GLY A 67 -13.98 5.00 -2.56
C GLY A 67 -14.77 6.20 -2.04
N ASP A 68 -15.42 6.04 -0.91
CA ASP A 68 -16.21 7.18 -0.35
C ASP A 68 -15.31 8.08 0.48
N GLU A 69 -14.03 7.84 0.46
CA GLU A 69 -13.10 8.70 1.26
C GLU A 69 -13.35 10.17 0.93
N ALA A 70 -13.71 10.46 -0.30
CA ALA A 70 -13.97 11.87 -0.67
C ALA A 70 -15.44 12.21 -0.40
N GLY A 1 7.67 0.29 17.46
CA GLY A 1 6.76 0.28 16.29
C GLY A 1 6.08 1.65 16.17
N ASP A 2 6.85 2.70 16.08
CA ASP A 2 6.26 4.06 15.96
C ASP A 2 5.38 4.11 14.70
N ASN A 3 5.76 3.44 13.66
CA ASN A 3 4.95 3.45 12.41
C ASN A 3 4.28 2.09 12.22
N LYS A 4 2.99 2.07 12.01
CA LYS A 4 2.28 0.77 11.82
C LYS A 4 1.32 0.90 10.63
N PRO A 5 1.03 -0.24 9.97
CA PRO A 5 0.14 -0.26 8.81
C PRO A 5 -1.33 -0.03 9.22
N ALA A 6 -2.06 0.74 8.46
CA ALA A 6 -3.48 0.99 8.80
C ALA A 6 -4.32 -0.23 8.46
N ASP A 7 -5.38 -0.47 9.18
CA ASP A 7 -6.23 -1.66 8.90
C ASP A 7 -6.62 -1.68 7.43
N ASP A 8 -6.77 -0.52 6.82
CA ASP A 8 -7.16 -0.49 5.38
C ASP A 8 -6.09 -1.23 4.57
N LEU A 9 -4.85 -0.99 4.87
CA LEU A 9 -3.76 -1.68 4.13
C LEU A 9 -3.59 -3.09 4.69
N LEU A 10 -3.46 -3.18 5.99
CA LEU A 10 -3.31 -4.52 6.63
C LEU A 10 -4.36 -5.47 6.07
N ASN A 11 -5.57 -5.01 5.97
CA ASN A 11 -6.67 -5.87 5.44
C ASN A 11 -6.67 -5.81 3.91
N LEU A 12 -5.72 -5.11 3.33
CA LEU A 12 -5.66 -5.02 1.84
C LEU A 12 -5.30 -6.38 1.25
N GLU A 13 -6.16 -6.93 0.43
CA GLU A 13 -5.88 -8.25 -0.19
C GLU A 13 -4.54 -8.20 -0.93
N GLY A 14 -4.10 -7.03 -1.31
CA GLY A 14 -2.80 -6.93 -2.04
C GLY A 14 -1.65 -6.77 -1.05
N VAL A 15 -1.96 -6.43 0.18
CA VAL A 15 -0.87 -6.26 1.20
C VAL A 15 -1.07 -7.26 2.33
N ASP A 16 -0.12 -8.13 2.55
CA ASP A 16 -0.23 -9.11 3.64
C ASP A 16 0.15 -8.45 4.96
N ARG A 17 -0.08 -9.10 6.06
CA ARG A 17 0.27 -8.49 7.37
C ARG A 17 1.75 -8.09 7.32
N ASP A 18 2.57 -8.93 6.76
CA ASP A 18 4.02 -8.62 6.68
C ASP A 18 4.25 -7.41 5.77
N LEU A 19 3.76 -7.44 4.56
CA LEU A 19 3.95 -6.28 3.65
C LEU A 19 3.45 -5.02 4.35
N ALA A 20 2.45 -5.16 5.17
CA ALA A 20 1.92 -3.98 5.90
C ALA A 20 3.07 -3.34 6.66
N PHE A 21 3.92 -4.14 7.23
CA PHE A 21 5.09 -3.58 7.97
C PHE A 21 6.12 -3.09 6.95
N LYS A 22 6.21 -3.78 5.85
CA LYS A 22 7.17 -3.37 4.79
C LYS A 22 6.67 -2.07 4.15
N LEU A 23 5.37 -1.90 4.08
CA LEU A 23 4.81 -0.67 3.48
C LEU A 23 4.66 0.39 4.58
N ALA A 24 4.29 -0.02 5.76
CA ALA A 24 4.13 0.97 6.86
C ALA A 24 5.50 1.48 7.30
N ALA A 25 6.51 0.66 7.18
CA ALA A 25 7.88 1.09 7.58
C ALA A 25 8.39 2.15 6.60
N ARG A 26 7.78 2.28 5.46
CA ARG A 26 8.24 3.29 4.47
C ARG A 26 7.48 4.59 4.69
N GLY A 27 6.88 4.77 5.83
CA GLY A 27 6.13 6.02 6.10
C GLY A 27 4.70 5.85 5.60
N VAL A 28 4.44 4.78 4.89
CA VAL A 28 3.06 4.55 4.36
C VAL A 28 2.27 3.74 5.40
N CYS A 29 1.90 4.35 6.48
CA CYS A 29 1.13 3.62 7.54
C CYS A 29 -0.35 3.59 7.20
N THR A 30 -0.79 4.39 6.26
CA THR A 30 -2.24 4.40 5.93
C THR A 30 -2.44 4.02 4.46
N LEU A 31 -3.56 3.42 4.15
CA LEU A 31 -3.82 3.04 2.73
C LEU A 31 -3.66 4.27 1.84
N GLU A 32 -4.09 5.42 2.31
CA GLU A 32 -3.94 6.65 1.49
C GLU A 32 -2.47 6.90 1.23
N ASP A 33 -1.66 6.75 2.24
CA ASP A 33 -0.20 6.96 2.06
C ASP A 33 0.31 6.00 0.97
N LEU A 34 -0.28 4.84 0.89
CA LEU A 34 0.15 3.87 -0.15
C LEU A 34 -0.36 4.32 -1.52
N ALA A 35 -1.56 4.85 -1.55
CA ALA A 35 -2.12 5.32 -2.85
C ALA A 35 -1.25 6.45 -3.39
N GLU A 36 -0.53 7.11 -2.53
CA GLU A 36 0.33 8.23 -2.99
C GLU A 36 1.68 7.68 -3.48
N GLN A 37 1.92 6.41 -3.25
CA GLN A 37 3.21 5.82 -3.70
C GLN A 37 3.13 5.47 -5.18
N GLY A 38 4.25 5.30 -5.82
CA GLY A 38 4.25 4.95 -7.27
C GLY A 38 4.99 3.63 -7.47
N ILE A 39 4.89 3.05 -8.64
CA ILE A 39 5.59 1.76 -8.89
C ILE A 39 7.08 1.90 -8.58
N ASP A 40 7.64 3.04 -8.86
CA ASP A 40 9.09 3.25 -8.58
C ASP A 40 9.32 3.33 -7.06
N ASP A 41 8.40 3.93 -6.36
CA ASP A 41 8.56 4.04 -4.88
C ASP A 41 8.50 2.65 -4.26
N LEU A 42 7.60 1.82 -4.72
CA LEU A 42 7.49 0.45 -4.16
C LEU A 42 8.54 -0.45 -4.81
N ALA A 43 9.15 0.02 -5.87
CA ALA A 43 10.19 -0.82 -6.56
C ALA A 43 11.23 -1.28 -5.55
N ASP A 44 11.51 -0.47 -4.56
CA ASP A 44 12.52 -0.87 -3.54
C ASP A 44 12.03 -2.11 -2.80
N ILE A 45 10.74 -2.28 -2.67
CA ILE A 45 10.22 -3.47 -1.96
C ILE A 45 10.61 -4.74 -2.72
N GLU A 46 10.50 -5.88 -2.09
CA GLU A 46 10.86 -7.15 -2.77
C GLU A 46 9.61 -7.99 -2.98
N GLY A 47 9.48 -8.63 -4.11
CA GLY A 47 8.28 -9.47 -4.36
C GLY A 47 7.21 -8.62 -5.07
N LEU A 48 7.55 -7.41 -5.40
CA LEU A 48 6.57 -6.52 -6.08
C LEU A 48 6.99 -6.31 -7.54
N THR A 49 6.06 -6.23 -8.45
CA THR A 49 6.42 -6.02 -9.87
C THR A 49 5.74 -4.76 -10.39
N ASP A 50 6.18 -4.27 -11.53
CA ASP A 50 5.56 -3.04 -12.09
C ASP A 50 4.05 -3.25 -12.24
N GLU A 51 3.64 -4.38 -12.75
CA GLU A 51 2.19 -4.64 -12.92
C GLU A 51 1.54 -4.89 -11.55
N LYS A 52 2.14 -5.72 -10.75
CA LYS A 52 1.57 -6.01 -9.41
C LYS A 52 1.57 -4.72 -8.57
N ALA A 53 2.61 -3.94 -8.67
CA ALA A 53 2.66 -2.67 -7.89
C ALA A 53 1.61 -1.71 -8.43
N GLY A 54 1.38 -1.72 -9.72
CA GLY A 54 0.37 -0.81 -10.30
C GLY A 54 -1.02 -1.20 -9.75
N ALA A 55 -1.20 -2.45 -9.45
CA ALA A 55 -2.52 -2.90 -8.91
C ALA A 55 -2.58 -2.56 -7.42
N LEU A 56 -1.74 -3.16 -6.63
CA LEU A 56 -1.75 -2.86 -5.16
C LEU A 56 -1.88 -1.36 -4.95
N ILE A 57 -1.01 -0.60 -5.57
CA ILE A 57 -1.08 0.89 -5.43
C ILE A 57 -2.43 1.38 -5.96
N MET A 58 -2.92 0.76 -6.99
CA MET A 58 -4.23 1.18 -7.56
C MET A 58 -5.36 0.70 -6.63
N ALA A 59 -5.12 -0.37 -5.92
CA ALA A 59 -6.17 -0.90 -5.01
C ALA A 59 -6.38 0.11 -3.87
N ALA A 60 -5.32 0.65 -3.35
CA ALA A 60 -5.45 1.64 -2.25
C ALA A 60 -5.93 2.97 -2.84
N ARG A 61 -5.50 3.27 -4.03
CA ARG A 61 -5.93 4.54 -4.68
C ARG A 61 -7.42 4.45 -5.02
N ASN A 62 -7.83 3.33 -5.56
CA ASN A 62 -9.27 3.16 -5.92
C ASN A 62 -10.12 3.23 -4.65
N ILE A 63 -9.62 2.74 -3.56
CA ILE A 63 -10.41 2.77 -2.30
C ILE A 63 -10.20 4.11 -1.59
N CYS A 64 -9.01 4.62 -1.60
CA CYS A 64 -8.74 5.93 -0.92
C CYS A 64 -9.26 7.07 -1.80
N TRP A 65 -9.20 6.92 -3.09
CA TRP A 65 -9.68 8.00 -4.00
C TRP A 65 -11.12 7.72 -4.40
N PHE A 66 -11.32 6.91 -5.40
CA PHE A 66 -12.70 6.60 -5.85
C PHE A 66 -13.51 6.07 -4.67
N GLY A 67 -12.90 5.26 -3.85
CA GLY A 67 -13.61 4.69 -2.67
C GLY A 67 -13.68 5.74 -1.55
N ASP A 68 -14.77 5.79 -0.84
CA ASP A 68 -14.89 6.79 0.27
C ASP A 68 -14.39 6.17 1.57
N GLU A 69 -13.33 6.70 2.11
CA GLU A 69 -12.78 6.13 3.38
C GLU A 69 -13.89 6.14 4.45
N ALA A 70 -13.93 5.13 5.27
CA ALA A 70 -14.97 5.07 6.34
C ALA A 70 -14.61 6.05 7.45
N GLY A 1 8.32 -0.19 16.90
CA GLY A 1 7.94 0.26 15.53
C GLY A 1 7.01 1.46 15.63
N ASP A 2 7.55 2.65 15.69
CA ASP A 2 6.70 3.86 15.78
C ASP A 2 5.75 3.92 14.59
N ASN A 3 6.20 3.47 13.45
CA ASN A 3 5.31 3.49 12.24
C ASN A 3 4.64 2.13 12.07
N LYS A 4 3.36 2.10 11.86
CA LYS A 4 2.65 0.80 11.68
C LYS A 4 1.64 0.93 10.55
N PRO A 5 1.40 -0.17 9.83
CA PRO A 5 0.44 -0.20 8.70
C PRO A 5 -1.01 -0.08 9.18
N ALA A 6 -1.81 0.70 8.50
CA ALA A 6 -3.23 0.86 8.92
C ALA A 6 -4.03 -0.36 8.49
N ASP A 7 -5.12 -0.62 9.15
CA ASP A 7 -5.96 -1.80 8.79
C ASP A 7 -6.26 -1.79 7.29
N ASP A 8 -6.43 -0.63 6.72
CA ASP A 8 -6.74 -0.56 5.27
C ASP A 8 -5.58 -1.19 4.47
N LEU A 9 -4.38 -0.94 4.90
CA LEU A 9 -3.21 -1.52 4.19
C LEU A 9 -3.05 -2.99 4.56
N LEU A 10 -3.23 -3.30 5.82
CA LEU A 10 -3.09 -4.70 6.27
C LEU A 10 -4.22 -5.56 5.71
N ASN A 11 -5.40 -5.01 5.63
CA ASN A 11 -6.57 -5.79 5.12
C ASN A 11 -6.59 -5.73 3.58
N LEU A 12 -5.66 -5.05 2.99
CA LEU A 12 -5.64 -4.97 1.49
C LEU A 12 -5.37 -6.35 0.92
N GLU A 13 -6.23 -6.83 0.06
CA GLU A 13 -6.02 -8.18 -0.54
C GLU A 13 -4.64 -8.25 -1.23
N GLY A 14 -4.13 -7.14 -1.67
CA GLY A 14 -2.81 -7.15 -2.36
C GLY A 14 -1.68 -7.01 -1.33
N VAL A 15 -1.98 -6.67 -0.11
CA VAL A 15 -0.91 -6.52 0.91
C VAL A 15 -1.13 -7.51 2.05
N ASP A 16 -0.14 -8.31 2.34
CA ASP A 16 -0.27 -9.30 3.45
C ASP A 16 0.24 -8.68 4.74
N ARG A 17 0.25 -9.41 5.81
CA ARG A 17 0.75 -8.86 7.09
C ARG A 17 2.20 -8.41 6.90
N ASP A 18 2.98 -9.22 6.25
CA ASP A 18 4.41 -8.86 6.02
C ASP A 18 4.50 -7.58 5.19
N LEU A 19 3.98 -7.59 3.99
CA LEU A 19 4.04 -6.36 3.15
C LEU A 19 3.52 -5.19 3.97
N ALA A 20 2.60 -5.44 4.85
CA ALA A 20 2.06 -4.35 5.71
C ALA A 20 3.23 -3.67 6.41
N PHE A 21 4.21 -4.43 6.82
CA PHE A 21 5.39 -3.83 7.50
C PHE A 21 6.31 -3.26 6.42
N LYS A 22 6.42 -3.93 5.30
CA LYS A 22 7.28 -3.44 4.20
C LYS A 22 6.68 -2.14 3.66
N LEU A 23 5.38 -2.03 3.70
CA LEU A 23 4.71 -0.80 3.18
C LEU A 23 4.70 0.26 4.29
N ALA A 24 4.33 -0.12 5.49
CA ALA A 24 4.30 0.88 6.59
C ALA A 24 5.72 1.34 6.91
N ALA A 25 6.69 0.49 6.71
CA ALA A 25 8.09 0.87 6.99
C ALA A 25 8.53 1.96 5.99
N ARG A 26 7.72 2.24 5.01
CA ARG A 26 8.09 3.28 4.01
C ARG A 26 7.38 4.59 4.35
N GLY A 27 6.88 4.71 5.55
CA GLY A 27 6.17 5.97 5.93
C GLY A 27 4.71 5.88 5.49
N VAL A 28 4.35 4.85 4.78
CA VAL A 28 2.95 4.71 4.33
C VAL A 28 2.16 3.91 5.37
N CYS A 29 1.98 4.47 6.54
CA CYS A 29 1.23 3.74 7.60
C CYS A 29 -0.25 3.66 7.26
N THR A 30 -0.72 4.44 6.32
CA THR A 30 -2.17 4.38 5.98
C THR A 30 -2.34 4.03 4.51
N LEU A 31 -3.40 3.36 4.17
CA LEU A 31 -3.64 2.99 2.75
C LEU A 31 -3.62 4.28 1.91
N GLU A 32 -4.18 5.34 2.42
CA GLU A 32 -4.18 6.62 1.66
C GLU A 32 -2.72 7.00 1.37
N ASP A 33 -1.86 6.78 2.32
CA ASP A 33 -0.42 7.11 2.10
C ASP A 33 0.08 6.32 0.89
N LEU A 34 -0.44 5.14 0.70
CA LEU A 34 0.01 4.31 -0.46
C LEU A 34 -0.55 4.90 -1.75
N ALA A 35 -1.71 5.50 -1.69
CA ALA A 35 -2.30 6.10 -2.91
C ALA A 35 -1.35 7.18 -3.44
N GLU A 36 -0.53 7.71 -2.60
CA GLU A 36 0.42 8.77 -3.03
C GLU A 36 1.73 8.13 -3.48
N GLN A 37 1.89 6.84 -3.27
CA GLN A 37 3.14 6.17 -3.69
C GLN A 37 3.05 5.75 -5.15
N GLY A 38 4.15 5.50 -5.78
CA GLY A 38 4.13 5.08 -7.21
C GLY A 38 4.75 3.69 -7.34
N ILE A 39 4.57 3.05 -8.46
CA ILE A 39 5.15 1.68 -8.64
C ILE A 39 6.65 1.73 -8.38
N ASP A 40 7.30 2.80 -8.75
CA ASP A 40 8.77 2.89 -8.53
C ASP A 40 9.05 3.11 -7.05
N ASP A 41 8.19 3.83 -6.37
CA ASP A 41 8.42 4.08 -4.92
C ASP A 41 8.33 2.75 -4.15
N LEU A 42 7.39 1.92 -4.51
CA LEU A 42 7.25 0.61 -3.82
C LEU A 42 8.21 -0.40 -4.44
N ALA A 43 8.80 -0.06 -5.55
CA ALA A 43 9.75 -1.01 -6.22
C ALA A 43 10.85 -1.42 -5.24
N ASP A 44 11.20 -0.55 -4.34
CA ASP A 44 12.28 -0.89 -3.36
C ASP A 44 11.85 -2.10 -2.54
N ILE A 45 10.57 -2.29 -2.35
CA ILE A 45 10.11 -3.46 -1.55
C ILE A 45 10.58 -4.76 -2.22
N GLU A 46 10.55 -5.84 -1.50
CA GLU A 46 10.99 -7.14 -2.08
C GLU A 46 9.77 -8.05 -2.26
N GLY A 47 9.67 -8.70 -3.39
CA GLY A 47 8.50 -9.59 -3.63
C GLY A 47 7.41 -8.81 -4.36
N LEU A 48 7.62 -7.54 -4.59
CA LEU A 48 6.60 -6.72 -5.30
C LEU A 48 7.06 -6.47 -6.73
N THR A 49 6.17 -6.59 -7.68
CA THR A 49 6.57 -6.36 -9.10
C THR A 49 5.88 -5.09 -9.60
N ASP A 50 6.31 -4.58 -10.73
CA ASP A 50 5.69 -3.34 -11.28
C ASP A 50 4.19 -3.57 -11.46
N GLU A 51 3.81 -4.72 -11.96
CA GLU A 51 2.37 -5.00 -12.19
C GLU A 51 1.67 -5.15 -10.82
N LYS A 52 2.28 -5.85 -9.90
CA LYS A 52 1.66 -6.02 -8.57
C LYS A 52 1.49 -4.65 -7.90
N ALA A 53 2.50 -3.83 -7.97
CA ALA A 53 2.41 -2.48 -7.35
C ALA A 53 1.34 -1.66 -8.09
N GLY A 54 1.27 -1.80 -9.39
CA GLY A 54 0.26 -1.03 -10.16
C GLY A 54 -1.14 -1.34 -9.63
N ALA A 55 -1.40 -2.56 -9.29
CA ALA A 55 -2.75 -2.93 -8.77
C ALA A 55 -2.85 -2.55 -7.29
N LEU A 56 -1.86 -2.89 -6.51
CA LEU A 56 -1.90 -2.54 -5.06
C LEU A 56 -2.03 -1.03 -4.90
N ILE A 57 -1.15 -0.28 -5.52
CA ILE A 57 -1.24 1.20 -5.41
C ILE A 57 -2.54 1.67 -6.07
N MET A 58 -2.99 0.97 -7.06
CA MET A 58 -4.26 1.36 -7.73
C MET A 58 -5.44 0.94 -6.86
N ALA A 59 -5.30 -0.17 -6.17
CA ALA A 59 -6.42 -0.63 -5.28
C ALA A 59 -6.54 0.34 -4.11
N ALA A 60 -5.44 0.84 -3.63
CA ALA A 60 -5.49 1.79 -2.49
C ALA A 60 -5.98 3.15 -3.01
N ARG A 61 -5.52 3.55 -4.16
CA ARG A 61 -5.97 4.84 -4.73
C ARG A 61 -7.44 4.72 -5.12
N ASN A 62 -7.81 3.62 -5.71
CA ASN A 62 -9.24 3.43 -6.10
C ASN A 62 -10.13 3.41 -4.86
N ILE A 63 -9.64 2.85 -3.79
CA ILE A 63 -10.46 2.81 -2.54
C ILE A 63 -10.32 4.12 -1.77
N CYS A 64 -9.12 4.62 -1.67
CA CYS A 64 -8.91 5.89 -0.93
C CYS A 64 -9.49 7.06 -1.73
N TRP A 65 -9.40 7.00 -3.03
CA TRP A 65 -9.95 8.09 -3.88
C TRP A 65 -11.39 7.74 -4.29
N PHE A 66 -11.52 6.93 -5.31
CA PHE A 66 -12.89 6.54 -5.77
C PHE A 66 -13.66 5.92 -4.61
N GLY A 67 -12.98 5.16 -3.79
CA GLY A 67 -13.66 4.51 -2.64
C GLY A 67 -13.90 5.54 -1.54
N ASP A 68 -14.47 5.13 -0.44
CA ASP A 68 -14.73 6.08 0.67
C ASP A 68 -14.69 5.34 2.01
N GLU A 69 -14.83 6.04 3.10
CA GLU A 69 -14.80 5.36 4.42
C GLU A 69 -16.21 5.30 4.99
N ALA A 70 -16.48 4.31 5.81
CA ALA A 70 -17.85 4.19 6.39
C ALA A 70 -17.74 3.98 7.91
N GLY A 1 6.94 -2.10 13.53
CA GLY A 1 8.04 -1.27 14.13
C GLY A 1 7.47 0.09 14.54
N ASP A 2 8.28 1.11 14.46
CA ASP A 2 7.79 2.47 14.84
C ASP A 2 6.56 2.83 14.03
N ASN A 3 6.53 2.42 12.78
CA ASN A 3 5.35 2.74 11.93
C ASN A 3 4.50 1.48 11.74
N LYS A 4 3.21 1.59 11.81
CA LYS A 4 2.34 0.40 11.64
C LYS A 4 1.36 0.64 10.49
N PRO A 5 1.03 -0.42 9.74
CA PRO A 5 0.09 -0.32 8.61
C PRO A 5 -1.35 -0.15 9.08
N ALA A 6 -2.12 0.64 8.38
CA ALA A 6 -3.55 0.85 8.80
C ALA A 6 -4.37 -0.38 8.39
N ASP A 7 -5.45 -0.62 9.07
CA ASP A 7 -6.30 -1.80 8.73
C ASP A 7 -6.58 -1.81 7.23
N ASP A 8 -6.75 -0.65 6.64
CA ASP A 8 -7.01 -0.61 5.17
C ASP A 8 -5.83 -1.24 4.43
N LEU A 9 -4.64 -0.90 4.83
CA LEU A 9 -3.44 -1.47 4.17
C LEU A 9 -3.23 -2.90 4.67
N LEU A 10 -3.35 -3.09 5.95
CA LEU A 10 -3.16 -4.45 6.54
C LEU A 10 -4.14 -5.43 5.87
N ASN A 11 -5.38 -5.03 5.75
CA ASN A 11 -6.40 -5.92 5.13
C ASN A 11 -6.33 -5.80 3.61
N LEU A 12 -5.42 -5.01 3.11
CA LEU A 12 -5.32 -4.86 1.63
C LEU A 12 -5.00 -6.22 1.00
N GLU A 13 -5.84 -6.69 0.12
CA GLU A 13 -5.60 -8.01 -0.53
C GLU A 13 -4.24 -8.01 -1.22
N GLY A 14 -3.76 -6.88 -1.63
CA GLY A 14 -2.43 -6.82 -2.32
C GLY A 14 -1.32 -6.69 -1.28
N VAL A 15 -1.66 -6.41 -0.05
CA VAL A 15 -0.61 -6.27 1.01
C VAL A 15 -0.82 -7.34 2.08
N ASP A 16 0.09 -8.25 2.20
CA ASP A 16 -0.04 -9.32 3.22
C ASP A 16 0.32 -8.74 4.59
N ARG A 17 0.24 -9.53 5.62
CA ARG A 17 0.59 -9.03 6.97
C ARG A 17 2.03 -8.53 6.95
N ASP A 18 2.91 -9.30 6.38
CA ASP A 18 4.35 -8.89 6.31
C ASP A 18 4.49 -7.64 5.43
N LEU A 19 3.97 -7.68 4.24
CA LEU A 19 4.09 -6.48 3.35
C LEU A 19 3.53 -5.26 4.08
N ALA A 20 2.52 -5.47 4.89
CA ALA A 20 1.95 -4.33 5.65
C ALA A 20 3.07 -3.63 6.40
N PHE A 21 3.99 -4.39 6.92
CA PHE A 21 5.14 -3.78 7.65
C PHE A 21 6.11 -3.22 6.61
N LYS A 22 6.27 -3.92 5.52
CA LYS A 22 7.19 -3.43 4.44
C LYS A 22 6.61 -2.15 3.85
N LEU A 23 5.30 -2.05 3.82
CA LEU A 23 4.64 -0.84 3.26
C LEU A 23 4.55 0.21 4.37
N ALA A 24 4.22 -0.20 5.57
CA ALA A 24 4.12 0.76 6.70
C ALA A 24 5.51 1.28 7.05
N ALA A 25 6.52 0.48 6.87
CA ALA A 25 7.91 0.92 7.19
C ALA A 25 8.32 2.03 6.23
N ARG A 26 7.60 2.22 5.17
CA ARG A 26 7.96 3.29 4.19
C ARG A 26 7.22 4.57 4.55
N GLY A 27 6.72 4.68 5.74
CA GLY A 27 5.98 5.91 6.15
C GLY A 27 4.54 5.80 5.68
N VAL A 28 4.23 4.80 4.89
CA VAL A 28 2.84 4.62 4.40
C VAL A 28 2.04 3.82 5.42
N CYS A 29 1.76 4.40 6.56
CA CYS A 29 0.99 3.66 7.60
C CYS A 29 -0.50 3.61 7.24
N THR A 30 -0.94 4.45 6.34
CA THR A 30 -2.37 4.44 5.97
C THR A 30 -2.53 4.06 4.50
N LEU A 31 -3.61 3.40 4.16
CA LEU A 31 -3.82 3.02 2.74
C LEU A 31 -3.72 4.27 1.86
N GLU A 32 -4.21 5.37 2.33
CA GLU A 32 -4.13 6.63 1.54
C GLU A 32 -2.66 6.94 1.28
N ASP A 33 -1.85 6.80 2.27
CA ASP A 33 -0.40 7.08 2.10
C ASP A 33 0.11 6.27 0.90
N LEU A 34 -0.39 5.08 0.71
CA LEU A 34 0.06 4.25 -0.43
C LEU A 34 -0.49 4.85 -1.74
N ALA A 35 -1.65 5.43 -1.69
CA ALA A 35 -2.24 6.04 -2.92
C ALA A 35 -1.29 7.13 -3.42
N GLU A 36 -0.45 7.63 -2.57
CA GLU A 36 0.50 8.71 -2.98
C GLU A 36 1.82 8.08 -3.42
N GLN A 37 2.00 6.81 -3.20
CA GLN A 37 3.26 6.15 -3.62
C GLN A 37 3.17 5.77 -5.09
N GLY A 38 4.29 5.55 -5.73
CA GLY A 38 4.28 5.19 -7.16
C GLY A 38 4.87 3.79 -7.34
N ILE A 39 4.52 3.11 -8.40
CA ILE A 39 5.06 1.74 -8.63
C ILE A 39 6.59 1.77 -8.49
N ASP A 40 7.22 2.80 -8.97
CA ASP A 40 8.70 2.89 -8.88
C ASP A 40 9.11 3.10 -7.41
N ASP A 41 8.32 3.82 -6.67
CA ASP A 41 8.67 4.07 -5.24
C ASP A 41 8.56 2.76 -4.45
N LEU A 42 7.54 1.98 -4.72
CA LEU A 42 7.38 0.69 -3.99
C LEU A 42 8.22 -0.39 -4.68
N ALA A 43 8.69 -0.12 -5.86
CA ALA A 43 9.51 -1.14 -6.59
C ALA A 43 10.68 -1.57 -5.70
N ASP A 44 11.14 -0.69 -4.84
CA ASP A 44 12.28 -1.06 -3.95
C ASP A 44 11.87 -2.24 -3.06
N ILE A 45 10.61 -2.38 -2.78
CA ILE A 45 10.15 -3.51 -1.92
C ILE A 45 10.60 -4.84 -2.54
N GLU A 46 10.67 -5.87 -1.75
CA GLU A 46 11.09 -7.19 -2.30
C GLU A 46 9.86 -8.07 -2.50
N GLY A 47 9.76 -8.73 -3.62
CA GLY A 47 8.57 -9.59 -3.88
C GLY A 47 7.49 -8.78 -4.59
N LEU A 48 7.75 -7.52 -4.82
CA LEU A 48 6.74 -6.67 -5.52
C LEU A 48 7.18 -6.42 -6.96
N THR A 49 6.27 -6.55 -7.89
CA THR A 49 6.63 -6.32 -9.32
C THR A 49 5.89 -5.10 -9.84
N ASP A 50 6.25 -4.62 -11.00
CA ASP A 50 5.55 -3.42 -11.56
C ASP A 50 4.05 -3.69 -11.63
N GLU A 51 3.67 -4.89 -12.02
CA GLU A 51 2.22 -5.21 -12.10
C GLU A 51 1.62 -5.25 -10.70
N LYS A 52 2.31 -5.84 -9.76
CA LYS A 52 1.78 -5.91 -8.38
C LYS A 52 1.65 -4.50 -7.82
N ALA A 53 2.64 -3.68 -8.02
CA ALA A 53 2.58 -2.29 -7.50
C ALA A 53 1.43 -1.54 -8.18
N GLY A 54 1.19 -1.84 -9.43
CA GLY A 54 0.08 -1.15 -10.16
C GLY A 54 -1.25 -1.47 -9.48
N ALA A 55 -1.45 -2.69 -9.06
CA ALA A 55 -2.73 -3.05 -8.39
C ALA A 55 -2.71 -2.59 -6.93
N LEU A 56 -1.75 -3.04 -6.17
CA LEU A 56 -1.69 -2.63 -4.74
C LEU A 56 -1.85 -1.11 -4.63
N ILE A 57 -1.00 -0.38 -5.31
CA ILE A 57 -1.10 1.11 -5.26
C ILE A 57 -2.45 1.56 -5.85
N MET A 58 -2.90 0.88 -6.87
CA MET A 58 -4.20 1.26 -7.48
C MET A 58 -5.35 0.83 -6.56
N ALA A 59 -5.17 -0.23 -5.83
CA ALA A 59 -6.24 -0.70 -4.91
C ALA A 59 -6.40 0.32 -3.78
N ALA A 60 -5.33 0.91 -3.34
CA ALA A 60 -5.42 1.91 -2.25
C ALA A 60 -5.94 3.23 -2.84
N ARG A 61 -5.50 3.55 -4.02
CA ARG A 61 -5.96 4.80 -4.67
C ARG A 61 -7.45 4.66 -5.03
N ASN A 62 -7.82 3.54 -5.57
CA ASN A 62 -9.24 3.32 -5.95
C ASN A 62 -10.12 3.41 -4.69
N ILE A 63 -9.64 2.89 -3.59
CA ILE A 63 -10.44 2.94 -2.34
C ILE A 63 -10.30 4.31 -1.69
N CYS A 64 -9.14 4.88 -1.71
CA CYS A 64 -8.95 6.21 -1.08
C CYS A 64 -9.46 7.31 -2.03
N TRP A 65 -9.32 7.12 -3.30
CA TRP A 65 -9.80 8.14 -4.27
C TRP A 65 -11.22 7.80 -4.70
N PHE A 66 -11.37 6.96 -5.69
CA PHE A 66 -12.73 6.58 -6.16
C PHE A 66 -13.57 6.16 -4.96
N GLY A 67 -13.00 5.44 -4.05
CA GLY A 67 -13.75 4.99 -2.85
C GLY A 67 -14.98 4.20 -3.29
N ASP A 68 -16.12 4.47 -2.72
CA ASP A 68 -17.35 3.72 -3.11
C ASP A 68 -17.05 2.22 -3.12
N GLU A 69 -16.23 1.76 -2.21
CA GLU A 69 -15.90 0.31 -2.17
C GLU A 69 -17.17 -0.50 -1.90
N ALA A 70 -18.07 0.03 -1.12
CA ALA A 70 -19.32 -0.70 -0.81
C ALA A 70 -18.99 -2.03 -0.12
N GLY A 1 8.90 -2.18 14.96
CA GLY A 1 7.76 -1.74 14.12
C GLY A 1 7.31 -0.34 14.55
N ASP A 2 8.17 0.62 14.46
CA ASP A 2 7.79 2.01 14.87
C ASP A 2 6.56 2.46 14.08
N ASN A 3 6.48 2.08 12.84
CA ASN A 3 5.30 2.48 12.02
C ASN A 3 4.39 1.26 11.79
N LYS A 4 3.10 1.43 11.95
CA LYS A 4 2.18 0.28 11.74
C LYS A 4 1.20 0.61 10.61
N PRO A 5 0.88 -0.39 9.79
CA PRO A 5 -0.05 -0.22 8.67
C PRO A 5 -1.49 -0.05 9.14
N ALA A 6 -2.26 0.78 8.47
CA ALA A 6 -3.67 0.99 8.89
C ALA A 6 -4.51 -0.23 8.51
N ASP A 7 -5.61 -0.44 9.18
CA ASP A 7 -6.47 -1.62 8.86
C ASP A 7 -6.77 -1.64 7.36
N ASP A 8 -6.92 -0.50 6.76
CA ASP A 8 -7.21 -0.47 5.30
C ASP A 8 -6.07 -1.15 4.54
N LEU A 9 -4.85 -0.87 4.92
CA LEU A 9 -3.69 -1.49 4.24
C LEU A 9 -3.52 -2.93 4.75
N LEU A 10 -3.64 -3.11 6.03
CA LEU A 10 -3.48 -4.47 6.61
C LEU A 10 -4.53 -5.41 6.01
N ASN A 11 -5.76 -4.98 6.01
CA ASN A 11 -6.84 -5.84 5.44
C ASN A 11 -6.79 -5.81 3.91
N LEU A 12 -5.84 -5.11 3.35
CA LEU A 12 -5.75 -5.06 1.87
C LEU A 12 -5.32 -6.43 1.35
N GLU A 13 -6.17 -7.07 0.59
CA GLU A 13 -5.83 -8.43 0.06
C GLU A 13 -4.58 -8.35 -0.83
N GLY A 14 -4.30 -7.21 -1.39
CA GLY A 14 -3.09 -7.09 -2.26
C GLY A 14 -1.84 -6.94 -1.39
N VAL A 15 -2.00 -6.41 -0.20
CA VAL A 15 -0.83 -6.22 0.69
C VAL A 15 -0.81 -7.32 1.75
N ASP A 16 0.26 -8.07 1.82
CA ASP A 16 0.34 -9.15 2.84
C ASP A 16 0.78 -8.54 4.17
N ARG A 17 0.84 -9.32 5.21
CA ARG A 17 1.26 -8.78 6.53
C ARG A 17 2.65 -8.16 6.37
N ASP A 18 3.52 -8.83 5.68
CA ASP A 18 4.90 -8.31 5.49
C ASP A 18 4.83 -6.97 4.75
N LEU A 19 4.17 -6.93 3.62
CA LEU A 19 4.07 -5.64 2.88
C LEU A 19 3.45 -4.61 3.81
N ALA A 20 2.60 -5.06 4.68
CA ALA A 20 1.96 -4.14 5.66
C ALA A 20 3.07 -3.43 6.44
N PHE A 21 4.08 -4.17 6.83
CA PHE A 21 5.20 -3.55 7.58
C PHE A 21 6.13 -2.84 6.60
N LYS A 22 6.35 -3.44 5.47
CA LYS A 22 7.23 -2.80 4.45
C LYS A 22 6.59 -1.49 3.98
N LEU A 23 5.28 -1.48 3.86
CA LEU A 23 4.59 -0.24 3.42
C LEU A 23 4.46 0.71 4.60
N ALA A 24 4.07 0.20 5.75
CA ALA A 24 3.92 1.08 6.94
C ALA A 24 5.31 1.61 7.35
N ALA A 25 6.32 0.81 7.21
CA ALA A 25 7.68 1.26 7.59
C ALA A 25 8.18 2.33 6.61
N ARG A 26 7.58 2.40 5.45
CA ARG A 26 8.02 3.42 4.45
C ARG A 26 7.23 4.71 4.65
N GLY A 27 6.61 4.86 5.79
CA GLY A 27 5.82 6.10 6.05
C GLY A 27 4.37 5.89 5.61
N VAL A 28 4.11 4.78 4.97
CA VAL A 28 2.72 4.50 4.50
C VAL A 28 1.97 3.73 5.59
N CYS A 29 1.63 4.39 6.67
CA CYS A 29 0.90 3.70 7.77
C CYS A 29 -0.59 3.65 7.44
N THR A 30 -1.00 4.34 6.42
CA THR A 30 -2.45 4.31 6.06
C THR A 30 -2.61 4.03 4.57
N LEU A 31 -3.66 3.34 4.20
CA LEU A 31 -3.87 3.03 2.77
C LEU A 31 -3.77 4.31 1.95
N GLU A 32 -4.29 5.39 2.47
CA GLU A 32 -4.22 6.68 1.74
C GLU A 32 -2.75 7.03 1.48
N ASP A 33 -1.90 6.76 2.45
CA ASP A 33 -0.46 7.06 2.26
C ASP A 33 0.06 6.23 1.07
N LEU A 34 -0.48 5.06 0.89
CA LEU A 34 -0.03 4.20 -0.24
C LEU A 34 -0.52 4.81 -1.55
N ALA A 35 -1.65 5.46 -1.52
CA ALA A 35 -2.20 6.08 -2.76
C ALA A 35 -1.21 7.14 -3.25
N GLU A 36 -0.35 7.61 -2.38
CA GLU A 36 0.64 8.63 -2.80
C GLU A 36 1.93 7.95 -3.25
N GLN A 37 2.03 6.66 -3.05
CA GLN A 37 3.28 5.95 -3.47
C GLN A 37 3.15 5.55 -4.94
N GLY A 38 4.24 5.26 -5.57
CA GLY A 38 4.19 4.86 -7.01
C GLY A 38 4.86 3.51 -7.18
N ILE A 39 4.63 2.84 -8.28
CA ILE A 39 5.25 1.51 -8.51
C ILE A 39 6.75 1.60 -8.23
N ASP A 40 7.37 2.69 -8.59
CA ASP A 40 8.83 2.83 -8.35
C ASP A 40 9.10 2.97 -6.85
N ASP A 41 8.25 3.66 -6.15
CA ASP A 41 8.46 3.83 -4.68
C ASP A 41 8.42 2.46 -4.01
N LEU A 42 7.45 1.65 -4.34
CA LEU A 42 7.35 0.30 -3.72
C LEU A 42 8.24 -0.68 -4.49
N ALA A 43 8.73 -0.27 -5.63
CA ALA A 43 9.59 -1.18 -6.44
C ALA A 43 10.75 -1.69 -5.58
N ASP A 44 11.23 -0.88 -4.69
CA ASP A 44 12.36 -1.33 -3.82
C ASP A 44 11.95 -2.57 -3.03
N ILE A 45 10.68 -2.73 -2.79
CA ILE A 45 10.22 -3.92 -2.03
C ILE A 45 10.63 -5.19 -2.77
N GLU A 46 10.73 -6.29 -2.07
CA GLU A 46 11.13 -7.57 -2.72
C GLU A 46 9.87 -8.39 -3.04
N GLY A 47 9.76 -8.91 -4.23
CA GLY A 47 8.56 -9.71 -4.58
C GLY A 47 7.51 -8.80 -5.20
N LEU A 48 7.87 -7.58 -5.50
CA LEU A 48 6.89 -6.64 -6.11
C LEU A 48 7.25 -6.40 -7.57
N THR A 49 6.28 -6.32 -8.43
CA THR A 49 6.57 -6.09 -9.88
C THR A 49 5.81 -4.88 -10.37
N ASP A 50 6.13 -4.40 -11.55
CA ASP A 50 5.41 -3.21 -12.09
C ASP A 50 3.90 -3.49 -12.13
N GLU A 51 3.53 -4.70 -12.44
CA GLU A 51 2.08 -5.04 -12.49
C GLU A 51 1.55 -5.17 -11.06
N LYS A 52 2.16 -5.99 -10.25
CA LYS A 52 1.69 -6.15 -8.86
C LYS A 52 1.79 -4.81 -8.13
N ALA A 53 2.81 -4.06 -8.40
CA ALA A 53 2.96 -2.72 -7.74
C ALA A 53 1.72 -1.88 -8.04
N GLY A 54 1.25 -1.95 -9.26
CA GLY A 54 0.03 -1.16 -9.62
C GLY A 54 -1.15 -1.68 -8.82
N ALA A 55 -1.66 -2.84 -9.18
CA ALA A 55 -2.83 -3.41 -8.45
C ALA A 55 -2.67 -3.15 -6.94
N LEU A 56 -1.46 -3.22 -6.44
CA LEU A 56 -1.25 -2.97 -4.98
C LEU A 56 -1.58 -1.51 -4.65
N ILE A 57 -0.81 -0.59 -5.18
CA ILE A 57 -1.08 0.84 -4.90
C ILE A 57 -2.41 1.25 -5.55
N MET A 58 -2.73 0.65 -6.67
CA MET A 58 -3.99 0.99 -7.36
C MET A 58 -5.18 0.66 -6.45
N ALA A 59 -5.07 -0.38 -5.68
CA ALA A 59 -6.20 -0.76 -4.77
C ALA A 59 -6.35 0.31 -3.69
N ALA A 60 -5.27 0.88 -3.25
CA ALA A 60 -5.35 1.93 -2.20
C ALA A 60 -5.83 3.23 -2.84
N ARG A 61 -5.35 3.53 -4.01
CA ARG A 61 -5.78 4.78 -4.69
C ARG A 61 -7.24 4.63 -5.12
N ASN A 62 -7.59 3.49 -5.66
CA ASN A 62 -9.00 3.27 -6.09
C ASN A 62 -9.92 3.40 -4.87
N ILE A 63 -9.49 2.92 -3.73
CA ILE A 63 -10.34 3.01 -2.52
C ILE A 63 -10.17 4.37 -1.84
N CYS A 64 -8.97 4.86 -1.77
CA CYS A 64 -8.75 6.19 -1.12
C CYS A 64 -9.17 7.32 -2.05
N TRP A 65 -8.89 7.19 -3.32
CA TRP A 65 -9.27 8.26 -4.28
C TRP A 65 -10.63 7.93 -4.89
N PHE A 66 -10.65 7.13 -5.92
CA PHE A 66 -11.95 6.77 -6.55
C PHE A 66 -12.98 6.46 -5.46
N GLY A 67 -12.56 5.75 -4.45
CA GLY A 67 -13.51 5.42 -3.34
C GLY A 67 -13.63 6.62 -2.41
N ASP A 68 -14.83 6.99 -2.06
CA ASP A 68 -15.02 8.15 -1.16
C ASP A 68 -15.19 7.65 0.28
N GLU A 69 -15.02 6.38 0.50
CA GLU A 69 -15.17 5.84 1.88
C GLU A 69 -14.13 6.48 2.80
N ALA A 70 -12.97 6.78 2.28
CA ALA A 70 -11.91 7.40 3.12
C ALA A 70 -12.11 8.91 3.16
N GLY A 1 10.60 -1.22 12.25
CA GLY A 1 9.13 -1.11 11.98
C GLY A 1 8.50 -0.16 13.00
N ASP A 2 9.12 0.96 13.24
CA ASP A 2 8.56 1.94 14.22
C ASP A 2 7.15 2.32 13.79
N ASN A 3 6.91 2.40 12.51
CA ASN A 3 5.55 2.79 12.02
C ASN A 3 4.73 1.51 11.76
N LYS A 4 3.46 1.56 12.04
CA LYS A 4 2.60 0.36 11.81
C LYS A 4 1.66 0.63 10.64
N PRO A 5 1.29 -0.43 9.91
CA PRO A 5 0.40 -0.32 8.75
C PRO A 5 -1.05 -0.06 9.18
N ALA A 6 -1.79 0.69 8.40
CA ALA A 6 -3.20 0.98 8.76
C ALA A 6 -4.05 -0.26 8.45
N ASP A 7 -5.10 -0.48 9.20
CA ASP A 7 -5.96 -1.66 8.95
C ASP A 7 -6.37 -1.70 7.48
N ASP A 8 -6.52 -0.56 6.85
CA ASP A 8 -6.92 -0.54 5.42
C ASP A 8 -5.86 -1.30 4.60
N LEU A 9 -4.62 -1.07 4.90
CA LEU A 9 -3.53 -1.78 4.16
C LEU A 9 -3.39 -3.19 4.72
N LEU A 10 -3.26 -3.30 6.01
CA LEU A 10 -3.13 -4.64 6.64
C LEU A 10 -4.22 -5.55 6.09
N ASN A 11 -5.43 -5.07 6.03
CA ASN A 11 -6.55 -5.90 5.51
C ASN A 11 -6.57 -5.83 3.98
N LEU A 12 -5.66 -5.11 3.39
CA LEU A 12 -5.63 -5.00 1.90
C LEU A 12 -5.27 -6.35 1.29
N GLU A 13 -6.07 -6.83 0.37
CA GLU A 13 -5.79 -8.14 -0.27
C GLU A 13 -4.44 -8.10 -0.98
N GLY A 14 -4.01 -6.95 -1.41
CA GLY A 14 -2.70 -6.85 -2.11
C GLY A 14 -1.60 -6.67 -1.06
N VAL A 15 -1.97 -6.54 0.19
CA VAL A 15 -0.93 -6.36 1.25
C VAL A 15 -1.08 -7.43 2.32
N ASP A 16 -0.09 -8.26 2.47
CA ASP A 16 -0.17 -9.33 3.52
C ASP A 16 0.22 -8.72 4.86
N ARG A 17 0.10 -9.47 5.92
CA ARG A 17 0.47 -8.92 7.24
C ARG A 17 1.92 -8.44 7.20
N ASP A 18 2.79 -9.24 6.62
CA ASP A 18 4.22 -8.85 6.53
C ASP A 18 4.39 -7.64 5.59
N LEU A 19 3.75 -7.68 4.45
CA LEU A 19 3.89 -6.54 3.50
C LEU A 19 3.42 -5.25 4.19
N ALA A 20 2.47 -5.35 5.06
CA ALA A 20 1.97 -4.14 5.76
C ALA A 20 3.12 -3.52 6.57
N PHE A 21 4.02 -4.33 7.04
CA PHE A 21 5.16 -3.79 7.83
C PHE A 21 6.18 -3.14 6.89
N LYS A 22 6.62 -3.86 5.89
CA LYS A 22 7.59 -3.27 4.93
C LYS A 22 6.98 -2.00 4.33
N LEU A 23 5.69 -2.02 4.08
CA LEU A 23 5.02 -0.83 3.51
C LEU A 23 4.85 0.22 4.62
N ALA A 24 4.45 -0.19 5.78
CA ALA A 24 4.29 0.78 6.89
C ALA A 24 5.65 1.32 7.30
N ALA A 25 6.67 0.50 7.22
CA ALA A 25 8.04 0.96 7.58
C ALA A 25 8.54 1.90 6.48
N ARG A 26 7.82 2.01 5.41
CA ARG A 26 8.26 2.89 4.30
C ARG A 26 7.59 4.27 4.45
N GLY A 27 7.04 4.55 5.60
CA GLY A 27 6.38 5.87 5.81
C GLY A 27 4.91 5.76 5.40
N VAL A 28 4.56 4.74 4.68
CA VAL A 28 3.15 4.58 4.24
C VAL A 28 2.38 3.79 5.31
N CYS A 29 2.05 4.42 6.40
CA CYS A 29 1.33 3.70 7.49
C CYS A 29 -0.17 3.64 7.17
N THR A 30 -0.63 4.37 6.20
CA THR A 30 -2.08 4.33 5.87
C THR A 30 -2.28 3.97 4.40
N LEU A 31 -3.39 3.35 4.08
CA LEU A 31 -3.65 2.97 2.67
C LEU A 31 -3.57 4.23 1.80
N GLU A 32 -4.05 5.33 2.30
CA GLU A 32 -3.99 6.60 1.51
C GLU A 32 -2.53 6.92 1.21
N ASP A 33 -1.68 6.77 2.19
CA ASP A 33 -0.23 7.05 1.96
C ASP A 33 0.24 6.22 0.77
N LEU A 34 -0.24 5.01 0.66
CA LEU A 34 0.16 4.15 -0.49
C LEU A 34 -0.42 4.72 -1.78
N ALA A 35 -1.65 5.14 -1.76
CA ALA A 35 -2.27 5.70 -2.98
C ALA A 35 -1.40 6.84 -3.52
N GLU A 36 -0.61 7.44 -2.68
CA GLU A 36 0.26 8.56 -3.14
C GLU A 36 1.61 8.01 -3.59
N GLN A 37 1.88 6.75 -3.34
CA GLN A 37 3.19 6.18 -3.76
C GLN A 37 3.12 5.79 -5.23
N GLY A 38 4.26 5.66 -5.86
CA GLY A 38 4.27 5.27 -7.29
C GLY A 38 4.94 3.91 -7.45
N ILE A 39 4.76 3.27 -8.57
CA ILE A 39 5.38 1.93 -8.78
C ILE A 39 6.87 1.99 -8.47
N ASP A 40 7.51 3.07 -8.83
CA ASP A 40 8.97 3.20 -8.58
C ASP A 40 9.22 3.38 -7.08
N ASP A 41 8.35 4.08 -6.40
CA ASP A 41 8.55 4.28 -4.93
C ASP A 41 8.41 2.95 -4.21
N LEU A 42 7.42 2.17 -4.56
CA LEU A 42 7.23 0.86 -3.88
C LEU A 42 8.11 -0.20 -4.56
N ALA A 43 8.63 0.10 -5.72
CA ALA A 43 9.50 -0.88 -6.42
C ALA A 43 10.57 -1.39 -5.46
N ASP A 44 11.00 -0.57 -4.55
CA ASP A 44 12.04 -1.01 -3.58
C ASP A 44 11.51 -2.19 -2.76
N ILE A 45 10.22 -2.24 -2.54
CA ILE A 45 9.65 -3.36 -1.75
C ILE A 45 9.99 -4.69 -2.42
N GLU A 46 10.01 -5.75 -1.66
CA GLU A 46 10.35 -7.07 -2.24
C GLU A 46 9.07 -7.91 -2.39
N GLY A 47 8.98 -8.69 -3.43
CA GLY A 47 7.76 -9.52 -3.62
C GLY A 47 6.75 -8.74 -4.47
N LEU A 48 7.07 -7.54 -4.84
CA LEU A 48 6.12 -6.74 -5.67
C LEU A 48 6.73 -6.49 -7.05
N THR A 49 5.96 -6.66 -8.09
CA THR A 49 6.49 -6.44 -9.45
C THR A 49 5.93 -5.13 -10.02
N ASP A 50 6.34 -4.76 -11.20
CA ASP A 50 5.83 -3.49 -11.80
C ASP A 50 4.32 -3.61 -11.99
N GLU A 51 3.82 -4.77 -12.29
CA GLU A 51 2.36 -4.95 -12.49
C GLU A 51 1.65 -4.94 -11.14
N LYS A 52 2.20 -5.61 -10.16
CA LYS A 52 1.56 -5.63 -8.82
C LYS A 52 1.63 -4.23 -8.21
N ALA A 53 2.72 -3.54 -8.40
CA ALA A 53 2.84 -2.17 -7.85
C ALA A 53 1.79 -1.25 -8.48
N GLY A 54 1.60 -1.35 -9.76
CA GLY A 54 0.59 -0.49 -10.45
C GLY A 54 -0.81 -0.89 -9.97
N ALA A 55 -1.01 -2.16 -9.72
CA ALA A 55 -2.36 -2.61 -9.25
C ALA A 55 -2.48 -2.33 -7.75
N LEU A 56 -1.59 -2.90 -6.97
CA LEU A 56 -1.64 -2.67 -5.50
C LEU A 56 -1.83 -1.17 -5.23
N ILE A 57 -0.95 -0.36 -5.75
CA ILE A 57 -1.09 1.10 -5.54
C ILE A 57 -2.45 1.56 -6.05
N MET A 58 -2.88 1.02 -7.16
CA MET A 58 -4.20 1.42 -7.72
C MET A 58 -5.30 0.84 -6.82
N ALA A 59 -5.02 -0.25 -6.16
CA ALA A 59 -6.06 -0.85 -5.27
C ALA A 59 -6.30 0.11 -4.10
N ALA A 60 -5.26 0.69 -3.58
CA ALA A 60 -5.43 1.66 -2.46
C ALA A 60 -5.99 2.96 -3.02
N ARG A 61 -5.58 3.33 -4.20
CA ARG A 61 -6.09 4.59 -4.82
C ARG A 61 -7.58 4.41 -5.12
N ASN A 62 -7.94 3.28 -5.65
CA ASN A 62 -9.37 3.04 -5.98
C ASN A 62 -10.20 3.05 -4.69
N ILE A 63 -9.64 2.59 -3.62
CA ILE A 63 -10.40 2.56 -2.33
C ILE A 63 -10.32 3.94 -1.66
N CYS A 64 -9.18 4.55 -1.67
CA CYS A 64 -9.05 5.89 -1.02
C CYS A 64 -9.64 6.97 -1.94
N TRP A 65 -9.60 6.76 -3.21
CA TRP A 65 -10.17 7.77 -4.16
C TRP A 65 -11.58 7.35 -4.56
N PHE A 66 -11.68 6.50 -5.54
CA PHE A 66 -13.02 6.05 -6.01
C PHE A 66 -13.81 5.53 -4.81
N GLY A 67 -13.16 4.84 -3.91
CA GLY A 67 -13.86 4.30 -2.72
C GLY A 67 -14.49 5.44 -1.94
N ASP A 68 -15.77 5.38 -1.70
CA ASP A 68 -16.45 6.46 -0.94
C ASP A 68 -15.96 6.43 0.50
N GLU A 69 -15.67 5.27 1.02
CA GLU A 69 -15.19 5.18 2.43
C GLU A 69 -13.87 5.93 2.56
N ALA A 70 -13.07 5.93 1.54
CA ALA A 70 -11.76 6.65 1.60
C ALA A 70 -10.91 6.05 2.73
N GLY A 1 4.61 -0.36 15.52
CA GLY A 1 4.44 0.74 16.50
C GLY A 1 3.71 1.91 15.83
N ASP A 2 4.22 3.10 16.00
CA ASP A 2 3.55 4.29 15.38
C ASP A 2 3.63 4.17 13.86
N ASN A 3 4.61 3.46 13.35
CA ASN A 3 4.74 3.31 11.88
C ASN A 3 4.00 2.04 11.43
N LYS A 4 3.20 1.47 12.29
CA LYS A 4 2.46 0.24 11.91
C LYS A 4 1.48 0.56 10.79
N PRO A 5 1.19 -0.44 9.94
CA PRO A 5 0.27 -0.27 8.80
C PRO A 5 -1.19 -0.14 9.26
N ALA A 6 -1.97 0.65 8.56
CA ALA A 6 -3.39 0.83 8.96
C ALA A 6 -4.20 -0.40 8.54
N ASP A 7 -5.29 -0.67 9.22
CA ASP A 7 -6.12 -1.85 8.87
C ASP A 7 -6.55 -1.78 7.40
N ASP A 8 -6.71 -0.60 6.87
CA ASP A 8 -7.13 -0.48 5.44
C ASP A 8 -6.10 -1.17 4.56
N LEU A 9 -4.85 -1.00 4.85
CA LEU A 9 -3.79 -1.65 4.04
C LEU A 9 -3.70 -3.13 4.41
N LEU A 10 -3.60 -3.41 5.66
CA LEU A 10 -3.52 -4.83 6.12
C LEU A 10 -4.70 -5.63 5.56
N ASN A 11 -5.87 -5.08 5.61
CA ASN A 11 -7.06 -5.81 5.10
C ASN A 11 -7.20 -5.60 3.59
N LEU A 12 -6.30 -4.87 3.00
CA LEU A 12 -6.39 -4.65 1.52
C LEU A 12 -5.84 -5.88 0.79
N GLU A 13 -6.61 -6.44 -0.08
CA GLU A 13 -6.13 -7.64 -0.84
C GLU A 13 -4.85 -7.30 -1.58
N GLY A 14 -3.89 -8.19 -1.57
CA GLY A 14 -2.61 -7.92 -2.27
C GLY A 14 -1.58 -7.45 -1.24
N VAL A 15 -2.04 -7.07 -0.07
CA VAL A 15 -1.09 -6.61 0.98
C VAL A 15 -1.28 -7.46 2.24
N ASP A 16 -0.32 -8.27 2.58
CA ASP A 16 -0.45 -9.13 3.79
C ASP A 16 0.10 -8.37 5.00
N ARG A 17 -0.10 -8.91 6.18
CA ARG A 17 0.42 -8.22 7.40
C ARG A 17 1.93 -7.99 7.25
N ASP A 18 2.60 -8.93 6.65
CA ASP A 18 4.08 -8.78 6.47
C ASP A 18 4.37 -7.62 5.52
N LEU A 19 3.79 -7.64 4.34
CA LEU A 19 4.04 -6.52 3.38
C LEU A 19 3.60 -5.21 4.02
N ALA A 20 2.65 -5.27 4.91
CA ALA A 20 2.17 -4.04 5.58
C ALA A 20 3.32 -3.46 6.42
N PHE A 21 4.19 -4.30 6.91
CA PHE A 21 5.32 -3.80 7.73
C PHE A 21 6.34 -3.13 6.80
N LYS A 22 6.67 -3.77 5.71
CA LYS A 22 7.64 -3.17 4.75
C LYS A 22 7.04 -1.88 4.19
N LEU A 23 5.75 -1.82 4.09
CA LEU A 23 5.08 -0.60 3.55
C LEU A 23 4.88 0.40 4.69
N ALA A 24 4.47 -0.06 5.84
CA ALA A 24 4.26 0.87 6.98
C ALA A 24 5.61 1.39 7.48
N ALA A 25 6.63 0.59 7.37
CA ALA A 25 7.98 1.05 7.84
C ALA A 25 8.51 2.13 6.89
N ARG A 26 7.79 2.41 5.84
CA ARG A 26 8.23 3.46 4.88
C ARG A 26 7.45 4.75 5.13
N GLY A 27 6.82 4.86 6.27
CA GLY A 27 6.03 6.09 6.56
C GLY A 27 4.60 5.90 6.06
N VAL A 28 4.41 4.96 5.17
CA VAL A 28 3.04 4.71 4.63
C VAL A 28 2.26 3.86 5.65
N CYS A 29 1.94 4.42 6.78
CA CYS A 29 1.20 3.64 7.81
C CYS A 29 -0.29 3.60 7.47
N THR A 30 -0.73 4.34 6.49
CA THR A 30 -2.17 4.32 6.14
C THR A 30 -2.35 4.00 4.66
N LEU A 31 -3.45 3.41 4.30
CA LEU A 31 -3.68 3.08 2.87
C LEU A 31 -3.58 4.36 2.04
N GLU A 32 -4.08 5.45 2.57
CA GLU A 32 -4.01 6.74 1.83
C GLU A 32 -2.54 7.06 1.56
N ASP A 33 -1.69 6.80 2.51
CA ASP A 33 -0.25 7.08 2.32
C ASP A 33 0.27 6.22 1.16
N LEU A 34 -0.26 5.03 1.02
CA LEU A 34 0.20 4.15 -0.10
C LEU A 34 -0.35 4.68 -1.42
N ALA A 35 -1.53 5.23 -1.40
CA ALA A 35 -2.13 5.79 -2.65
C ALA A 35 -1.19 6.87 -3.20
N GLU A 36 -0.43 7.50 -2.34
CA GLU A 36 0.50 8.56 -2.81
C GLU A 36 1.80 7.92 -3.30
N GLN A 37 1.98 6.65 -3.09
CA GLN A 37 3.23 5.99 -3.56
C GLN A 37 3.12 5.70 -5.05
N GLY A 38 4.23 5.50 -5.70
CA GLY A 38 4.19 5.20 -7.16
C GLY A 38 4.81 3.83 -7.42
N ILE A 39 4.51 3.23 -8.54
CA ILE A 39 5.08 1.89 -8.85
C ILE A 39 6.62 1.95 -8.73
N ASP A 40 7.21 3.03 -9.15
CA ASP A 40 8.69 3.15 -9.07
C ASP A 40 9.12 3.21 -7.61
N ASP A 41 8.37 3.86 -6.77
CA ASP A 41 8.75 3.95 -5.33
C ASP A 41 8.61 2.56 -4.69
N LEU A 42 7.53 1.89 -4.94
CA LEU A 42 7.35 0.53 -4.34
C LEU A 42 8.27 -0.47 -5.02
N ALA A 43 8.62 -0.21 -6.25
CA ALA A 43 9.52 -1.14 -6.98
C ALA A 43 10.75 -1.45 -6.13
N ASP A 44 11.18 -0.51 -5.34
CA ASP A 44 12.38 -0.74 -4.47
C ASP A 44 12.08 -1.86 -3.48
N ILE A 45 10.83 -2.07 -3.17
CA ILE A 45 10.47 -3.15 -2.21
C ILE A 45 10.83 -4.51 -2.81
N GLU A 46 10.91 -5.52 -2.00
CA GLU A 46 11.24 -6.88 -2.51
C GLU A 46 9.98 -7.74 -2.59
N GLY A 47 9.83 -8.51 -3.64
CA GLY A 47 8.63 -9.36 -3.76
C GLY A 47 7.52 -8.59 -4.50
N LEU A 48 7.78 -7.36 -4.85
CA LEU A 48 6.75 -6.57 -5.57
C LEU A 48 7.13 -6.43 -7.04
N THR A 49 6.21 -6.62 -7.93
CA THR A 49 6.53 -6.50 -9.39
C THR A 49 5.88 -5.24 -9.95
N ASP A 50 6.20 -4.89 -11.17
CA ASP A 50 5.59 -3.68 -11.77
C ASP A 50 4.08 -3.86 -11.88
N GLU A 51 3.64 -5.01 -12.32
CA GLU A 51 2.18 -5.25 -12.44
C GLU A 51 1.54 -5.25 -11.05
N LYS A 52 2.17 -5.90 -10.09
CA LYS A 52 1.60 -5.93 -8.72
C LYS A 52 1.55 -4.50 -8.16
N ALA A 53 2.61 -3.77 -8.32
CA ALA A 53 2.63 -2.37 -7.80
C ALA A 53 1.52 -1.56 -8.46
N GLY A 54 1.27 -1.79 -9.73
CA GLY A 54 0.19 -1.05 -10.43
C GLY A 54 -1.16 -1.38 -9.80
N ALA A 55 -1.39 -2.62 -9.47
CA ALA A 55 -2.68 -3.00 -8.85
C ALA A 55 -2.65 -2.67 -7.35
N LEU A 56 -1.64 -3.12 -6.66
CA LEU A 56 -1.56 -2.83 -5.20
C LEU A 56 -1.74 -1.34 -4.98
N ILE A 57 -0.94 -0.53 -5.61
CA ILE A 57 -1.06 0.95 -5.43
C ILE A 57 -2.40 1.41 -6.00
N MET A 58 -2.85 0.83 -7.07
CA MET A 58 -4.14 1.24 -7.68
C MET A 58 -5.29 0.76 -6.80
N ALA A 59 -5.12 -0.37 -6.14
CA ALA A 59 -6.21 -0.88 -5.27
C ALA A 59 -6.40 0.06 -4.09
N ALA A 60 -5.33 0.55 -3.53
CA ALA A 60 -5.43 1.48 -2.38
C ALA A 60 -5.90 2.85 -2.88
N ARG A 61 -5.38 3.28 -4.00
CA ARG A 61 -5.80 4.61 -4.55
C ARG A 61 -7.28 4.53 -4.94
N ASN A 62 -7.67 3.46 -5.57
CA ASN A 62 -9.10 3.32 -5.99
C ASN A 62 -9.99 3.36 -4.75
N ILE A 63 -9.57 2.76 -3.68
CA ILE A 63 -10.40 2.76 -2.44
C ILE A 63 -10.27 4.11 -1.73
N CYS A 64 -9.09 4.68 -1.73
CA CYS A 64 -8.90 5.99 -1.05
C CYS A 64 -9.40 7.12 -1.96
N TRP A 65 -9.32 6.94 -3.25
CA TRP A 65 -9.78 8.00 -4.18
C TRP A 65 -11.15 7.61 -4.76
N PHE A 66 -11.16 6.82 -5.79
CA PHE A 66 -12.45 6.41 -6.41
C PHE A 66 -13.42 5.98 -5.30
N GLY A 67 -12.93 5.32 -4.29
CA GLY A 67 -13.81 4.88 -3.17
C GLY A 67 -14.73 6.03 -2.75
N ASP A 68 -14.20 7.22 -2.66
CA ASP A 68 -15.04 8.38 -2.26
C ASP A 68 -16.17 8.57 -3.27
N GLU A 69 -15.91 8.30 -4.53
CA GLU A 69 -16.97 8.47 -5.56
C GLU A 69 -17.95 7.31 -5.48
N ALA A 70 -19.21 7.57 -5.66
CA ALA A 70 -20.22 6.49 -5.59
C ALA A 70 -20.21 5.70 -6.90
#